data_5DSC
#
_entry.id   5DSC
#
_cell.length_a   69.082
_cell.length_b   167.945
_cell.length_c   84.927
_cell.angle_alpha   90.000
_cell.angle_beta   99.680
_cell.angle_gamma   90.000
#
_symmetry.space_group_name_H-M   'P 1 21 1'
#
loop_
_entity.id
_entity.type
_entity.pdbx_description
1 polymer 'Fab Hpu24.B Heavy Chain'
2 polymer 'Fab Hou24.B Light Chain'
3 polymer 'Peptide: GLY-HPU-GLY-SER-GLY'
4 water water
#
loop_
_entity_poly.entity_id
_entity_poly.type
_entity_poly.pdbx_seq_one_letter_code
_entity_poly.pdbx_strand_id
1 'polypeptide(L)'
;(PCA)EQLKESGGRLVAPGTPLTLTCTVSGFDISDYAMIWVRQAPGKGLEWIGIIYGVINDLAYAKWAKGRFTISRTSTT
VDLKITSPTTEDTATYFCARGYGSMDGYDRLNLWGQGTLVTVSSGQPKGPSVFPLAPCCGDTPSSTVTLGCLVKGYLPEP
VTVTWNSGTLTNGVRTFPSVRQSSGLYSLSSVVSVTSSSQPVTCNVAHPATNTKVDKTVAPSTCSKPT
;
A,C,E,H
2 'polypeptide(L)'
;AAVLTQTPSPVSAAVGGTVTISCRSRQRVYLGDWLSWFQKKPGQPPKLLIYDASFRGDGVSSRFSGSGSGTHFTLTISGV
QCDDAATYYCLGGYYDDADDTFGGGTEVVVKGDPVAPTVLIFPPAADQVATGTVTIVCVANKYFPDVTVTWEVDGTTQTT
GIENSKTPQNSADCTYNLSSTLTLTSTQYNSHKEYTCKVTQGTTSVVQSFNRGDC
;
B,D,F,L
3 'polypeptide(L)' G(5CT)GSG P,Q,M,N
#
# COMPACT_ATOMS: atom_id res chain seq x y z
N GLU A 2 10.90 23.13 46.38
CA GLU A 2 10.40 21.82 45.97
C GLU A 2 11.31 21.19 44.91
N GLN A 3 11.85 20.02 45.23
CA GLN A 3 12.78 19.38 44.31
C GLN A 3 12.77 17.85 44.42
N LEU A 4 12.98 17.19 43.27
CA LEU A 4 13.12 15.75 43.20
C LEU A 4 14.51 15.42 42.68
N LYS A 5 15.18 14.47 43.32
CA LYS A 5 16.48 14.01 42.83
C LYS A 5 16.55 12.49 42.72
N GLU A 6 16.73 12.00 41.50
CA GLU A 6 16.91 10.57 41.28
C GLU A 6 18.36 10.16 41.58
N SER A 7 18.55 8.91 41.98
CA SER A 7 19.88 8.36 42.16
C SER A 7 19.81 6.84 42.08
N GLY A 8 20.97 6.21 41.87
CA GLY A 8 21.04 4.76 41.84
C GLY A 8 21.38 4.18 40.48
N GLY A 9 21.27 4.98 39.44
CA GLY A 9 21.55 4.50 38.11
C GLY A 9 23.00 4.09 37.99
N ARG A 10 23.24 2.99 37.28
CA ARG A 10 24.59 2.49 37.07
C ARG A 10 24.58 1.33 36.09
N LEU A 11 25.76 0.79 35.82
CA LEU A 11 25.89 -0.36 34.92
C LEU A 11 25.63 -1.65 35.69
N VAL A 12 24.62 -2.42 35.25
CA VAL A 12 24.35 -3.72 35.86
C VAL A 12 24.26 -4.85 34.83
N ALA A 13 24.73 -6.03 35.24
CA ALA A 13 24.59 -7.23 34.43
C ALA A 13 23.12 -7.66 34.45
N PRO A 14 22.65 -8.27 33.34
CA PRO A 14 21.26 -8.74 33.29
C PRO A 14 20.94 -9.71 34.41
N GLY A 15 19.74 -9.59 34.99
CA GLY A 15 19.33 -10.47 36.07
C GLY A 15 19.72 -9.96 37.44
N THR A 16 20.70 -9.07 37.48
CA THR A 16 21.17 -8.50 38.74
C THR A 16 20.26 -7.36 39.17
N PRO A 17 19.56 -7.55 40.30
CA PRO A 17 18.59 -6.56 40.82
C PRO A 17 19.20 -5.18 41.06
N LEU A 18 18.42 -4.14 40.82
CA LEU A 18 18.87 -2.77 40.96
C LEU A 18 17.76 -1.91 41.55
N THR A 19 18.08 -1.10 42.54
CA THR A 19 17.08 -0.20 43.11
C THR A 19 17.40 1.27 42.84
N LEU A 20 16.45 1.98 42.25
CA LEU A 20 16.60 3.40 42.01
C LEU A 20 15.88 4.17 43.10
N THR A 21 16.41 5.34 43.44
CA THR A 21 15.84 6.13 44.52
C THR A 21 15.48 7.55 44.08
N CYS A 22 14.31 8.01 44.51
CA CYS A 22 13.92 9.39 44.28
C CYS A 22 13.82 10.08 45.64
N THR A 23 14.68 11.08 45.87
CA THR A 23 14.67 11.77 47.15
C THR A 23 13.94 13.11 47.03
N VAL A 24 13.08 13.38 48.02
CA VAL A 24 12.18 14.53 48.00
C VAL A 24 12.63 15.63 48.96
N SER A 25 12.47 16.89 48.55
CA SER A 25 12.68 18.02 49.43
C SER A 25 11.73 19.17 49.10
N GLY A 26 11.38 19.95 50.12
CA GLY A 26 10.54 21.12 49.92
C GLY A 26 9.05 20.84 50.03
N PHE A 27 8.70 19.56 50.12
CA PHE A 27 7.30 19.19 50.29
C PHE A 27 7.23 17.82 50.96
N ASP A 28 6.02 17.39 51.29
CA ASP A 28 5.82 16.11 51.96
C ASP A 28 5.15 15.11 51.00
N ILE A 29 5.74 13.93 50.90
CA ILE A 29 5.20 12.86 50.06
C ILE A 29 3.76 12.48 50.44
N SER A 30 3.45 12.58 51.73
CA SER A 30 2.15 12.15 52.24
C SER A 30 1.01 13.09 51.83
N ASP A 31 1.34 14.14 51.08
CA ASP A 31 0.32 15.05 50.58
C ASP A 31 0.13 14.89 49.07
N TYR A 32 0.89 13.99 48.47
CA TYR A 32 0.87 13.83 47.02
C TYR A 32 0.91 12.36 46.59
N ALA A 33 1.28 12.16 45.33
CA ALA A 33 1.56 10.83 44.80
C ALA A 33 2.85 10.90 44.00
N MET A 34 3.59 9.80 43.95
CA MET A 34 4.86 9.77 43.24
C MET A 34 4.79 8.76 42.11
N ILE A 35 5.34 9.13 40.96
CA ILE A 35 5.17 8.36 39.73
C ILE A 35 6.54 8.06 39.11
N TRP A 36 6.73 6.83 38.65
CA TRP A 36 7.93 6.50 37.89
C TRP A 36 7.65 6.42 36.39
N VAL A 37 8.55 7.01 35.61
CA VAL A 37 8.48 7.07 34.16
C VAL A 37 9.89 6.75 33.64
N ARG A 38 10.00 6.12 32.47
CA ARG A 38 11.31 5.92 31.88
C ARG A 38 11.37 6.24 30.38
N GLN A 39 12.58 6.36 29.87
CA GLN A 39 12.79 6.54 28.44
C GLN A 39 14.07 5.83 27.99
N ALA A 40 13.90 4.76 27.22
CA ALA A 40 15.03 4.07 26.61
C ALA A 40 15.61 4.97 25.51
N PRO A 41 16.92 4.83 25.22
CA PRO A 41 17.54 5.72 24.23
C PRO A 41 16.85 5.64 22.88
N GLY A 42 16.53 6.81 22.31
CA GLY A 42 15.86 6.88 21.03
C GLY A 42 14.38 6.50 21.01
N LYS A 43 13.76 6.36 22.18
CA LYS A 43 12.34 6.01 22.24
C LYS A 43 11.50 6.99 23.04
N GLY A 44 10.24 6.62 23.26
CA GLY A 44 9.28 7.53 23.86
C GLY A 44 9.15 7.37 25.37
N LEU A 45 8.41 8.28 25.99
CA LEU A 45 8.16 8.20 27.43
C LEU A 45 7.28 7.00 27.74
N GLU A 46 7.57 6.34 28.85
CA GLU A 46 6.84 5.14 29.21
C GLU A 46 6.46 5.15 30.68
N TRP A 47 5.15 5.14 30.93
CA TRP A 47 4.61 5.14 32.30
C TRP A 47 4.86 3.79 32.99
N ILE A 48 5.41 3.83 34.20
CA ILE A 48 5.81 2.59 34.88
C ILE A 48 4.93 2.23 36.09
N GLY A 49 4.69 3.20 36.96
CA GLY A 49 3.90 2.94 38.14
C GLY A 49 3.76 4.14 39.04
N ILE A 50 2.90 4.00 40.04
CA ILE A 50 2.61 5.08 40.97
C ILE A 50 2.51 4.55 42.40
N ILE A 51 2.94 5.36 43.36
CA ILE A 51 2.69 5.09 44.76
C ILE A 51 2.13 6.36 45.40
N TYR A 52 1.03 6.22 46.14
CA TYR A 52 0.39 7.37 46.76
C TYR A 52 0.89 7.63 48.17
N GLY A 53 0.91 8.89 48.57
CA GLY A 53 1.21 9.26 49.94
C GLY A 53 -0.02 9.77 50.65
N VAL A 54 -0.82 10.56 49.95
CA VAL A 54 -2.03 11.17 50.52
C VAL A 54 -3.07 10.13 50.88
N ILE A 55 -3.19 9.09 50.06
CA ILE A 55 -3.95 7.91 50.40
C ILE A 55 -2.97 6.76 50.32
N ASN A 56 -3.39 5.56 50.69
CA ASN A 56 -2.46 4.45 50.71
C ASN A 56 -2.72 3.46 49.60
N ASP A 57 -2.16 3.76 48.44
CA ASP A 57 -2.48 3.03 47.23
C ASP A 57 -1.23 2.91 46.36
N LEU A 58 -1.27 1.97 45.43
CA LEU A 58 -0.10 1.63 44.61
C LEU A 58 -0.60 0.99 43.34
N ALA A 59 0.06 1.26 42.23
CA ALA A 59 -0.29 0.61 40.97
C ALA A 59 0.92 0.49 40.06
N TYR A 60 0.98 -0.62 39.34
CA TYR A 60 1.98 -0.82 38.30
C TYR A 60 1.26 -0.80 36.96
N ALA A 61 1.95 -0.36 35.92
CA ALA A 61 1.46 -0.44 34.55
C ALA A 61 1.04 -1.86 34.23
N LYS A 62 -0.05 -2.00 33.47
CA LYS A 62 -0.61 -3.31 33.11
C LYS A 62 0.41 -4.30 32.59
N TRP A 63 1.44 -3.79 31.95
CA TRP A 63 2.47 -4.63 31.32
C TRP A 63 3.64 -4.95 32.25
N ALA A 64 3.65 -4.37 33.45
CA ALA A 64 4.74 -4.57 34.39
C ALA A 64 4.92 -6.06 34.66
N LYS A 65 3.82 -6.73 35.02
CA LYS A 65 3.79 -8.17 35.27
C LYS A 65 4.73 -8.72 36.34
N GLY A 66 5.50 -7.85 36.98
CA GLY A 66 6.31 -8.24 38.12
C GLY A 66 7.74 -7.76 38.02
N ARG A 67 7.97 -6.95 36.99
CA ARG A 67 9.28 -6.42 36.67
C ARG A 67 9.73 -5.32 37.62
N PHE A 68 8.79 -4.73 38.37
CA PHE A 68 9.13 -3.61 39.24
C PHE A 68 8.51 -3.70 40.63
N THR A 69 9.23 -3.18 41.62
CA THR A 69 8.69 -2.99 42.96
C THR A 69 8.79 -1.52 43.33
N ILE A 70 7.72 -0.95 43.88
CA ILE A 70 7.74 0.44 44.30
C ILE A 70 7.33 0.55 45.75
N SER A 71 8.12 1.26 46.54
CA SER A 71 7.88 1.43 47.96
C SER A 71 8.29 2.82 48.41
N ARG A 72 7.88 3.23 49.61
CA ARG A 72 8.23 4.55 50.09
C ARG A 72 8.95 4.50 51.43
N THR A 73 9.72 5.56 51.68
CA THR A 73 10.13 5.91 53.04
C THR A 73 9.44 7.23 53.35
N SER A 74 9.89 7.93 54.38
CA SER A 74 9.28 9.20 54.73
C SER A 74 9.74 10.33 53.80
N THR A 75 10.91 10.18 53.17
CA THR A 75 11.46 11.24 52.33
C THR A 75 11.88 10.75 50.94
N THR A 76 11.67 9.47 50.67
CA THR A 76 12.02 8.91 49.36
C THR A 76 10.93 7.98 48.85
N VAL A 77 10.96 7.71 47.55
CA VAL A 77 10.25 6.58 46.98
C VAL A 77 11.28 5.84 46.15
N ASP A 78 11.12 4.53 46.04
CA ASP A 78 12.12 3.70 45.39
C ASP A 78 11.51 2.90 44.26
N LEU A 79 12.35 2.48 43.33
CA LEU A 79 11.93 1.62 42.24
C LEU A 79 12.95 0.51 42.05
N LYS A 80 12.52 -0.71 42.33
CA LYS A 80 13.37 -1.88 42.16
C LYS A 80 13.08 -2.58 40.85
N ILE A 81 14.11 -2.74 40.02
CA ILE A 81 13.97 -3.53 38.81
C ILE A 81 14.38 -4.96 39.15
N THR A 82 13.41 -5.84 39.29
CA THR A 82 13.65 -7.16 39.90
C THR A 82 14.64 -8.03 39.12
N SER A 83 14.45 -8.11 37.81
CA SER A 83 15.40 -8.83 36.95
C SER A 83 15.63 -8.07 35.65
N PRO A 84 16.60 -7.15 35.65
CA PRO A 84 16.85 -6.23 34.52
C PRO A 84 17.29 -6.93 33.23
N THR A 85 16.68 -6.52 32.13
CA THR A 85 17.11 -6.93 30.80
C THR A 85 17.60 -5.70 30.06
N THR A 86 18.15 -5.89 28.86
CA THR A 86 18.63 -4.77 28.06
C THR A 86 17.49 -3.84 27.67
N GLU A 87 16.26 -4.38 27.66
CA GLU A 87 15.07 -3.59 27.42
C GLU A 87 14.84 -2.55 28.53
N ASP A 88 15.51 -2.73 29.66
CA ASP A 88 15.34 -1.82 30.80
C ASP A 88 16.42 -0.75 30.85
N THR A 89 17.36 -0.82 29.91
CA THR A 89 18.32 0.26 29.72
C THR A 89 17.57 1.52 29.31
N ALA A 90 17.64 2.54 30.16
CA ALA A 90 16.81 3.73 30.01
C ALA A 90 17.17 4.78 31.05
N THR A 91 16.63 5.99 30.84
CA THR A 91 16.69 7.06 31.82
C THR A 91 15.40 7.03 32.62
N TYR A 92 15.51 6.96 33.95
CA TYR A 92 14.33 6.85 34.80
C TYR A 92 14.02 8.15 35.52
N PHE A 93 12.78 8.61 35.41
CA PHE A 93 12.36 9.85 36.04
C PHE A 93 11.32 9.55 37.11
N CYS A 94 11.34 10.32 38.21
CA CYS A 94 10.21 10.28 39.12
C CYS A 94 9.52 11.63 39.07
N ALA A 95 8.21 11.64 39.32
CA ALA A 95 7.44 12.86 39.21
C ALA A 95 6.40 12.92 40.33
N ARG A 96 6.09 14.14 40.76
CA ARG A 96 5.07 14.33 41.78
C ARG A 96 3.75 14.73 41.13
N GLY A 97 2.68 14.04 41.50
CA GLY A 97 1.36 14.38 41.02
C GLY A 97 0.46 14.80 42.17
N TYR A 98 -0.62 15.50 41.85
CA TYR A 98 -1.63 15.84 42.85
C TYR A 98 -2.44 14.59 43.18
N GLY A 99 -2.87 14.48 44.43
CA GLY A 99 -3.59 13.28 44.83
C GLY A 99 -4.76 13.50 45.78
N SER A 100 -5.68 12.55 45.74
CA SER A 100 -6.84 12.49 46.62
C SER A 100 -7.47 11.12 46.49
N MET A 101 -8.65 10.93 47.08
CA MET A 101 -9.41 9.69 46.93
C MET A 101 -9.77 9.41 45.47
N ASP A 102 -9.73 10.45 44.65
CA ASP A 102 -10.20 10.39 43.28
C ASP A 102 -9.08 9.91 42.37
N GLY A 103 -7.88 9.82 42.94
CA GLY A 103 -6.70 9.38 42.20
C GLY A 103 -5.67 10.47 42.09
N TYR A 104 -4.92 10.46 40.99
CA TYR A 104 -3.89 11.46 40.80
C TYR A 104 -4.07 12.27 39.52
N ASP A 105 -3.31 13.36 39.44
CA ASP A 105 -3.37 14.29 38.32
C ASP A 105 -2.22 15.28 38.39
N ARG A 106 -1.96 15.97 37.29
CA ARG A 106 -1.15 17.17 37.28
C ARG A 106 0.30 16.89 37.67
N LEU A 107 0.99 16.10 36.86
CA LEU A 107 2.41 15.83 37.05
C LEU A 107 3.26 17.05 36.71
N ASN A 108 3.33 18.00 37.64
CA ASN A 108 3.97 19.28 37.37
C ASN A 108 5.34 19.46 38.03
N LEU A 109 5.92 18.37 38.53
CA LEU A 109 7.24 18.39 39.15
C LEU A 109 8.02 17.12 38.82
N TRP A 110 9.24 17.28 38.32
CA TRP A 110 10.04 16.15 37.83
C TRP A 110 11.49 16.20 38.30
N GLY A 111 12.06 15.03 38.54
CA GLY A 111 13.49 14.94 38.81
C GLY A 111 14.26 14.99 37.49
N GLN A 112 15.59 15.03 37.58
CA GLN A 112 16.42 15.16 36.40
C GLN A 112 16.71 13.82 35.73
N GLY A 113 16.36 12.74 36.41
CA GLY A 113 16.54 11.39 35.88
C GLY A 113 17.85 10.72 36.26
N THR A 114 17.84 9.40 36.27
CA THR A 114 19.04 8.61 36.50
C THR A 114 19.15 7.47 35.47
N LEU A 115 20.36 7.18 35.02
CA LEU A 115 20.58 6.27 33.90
C LEU A 115 20.89 4.83 34.30
N VAL A 116 20.05 3.91 33.86
CA VAL A 116 20.32 2.48 34.04
C VAL A 116 20.86 1.87 32.75
N THR A 117 22.05 1.29 32.82
CA THR A 117 22.66 0.61 31.68
C THR A 117 22.78 -0.88 31.95
N VAL A 118 22.09 -1.70 31.14
CA VAL A 118 22.14 -3.14 31.33
C VAL A 118 23.00 -3.81 30.27
N SER A 119 24.16 -4.32 30.70
CA SER A 119 25.08 -5.00 29.80
C SER A 119 25.99 -5.97 30.54
N SER A 120 26.56 -6.93 29.82
CA SER A 120 27.44 -7.93 30.40
C SER A 120 28.87 -7.43 30.49
N GLY A 121 29.08 -6.18 30.11
CA GLY A 121 30.41 -5.61 30.09
C GLY A 121 30.83 -5.03 31.42
N GLN A 122 32.02 -4.42 31.43
CA GLN A 122 32.57 -3.81 32.63
C GLN A 122 32.75 -2.32 32.39
N PRO A 123 32.60 -1.50 33.45
CA PRO A 123 32.84 -0.05 33.32
C PRO A 123 34.22 0.24 32.75
N LYS A 124 34.32 1.23 31.86
CA LYS A 124 35.59 1.52 31.22
C LYS A 124 35.76 3.02 30.99
N GLY A 125 36.90 3.55 31.41
CA GLY A 125 37.22 4.95 31.28
C GLY A 125 37.47 5.34 29.84
N PRO A 126 37.30 6.64 29.53
CA PRO A 126 37.49 7.18 28.18
C PRO A 126 38.95 7.43 27.82
N SER A 127 39.25 7.39 26.52
CA SER A 127 40.49 7.94 26.02
C SER A 127 40.18 9.30 25.43
N VAL A 128 41.07 10.27 25.68
CA VAL A 128 40.83 11.63 25.23
C VAL A 128 41.88 12.06 24.23
N PHE A 129 41.44 12.53 23.06
CA PHE A 129 42.37 13.01 22.03
C PHE A 129 42.05 14.43 21.61
N PRO A 130 43.08 15.29 21.52
CA PRO A 130 42.94 16.69 21.13
C PRO A 130 42.55 16.82 19.66
N LEU A 131 41.73 17.83 19.34
CA LEU A 131 41.33 18.10 17.97
C LEU A 131 41.83 19.46 17.50
N ALA A 132 42.67 19.46 16.47
CA ALA A 132 43.21 20.71 15.95
C ALA A 132 43.31 20.69 14.43
N PRO A 133 43.08 21.84 13.78
CA PRO A 133 43.21 21.96 12.33
C PRO A 133 44.64 21.69 11.84
N CYS A 134 44.76 21.24 10.60
CA CYS A 134 46.05 20.86 10.02
C CYS A 134 46.98 22.05 9.87
N PRO A 139 45.69 30.57 9.29
CA PRO A 139 45.77 32.00 8.91
C PRO A 139 44.47 32.76 9.20
N SER A 140 43.74 32.37 10.23
CA SER A 140 42.43 32.97 10.51
C SER A 140 42.35 33.69 11.86
N SER A 141 41.39 34.61 11.97
CA SER A 141 41.19 35.42 13.17
C SER A 141 40.70 34.58 14.36
N THR A 142 39.88 33.57 14.08
CA THR A 142 39.40 32.68 15.13
C THR A 142 39.74 31.24 14.78
N VAL A 143 39.68 30.35 15.77
CA VAL A 143 40.02 28.95 15.54
C VAL A 143 39.13 28.01 16.33
N THR A 144 38.88 26.83 15.76
CA THR A 144 38.09 25.83 16.47
C THR A 144 38.93 24.64 16.87
N LEU A 145 38.90 24.32 18.16
CA LEU A 145 39.63 23.19 18.71
C LEU A 145 38.64 22.27 19.41
N GLY A 146 39.04 21.04 19.67
CA GLY A 146 38.13 20.11 20.31
C GLY A 146 38.77 18.94 21.03
N CYS A 147 37.94 18.09 21.62
CA CYS A 147 38.40 16.85 22.22
C CYS A 147 37.52 15.69 21.80
N LEU A 148 38.17 14.61 21.36
CA LEU A 148 37.48 13.37 21.07
C LEU A 148 37.54 12.48 22.30
N VAL A 149 36.37 12.09 22.79
CA VAL A 149 36.28 11.26 24.00
C VAL A 149 35.78 9.87 23.59
N LYS A 150 36.67 8.88 23.66
CA LYS A 150 36.46 7.62 22.96
C LYS A 150 36.54 6.39 23.86
N GLY A 151 35.65 5.43 23.62
CA GLY A 151 35.75 4.12 24.23
C GLY A 151 35.40 4.02 25.72
N TYR A 152 34.33 4.69 26.14
CA TYR A 152 33.94 4.65 27.53
C TYR A 152 32.61 3.93 27.76
N LEU A 153 32.40 3.49 29.00
CA LEU A 153 31.19 2.80 29.39
C LEU A 153 31.09 2.76 30.91
N PRO A 154 29.91 3.08 31.46
CA PRO A 154 28.70 3.53 30.78
C PRO A 154 28.68 5.04 30.56
N GLU A 155 27.60 5.54 29.98
CA GLU A 155 27.34 6.97 29.95
C GLU A 155 27.04 7.45 31.37
N PRO A 156 27.22 8.74 31.64
CA PRO A 156 27.72 9.78 30.74
C PRO A 156 29.16 10.15 30.99
N VAL A 157 29.71 11.02 30.16
CA VAL A 157 30.91 11.75 30.51
C VAL A 157 30.50 13.21 30.58
N THR A 158 31.30 14.03 31.25
CA THR A 158 31.06 15.46 31.21
C THR A 158 32.30 16.12 30.61
N VAL A 159 32.08 17.13 29.79
CA VAL A 159 33.17 17.84 29.18
C VAL A 159 33.04 19.31 29.53
N THR A 160 34.13 19.92 29.97
CA THR A 160 34.14 21.36 30.15
C THR A 160 35.42 21.90 29.53
N TRP A 161 35.47 23.22 29.35
CA TRP A 161 36.63 23.86 28.78
C TRP A 161 37.17 24.90 29.74
N ASN A 162 38.49 24.88 29.96
CA ASN A 162 39.13 25.78 30.92
C ASN A 162 38.40 25.78 32.26
N SER A 163 38.06 24.58 32.74
CA SER A 163 37.41 24.39 34.04
C SER A 163 36.07 25.08 34.17
N GLY A 164 35.36 25.24 33.05
CA GLY A 164 34.02 25.82 33.08
C GLY A 164 33.98 27.32 32.85
N THR A 165 35.15 27.93 32.66
CA THR A 165 35.23 29.37 32.44
C THR A 165 34.99 29.68 30.97
N LEU A 166 35.29 28.72 30.11
CA LEU A 166 35.07 28.88 28.68
C LEU A 166 33.79 28.18 28.27
N THR A 167 32.75 28.97 27.98
CA THR A 167 31.43 28.41 27.69
C THR A 167 30.85 28.87 26.35
N ASN A 168 31.21 30.08 25.92
CA ASN A 168 30.76 30.58 24.62
C ASN A 168 31.41 29.84 23.46
N GLY A 169 30.59 29.44 22.48
CA GLY A 169 31.11 28.79 21.30
C GLY A 169 31.42 27.31 21.50
N VAL A 170 30.98 26.76 22.62
CA VAL A 170 31.21 25.36 22.92
C VAL A 170 30.10 24.51 22.33
N ARG A 171 30.50 23.50 21.56
CA ARG A 171 29.54 22.57 21.00
C ARG A 171 29.92 21.15 21.38
N THR A 172 29.07 20.51 22.18
CA THR A 172 29.27 19.12 22.52
C THR A 172 28.20 18.31 21.81
N PHE A 173 28.59 17.19 21.21
CA PHE A 173 27.67 16.41 20.40
C PHE A 173 27.09 15.22 21.15
N PRO A 174 25.91 14.75 20.71
CA PRO A 174 25.36 13.55 21.33
C PRO A 174 26.31 12.38 21.15
N SER A 175 26.35 11.47 22.13
CA SER A 175 27.25 10.35 22.06
C SER A 175 26.80 9.35 21.01
N VAL A 176 27.71 8.48 20.59
CA VAL A 176 27.37 7.43 19.65
C VAL A 176 27.76 6.07 20.22
N ARG A 177 26.84 5.13 20.19
CA ARG A 177 27.11 3.79 20.69
C ARG A 177 27.83 2.97 19.62
N GLN A 178 29.05 2.56 19.92
CA GLN A 178 29.81 1.76 18.98
C GLN A 178 29.19 0.37 18.91
N SER A 179 29.61 -0.44 17.94
CA SER A 179 29.10 -1.81 17.85
C SER A 179 29.70 -2.64 18.98
N SER A 180 30.84 -2.17 19.48
CA SER A 180 31.53 -2.81 20.59
C SER A 180 30.74 -2.67 21.89
N GLY A 181 29.77 -1.77 21.90
CA GLY A 181 28.99 -1.51 23.09
C GLY A 181 29.49 -0.28 23.83
N LEU A 182 30.69 0.17 23.45
CA LEU A 182 31.27 1.38 24.03
C LEU A 182 30.67 2.63 23.40
N TYR A 183 30.92 3.77 24.05
CA TYR A 183 30.41 5.05 23.56
C TYR A 183 31.54 5.99 23.21
N SER A 184 31.25 6.96 22.35
CA SER A 184 32.22 7.99 22.01
C SER A 184 31.51 9.30 21.71
N LEU A 185 32.15 10.42 22.06
CA LEU A 185 31.66 11.72 21.63
C LEU A 185 32.81 12.70 21.44
N SER A 186 32.48 13.84 20.84
CA SER A 186 33.44 14.92 20.69
C SER A 186 32.82 16.22 21.17
N SER A 187 33.66 17.17 21.53
CA SER A 187 33.22 18.51 21.91
C SER A 187 34.18 19.49 21.31
N VAL A 188 33.67 20.59 20.76
CA VAL A 188 34.54 21.60 20.17
C VAL A 188 34.21 22.99 20.71
N VAL A 189 35.19 23.88 20.63
CA VAL A 189 34.99 25.26 21.05
C VAL A 189 35.66 26.23 20.05
N SER A 190 34.95 27.29 19.70
CA SER A 190 35.52 28.33 18.84
C SER A 190 35.97 29.50 19.70
N VAL A 191 37.24 29.87 19.54
CA VAL A 191 37.84 30.94 20.34
C VAL A 191 38.52 31.94 19.44
N THR A 192 38.67 33.18 19.93
CA THR A 192 39.44 34.17 19.22
C THR A 192 40.91 33.80 19.30
N SER A 193 41.44 33.31 18.17
CA SER A 193 42.80 32.77 18.06
C SER A 193 43.85 33.55 18.83
N SER A 194 44.40 32.92 19.85
CA SER A 194 45.39 33.55 20.70
C SER A 194 46.66 32.71 20.75
N SER A 195 47.62 33.15 21.56
CA SER A 195 48.75 32.31 21.93
C SER A 195 48.31 31.47 23.12
N GLN A 196 47.10 31.77 23.60
CA GLN A 196 46.51 31.10 24.74
C GLN A 196 46.26 29.61 24.51
N PRO A 197 46.52 28.80 25.54
CA PRO A 197 46.28 27.36 25.63
C PRO A 197 44.82 27.08 25.98
N VAL A 198 44.19 26.19 25.23
CA VAL A 198 42.80 25.84 25.53
C VAL A 198 42.77 24.37 25.96
N THR A 199 42.16 24.13 27.11
CA THR A 199 42.15 22.81 27.74
C THR A 199 40.73 22.28 27.98
N CYS A 200 40.48 21.05 27.53
CA CYS A 200 39.21 20.39 27.83
C CYS A 200 39.34 19.50 29.06
N ASN A 201 38.27 19.44 29.84
CA ASN A 201 38.26 18.71 31.11
C ASN A 201 37.23 17.59 31.04
N VAL A 202 37.68 16.35 31.03
CA VAL A 202 36.77 15.22 30.88
C VAL A 202 36.63 14.47 32.18
N ALA A 203 35.40 14.15 32.56
CA ALA A 203 35.14 13.36 33.76
C ALA A 203 34.21 12.20 33.42
N HIS A 204 34.54 11.04 33.97
CA HIS A 204 33.71 9.84 33.82
C HIS A 204 33.41 9.30 35.21
N PRO A 205 32.31 9.76 35.82
CA PRO A 205 31.96 9.42 37.21
C PRO A 205 31.99 7.92 37.53
N ALA A 206 31.62 7.08 36.58
CA ALA A 206 31.55 5.64 36.81
C ALA A 206 32.91 4.98 37.07
N THR A 207 33.98 5.57 36.57
CA THR A 207 35.32 5.03 36.81
C THR A 207 36.19 6.02 37.58
N ASN A 208 35.55 7.08 38.07
CA ASN A 208 36.23 8.15 38.79
C ASN A 208 37.37 8.75 37.98
N THR A 209 37.18 8.79 36.66
CA THR A 209 38.21 9.25 35.75
C THR A 209 38.13 10.76 35.55
N LYS A 210 39.27 11.43 35.65
CA LYS A 210 39.32 12.85 35.33
C LYS A 210 40.56 13.14 34.49
N VAL A 211 40.35 13.52 33.24
CA VAL A 211 41.45 13.77 32.32
C VAL A 211 41.41 15.20 31.80
N ASP A 212 42.57 15.84 31.80
CA ASP A 212 42.73 17.15 31.18
C ASP A 212 43.66 17.08 29.97
N LYS A 213 43.23 17.70 28.88
CA LYS A 213 44.02 17.78 27.65
C LYS A 213 44.08 19.20 27.12
N THR A 214 45.29 19.75 27.05
CA THR A 214 45.49 21.05 26.45
C THR A 214 45.67 20.86 24.95
N VAL A 215 44.92 21.62 24.17
CA VAL A 215 44.92 21.49 22.73
C VAL A 215 45.72 22.63 22.10
N ALA A 216 46.68 22.26 21.25
CA ALA A 216 47.46 23.26 20.53
C ALA A 216 46.77 23.58 19.21
N PRO A 217 47.07 24.74 18.61
CA PRO A 217 46.44 25.08 17.33
C PRO A 217 47.22 24.55 16.14
N LEU B 4 -1.11 4.96 22.55
CA LEU B 4 -1.96 6.02 22.00
C LEU B 4 -1.41 6.53 20.68
N THR B 5 -2.30 6.94 19.79
CA THR B 5 -1.91 7.39 18.45
C THR B 5 -1.78 8.90 18.38
N GLN B 6 -0.56 9.36 18.06
CA GLN B 6 -0.30 10.77 17.88
C GLN B 6 0.03 11.07 16.42
N THR B 7 -0.02 12.35 16.06
CA THR B 7 0.47 12.83 14.79
C THR B 7 1.88 12.28 14.53
N PRO B 8 2.08 11.65 13.36
CA PRO B 8 3.38 11.03 13.03
C PRO B 8 4.54 12.02 12.97
N SER B 9 5.74 11.55 13.29
CA SER B 9 6.93 12.38 13.27
C SER B 9 7.67 12.23 11.95
N PRO B 10 8.28 13.33 11.45
CA PRO B 10 8.26 14.65 12.10
C PRO B 10 7.11 15.53 11.62
N VAL B 11 6.84 16.59 12.38
CA VAL B 11 5.88 17.62 11.98
C VAL B 11 6.62 18.97 11.89
N SER B 12 6.27 19.77 10.89
CA SER B 12 7.02 21.00 10.63
C SER B 12 6.19 22.27 10.78
N ALA B 13 6.82 23.31 11.35
CA ALA B 13 6.18 24.60 11.54
C ALA B 13 7.19 25.72 11.39
N ALA B 14 6.78 26.81 10.75
CA ALA B 14 7.65 27.98 10.60
C ALA B 14 7.60 28.85 11.85
N VAL B 15 8.70 29.53 12.15
CA VAL B 15 8.77 30.49 13.25
C VAL B 15 7.64 31.52 13.18
N GLY B 16 6.97 31.75 14.30
CA GLY B 16 5.85 32.68 14.34
C GLY B 16 4.57 32.05 13.83
N GLY B 17 4.68 30.83 13.31
CA GLY B 17 3.54 30.13 12.77
C GLY B 17 2.73 29.39 13.80
N THR B 18 1.80 28.58 13.33
CA THR B 18 0.91 27.86 14.23
C THR B 18 0.92 26.38 13.89
N VAL B 19 1.06 25.54 14.92
CA VAL B 19 1.02 24.10 14.72
C VAL B 19 0.04 23.47 15.70
N THR B 20 -0.66 22.43 15.25
CA THR B 20 -1.60 21.70 16.07
C THR B 20 -1.31 20.21 15.94
N ILE B 21 -1.06 19.55 17.07
CA ILE B 21 -0.82 18.11 17.05
C ILE B 21 -1.93 17.42 17.81
N SER B 22 -2.21 16.17 17.44
CA SER B 22 -3.39 15.49 17.98
C SER B 22 -3.05 14.17 18.65
N CYS B 23 -3.97 13.74 19.51
CA CYS B 23 -3.80 12.52 20.30
C CYS B 23 -5.12 11.75 20.34
N ARG B 24 -5.07 10.47 20.03
CA ARG B 24 -6.27 9.64 20.03
C ARG B 24 -6.14 8.38 20.88
N SER B 25 -7.09 8.18 21.79
CA SER B 25 -7.13 7.01 22.65
C SER B 25 -8.27 6.06 22.30
N ARG B 26 -7.98 4.76 22.36
CA ARG B 26 -9.00 3.73 22.17
C ARG B 26 -10.11 3.83 23.21
N GLN B 27 -9.71 4.11 24.45
CA GLN B 27 -10.62 4.22 25.58
C GLN B 27 -10.86 5.68 25.98
N ARG B 28 -12.05 5.96 26.52
CA ARG B 28 -12.30 7.26 27.14
C ARG B 28 -11.41 7.48 28.35
N VAL B 29 -10.84 8.68 28.46
CA VAL B 29 -10.00 9.03 29.59
C VAL B 29 -10.87 9.40 30.79
N TYR B 30 -10.28 9.41 31.98
CA TYR B 30 -11.02 9.58 33.22
C TYR B 30 -11.79 10.90 33.27
N LEU B 31 -13.09 10.79 33.56
CA LEU B 31 -14.03 11.92 33.57
C LEU B 31 -14.05 12.63 32.21
N GLY B 32 -13.73 11.89 31.15
CA GLY B 32 -13.73 12.42 29.80
C GLY B 32 -12.60 13.35 29.42
N ASP B 33 -11.79 13.78 30.39
CA ASP B 33 -10.81 14.81 30.10
C ASP B 33 -9.41 14.64 30.73
N TRP B 34 -9.15 13.49 31.34
CA TRP B 34 -7.82 13.26 31.91
C TRP B 34 -6.80 13.03 30.80
N LEU B 35 -6.23 14.12 30.30
CA LEU B 35 -5.17 14.03 29.31
C LEU B 35 -4.17 15.16 29.49
N SER B 36 -2.90 14.80 29.60
CA SER B 36 -1.86 15.80 29.82
C SER B 36 -0.90 15.90 28.63
N TRP B 37 -0.35 17.08 28.42
CA TRP B 37 0.65 17.30 27.38
C TRP B 37 2.02 17.65 27.98
N PHE B 38 3.06 17.02 27.44
CA PHE B 38 4.42 17.26 27.91
C PHE B 38 5.38 17.64 26.80
N GLN B 39 6.25 18.59 27.10
CA GLN B 39 7.38 18.89 26.24
C GLN B 39 8.57 18.04 26.69
N LYS B 40 9.29 17.47 25.73
CA LYS B 40 10.46 16.65 26.05
C LYS B 40 11.62 16.97 25.14
N LYS B 41 12.72 17.43 25.72
CA LYS B 41 13.96 17.70 25.00
C LYS B 41 15.06 16.77 25.51
N PRO B 42 15.99 16.38 24.64
CA PRO B 42 17.05 15.44 25.06
C PRO B 42 17.84 15.97 26.26
N GLY B 43 18.11 15.11 27.24
CA GLY B 43 18.87 15.51 28.40
C GLY B 43 18.12 16.41 29.37
N GLN B 44 16.82 16.53 29.18
CA GLN B 44 15.98 17.33 30.08
C GLN B 44 14.73 16.53 30.44
N PRO B 45 14.19 16.75 31.65
CA PRO B 45 13.00 15.99 32.05
C PRO B 45 11.75 16.45 31.29
N PRO B 46 10.71 15.61 31.27
CA PRO B 46 9.42 16.04 30.74
C PRO B 46 8.97 17.35 31.39
N LYS B 47 8.32 18.22 30.62
CA LYS B 47 7.74 19.43 31.18
C LYS B 47 6.24 19.52 30.90
N LEU B 48 5.44 19.55 31.96
CA LEU B 48 3.99 19.61 31.84
C LEU B 48 3.53 20.92 31.21
N LEU B 49 2.77 20.81 30.12
CA LEU B 49 2.23 21.99 29.44
C LEU B 49 0.74 22.14 29.76
N ILE B 50 0.00 21.07 29.48
CA ILE B 50 -1.44 21.06 29.67
C ILE B 50 -1.84 19.86 30.51
N TYR B 51 -2.69 20.06 31.50
CA TYR B 51 -3.33 18.94 32.19
C TYR B 51 -4.83 19.09 32.10
N ASP B 52 -5.54 17.97 32.24
CA ASP B 52 -6.99 17.94 32.10
C ASP B 52 -7.42 18.58 30.78
N ALA B 53 -6.74 18.16 29.72
CA ALA B 53 -7.09 18.47 28.33
C ALA B 53 -6.87 19.92 27.92
N SER B 54 -7.21 20.86 28.80
CA SER B 54 -7.24 22.27 28.40
C SER B 54 -6.61 23.21 29.41
N PHE B 55 -6.24 22.71 30.58
CA PHE B 55 -5.71 23.58 31.62
C PHE B 55 -4.20 23.70 31.53
N ARG B 56 -3.73 24.94 31.53
CA ARG B 56 -2.33 25.25 31.32
C ARG B 56 -1.56 25.25 32.63
N GLY B 57 -0.38 24.64 32.63
CA GLY B 57 0.44 24.53 33.83
C GLY B 57 0.96 25.87 34.28
N ASP B 58 1.33 25.96 35.56
CA ASP B 58 1.84 27.20 36.13
C ASP B 58 3.09 27.66 35.38
N GLY B 59 3.08 28.90 34.93
CA GLY B 59 4.21 29.48 34.23
C GLY B 59 4.39 29.02 32.79
N VAL B 60 3.39 28.33 32.26
CA VAL B 60 3.44 27.87 30.88
C VAL B 60 2.86 28.94 29.96
N SER B 61 3.58 29.26 28.88
CA SER B 61 3.16 30.28 27.94
C SER B 61 1.75 30.06 27.38
N SER B 62 1.01 31.17 27.25
CA SER B 62 -0.34 31.13 26.69
C SER B 62 -0.34 30.78 25.20
N ARG B 63 0.85 30.70 24.60
CA ARG B 63 1.00 30.23 23.23
C ARG B 63 0.62 28.75 23.13
N PHE B 64 0.64 28.06 24.27
CA PHE B 64 0.29 26.66 24.32
C PHE B 64 -1.15 26.56 24.79
N SER B 65 -1.95 25.75 24.09
CA SER B 65 -3.32 25.52 24.51
C SER B 65 -3.76 24.14 24.05
N GLY B 66 -4.74 23.58 24.74
CA GLY B 66 -5.25 22.27 24.40
C GLY B 66 -6.75 22.19 24.46
N SER B 67 -7.31 21.18 23.81
CA SER B 67 -8.75 20.97 23.80
C SER B 67 -9.10 19.52 23.47
N GLY B 68 -10.39 19.20 23.54
CA GLY B 68 -10.86 17.87 23.23
C GLY B 68 -11.60 17.21 24.37
N SER B 69 -12.20 16.06 24.09
CA SER B 69 -12.92 15.30 25.09
C SER B 69 -12.91 13.83 24.70
N GLY B 70 -13.21 12.96 25.66
CA GLY B 70 -13.38 11.56 25.38
C GLY B 70 -12.12 10.89 24.89
N THR B 71 -11.98 10.81 23.58
CA THR B 71 -10.88 10.08 22.96
C THR B 71 -10.07 10.89 21.95
N HIS B 72 -10.47 12.15 21.71
CA HIS B 72 -9.78 12.98 20.72
C HIS B 72 -9.29 14.29 21.34
N PHE B 73 -7.98 14.53 21.21
CA PHE B 73 -7.37 15.67 21.87
C PHE B 73 -6.33 16.37 20.99
N THR B 74 -6.19 17.68 21.19
CA THR B 74 -5.16 18.44 20.48
C THR B 74 -4.36 19.36 21.41
N LEU B 75 -3.12 19.59 21.01
CA LEU B 75 -2.26 20.63 21.56
C LEU B 75 -1.97 21.62 20.43
N THR B 76 -2.16 22.90 20.70
CA THR B 76 -1.91 23.91 19.68
C THR B 76 -0.82 24.88 20.11
N ILE B 77 0.21 25.00 19.28
CA ILE B 77 1.28 25.94 19.55
C ILE B 77 1.21 27.08 18.53
N SER B 78 0.97 28.29 19.02
CA SER B 78 0.92 29.47 18.18
C SER B 78 2.10 30.38 18.49
N GLY B 79 2.46 31.21 17.51
CA GLY B 79 3.59 32.11 17.66
C GLY B 79 4.84 31.30 17.94
N VAL B 80 4.96 30.18 17.22
CA VAL B 80 6.03 29.20 17.41
C VAL B 80 7.42 29.82 17.45
N GLN B 81 8.21 29.38 18.44
CA GLN B 81 9.59 29.82 18.57
C GLN B 81 10.55 28.65 18.36
N CYS B 82 11.82 28.95 18.16
CA CYS B 82 12.84 27.92 18.02
C CYS B 82 12.92 27.08 19.30
N ASP B 83 12.61 27.73 20.42
CA ASP B 83 12.58 27.10 21.74
C ASP B 83 11.49 26.02 21.85
N ASP B 84 10.62 25.91 20.85
CA ASP B 84 9.55 24.92 20.87
C ASP B 84 9.99 23.63 20.18
N ALA B 85 11.16 23.66 19.56
CA ALA B 85 11.73 22.48 18.93
C ALA B 85 11.95 21.38 19.97
N ALA B 86 11.17 20.31 19.84
CA ALA B 86 11.08 19.30 20.88
C ALA B 86 10.20 18.15 20.43
N THR B 87 10.10 17.13 21.28
CA THR B 87 9.14 16.06 21.08
C THR B 87 8.00 16.26 22.07
N TYR B 88 6.77 16.10 21.60
CA TYR B 88 5.62 16.31 22.46
C TYR B 88 4.88 15.00 22.72
N TYR B 89 4.58 14.76 23.99
CA TYR B 89 3.91 13.53 24.41
C TYR B 89 2.57 13.81 25.08
N CYS B 90 1.57 13.02 24.74
CA CYS B 90 0.31 13.05 25.47
C CYS B 90 0.26 11.89 26.46
N LEU B 91 -0.39 12.09 27.60
CA LEU B 91 -0.58 11.04 28.60
C LEU B 91 -2.06 10.82 28.85
N GLY B 92 -2.52 9.59 28.62
CA GLY B 92 -3.90 9.25 28.90
C GLY B 92 -4.07 8.71 30.31
N GLY B 93 -4.93 9.35 31.08
CA GLY B 93 -5.25 8.87 32.43
C GLY B 93 -6.61 8.22 32.42
N TYR B 94 -6.74 7.10 33.12
CA TYR B 94 -7.99 6.35 33.12
C TYR B 94 -8.40 5.99 34.53
N TYR B 95 -9.56 5.37 34.69
CA TYR B 95 -10.08 4.98 35.99
C TYR B 95 -9.04 4.16 36.75
N ASP B 96 -8.50 3.16 36.07
CA ASP B 96 -7.39 2.38 36.59
C ASP B 96 -6.07 3.04 36.22
N ASP B 97 -5.28 3.38 37.24
CA ASP B 97 -3.93 3.92 37.04
C ASP B 97 -3.08 3.01 36.18
N ALA B 98 -3.24 1.70 36.36
CA ALA B 98 -2.49 0.71 35.61
C ALA B 98 -2.63 0.86 34.09
N ASP B 99 -3.65 1.61 33.65
CA ASP B 99 -3.91 1.80 32.23
C ASP B 99 -3.27 3.07 31.67
N ASP B 100 -2.76 3.93 32.54
CA ASP B 100 -2.19 5.20 32.12
C ASP B 100 -1.07 4.95 31.10
N THR B 101 -1.11 5.68 29.98
CA THR B 101 -0.18 5.42 28.88
C THR B 101 0.24 6.70 28.15
N PHE B 102 1.50 6.77 27.76
CA PHE B 102 1.98 7.84 26.88
C PHE B 102 1.72 7.53 25.42
N GLY B 103 1.47 8.57 24.63
CA GLY B 103 1.46 8.44 23.18
C GLY B 103 2.87 8.27 22.64
N GLY B 104 2.96 7.97 21.34
CA GLY B 104 4.24 7.69 20.70
C GLY B 104 5.17 8.87 20.59
N GLY B 105 4.63 10.08 20.80
CA GLY B 105 5.43 11.28 20.72
C GLY B 105 5.44 11.92 19.34
N THR B 106 5.33 13.23 19.31
CA THR B 106 5.35 13.97 18.05
C THR B 106 6.49 14.98 18.04
N GLU B 107 7.50 14.70 17.22
CA GLU B 107 8.64 15.60 17.06
C GLU B 107 8.26 16.84 16.26
N VAL B 108 8.43 18.02 16.85
CA VAL B 108 8.21 19.26 16.12
C VAL B 108 9.53 19.89 15.69
N VAL B 109 9.69 20.05 14.38
CA VAL B 109 10.85 20.71 13.79
C VAL B 109 10.48 22.14 13.44
N VAL B 110 11.21 23.11 14.00
CA VAL B 110 10.90 24.51 13.76
C VAL B 110 11.74 25.08 12.63
N LYS B 111 11.07 25.58 11.58
CA LYS B 111 11.76 26.15 10.42
C LYS B 111 12.08 27.61 10.60
N GLY B 112 13.34 27.90 10.91
CA GLY B 112 13.85 29.26 10.99
C GLY B 112 14.56 29.67 9.72
N ASP B 113 15.46 30.64 9.82
CA ASP B 113 16.24 31.12 8.68
C ASP B 113 17.23 30.06 8.20
N PRO B 114 17.23 29.77 6.89
CA PRO B 114 18.19 28.83 6.34
C PRO B 114 19.63 29.32 6.48
N VAL B 115 20.53 28.46 6.93
CA VAL B 115 21.95 28.78 7.04
C VAL B 115 22.78 27.63 6.48
N ALA B 116 23.74 27.96 5.63
CA ALA B 116 24.68 26.95 5.14
C ALA B 116 25.69 26.67 6.24
N PRO B 117 26.17 25.42 6.32
CA PRO B 117 27.06 25.04 7.43
C PRO B 117 28.49 25.55 7.35
N THR B 118 29.07 25.75 8.52
CA THR B 118 30.51 25.97 8.68
C THR B 118 31.18 24.62 8.87
N VAL B 119 32.06 24.25 7.96
CA VAL B 119 32.64 22.91 7.98
C VAL B 119 34.10 22.90 8.40
N LEU B 120 34.43 22.02 9.34
CA LEU B 120 35.79 21.87 9.86
C LEU B 120 36.20 20.41 9.85
N ILE B 121 37.47 20.17 9.55
CA ILE B 121 37.99 18.80 9.57
C ILE B 121 39.21 18.72 10.49
N PHE B 122 39.31 17.65 11.26
CA PHE B 122 40.41 17.49 12.22
C PHE B 122 41.14 16.18 11.97
N PRO B 123 42.43 16.26 11.62
CA PRO B 123 43.26 15.08 11.51
C PRO B 123 43.45 14.41 12.87
N PRO B 124 43.67 13.10 12.89
CA PRO B 124 43.91 12.42 14.16
C PRO B 124 45.21 12.89 14.79
N ALA B 125 45.20 13.12 16.10
CA ALA B 125 46.41 13.51 16.81
C ALA B 125 47.45 12.40 16.73
N ALA B 126 48.70 12.76 16.99
CA ALA B 126 49.81 11.81 16.90
C ALA B 126 49.58 10.61 17.83
N ASP B 127 49.18 10.88 19.07
CA ASP B 127 49.02 9.80 20.06
C ASP B 127 47.89 8.85 19.68
N GLN B 128 46.99 9.30 18.82
CA GLN B 128 45.89 8.45 18.38
C GLN B 128 46.38 7.41 17.37
N VAL B 129 47.31 7.81 16.51
CA VAL B 129 47.89 6.91 15.52
C VAL B 129 48.65 5.77 16.19
N ALA B 130 49.30 6.06 17.30
CA ALA B 130 50.06 5.06 18.05
C ALA B 130 49.17 3.90 18.54
N THR B 131 47.87 4.15 18.67
CA THR B 131 46.97 3.15 19.24
C THR B 131 46.55 2.11 18.21
N GLY B 132 46.92 2.34 16.95
CA GLY B 132 46.54 1.43 15.89
C GLY B 132 45.25 1.78 15.19
N THR B 133 44.48 2.69 15.79
CA THR B 133 43.23 3.16 15.19
C THR B 133 43.17 4.69 15.19
N VAL B 134 42.70 5.27 14.09
CA VAL B 134 42.51 6.72 14.03
C VAL B 134 41.06 7.09 13.76
N THR B 135 40.65 8.23 14.31
CA THR B 135 39.33 8.77 14.04
C THR B 135 39.50 10.16 13.47
N ILE B 136 39.04 10.36 12.24
CA ILE B 136 39.05 11.69 11.64
C ILE B 136 37.70 12.33 11.90
N VAL B 137 37.71 13.56 12.37
CA VAL B 137 36.47 14.24 12.71
C VAL B 137 36.14 15.37 11.74
N CYS B 138 34.93 15.33 11.19
CA CYS B 138 34.39 16.45 10.43
C CYS B 138 33.18 17.01 11.16
N VAL B 139 33.12 18.33 11.22
CA VAL B 139 32.05 19.00 11.95
C VAL B 139 31.36 20.03 11.06
N ALA B 140 30.02 19.98 11.06
CA ALA B 140 29.21 20.96 10.34
C ALA B 140 28.43 21.79 11.35
N ASN B 141 28.82 23.05 11.51
CA ASN B 141 28.26 23.90 12.55
C ASN B 141 27.21 24.90 12.08
N LYS B 142 26.18 25.08 12.90
CA LYS B 142 25.21 26.15 12.75
C LYS B 142 24.56 26.19 11.35
N TYR B 143 23.72 25.19 11.06
CA TYR B 143 23.09 25.06 9.76
C TYR B 143 21.61 24.69 9.82
N PHE B 144 20.90 24.98 8.72
CA PHE B 144 19.52 24.56 8.48
C PHE B 144 19.15 24.83 7.03
N PRO B 145 18.46 23.88 6.37
CA PRO B 145 17.95 22.59 6.85
C PRO B 145 18.99 21.48 6.87
N ASP B 146 18.53 20.24 7.01
CA ASP B 146 19.40 19.08 7.19
C ASP B 146 20.42 18.90 6.07
N VAL B 147 21.51 18.18 6.37
CA VAL B 147 22.58 17.92 5.42
C VAL B 147 22.92 16.43 5.33
N THR B 148 23.64 16.07 4.27
CA THR B 148 24.20 14.72 4.14
C THR B 148 25.72 14.81 4.06
N VAL B 149 26.41 13.79 4.58
CA VAL B 149 27.86 13.82 4.61
C VAL B 149 28.50 12.74 3.73
N THR B 150 29.53 13.13 2.99
CA THR B 150 30.30 12.22 2.17
C THR B 150 31.77 12.31 2.52
N TRP B 151 32.41 11.17 2.73
CA TRP B 151 33.84 11.12 3.01
C TRP B 151 34.62 10.64 1.79
N GLU B 152 35.80 11.22 1.57
CA GLU B 152 36.66 10.79 0.48
C GLU B 152 38.11 10.65 0.90
N VAL B 153 38.75 9.57 0.45
CA VAL B 153 40.15 9.31 0.74
C VAL B 153 40.89 9.11 -0.58
N ASP B 154 41.78 10.04 -0.89
CA ASP B 154 42.42 10.13 -2.20
C ASP B 154 41.38 10.00 -3.32
N GLY B 155 40.30 10.77 -3.21
CA GLY B 155 39.28 10.78 -4.25
C GLY B 155 38.20 9.72 -4.13
N THR B 156 38.49 8.62 -3.43
CA THR B 156 37.56 7.50 -3.34
C THR B 156 36.51 7.70 -2.25
N THR B 157 35.23 7.64 -2.63
CA THR B 157 34.14 7.75 -1.69
C THR B 157 34.25 6.62 -0.68
N GLN B 158 34.16 6.98 0.60
CA GLN B 158 34.23 5.98 1.66
C GLN B 158 32.86 5.36 1.87
N THR B 159 32.82 4.07 2.15
CA THR B 159 31.57 3.34 2.23
C THR B 159 31.25 2.80 3.62
N THR B 160 32.29 2.66 4.44
CA THR B 160 32.12 2.15 5.81
C THR B 160 32.95 2.97 6.80
N GLY B 161 32.73 2.74 8.08
CA GLY B 161 33.50 3.40 9.13
C GLY B 161 33.05 4.80 9.48
N ILE B 162 31.82 5.14 9.11
CA ILE B 162 31.33 6.50 9.27
C ILE B 162 30.22 6.60 10.31
N GLU B 163 30.31 7.58 11.19
CA GLU B 163 29.30 7.80 12.23
C GLU B 163 28.89 9.26 12.31
N ASN B 164 27.58 9.50 12.36
CA ASN B 164 27.04 10.86 12.42
C ASN B 164 26.23 11.12 13.69
N SER B 165 26.37 12.30 14.26
CA SER B 165 25.63 12.65 15.47
C SER B 165 25.18 14.10 15.40
N LYS B 166 23.87 14.30 15.34
CA LYS B 166 23.32 15.64 15.20
C LYS B 166 22.76 16.13 16.52
N THR B 167 23.14 17.36 16.89
CA THR B 167 22.58 18.01 18.08
C THR B 167 21.10 18.31 17.86
N PRO B 168 20.37 18.56 18.95
CA PRO B 168 19.02 19.09 18.72
C PRO B 168 19.09 20.50 18.16
N GLN B 169 17.96 21.05 17.72
CA GLN B 169 17.93 22.40 17.17
C GLN B 169 18.33 23.42 18.24
N ASN B 170 19.07 24.44 17.84
CA ASN B 170 19.41 25.53 18.75
C ASN B 170 18.17 26.30 19.19
N SER B 171 18.04 26.54 20.49
CA SER B 171 16.84 27.18 21.03
C SER B 171 16.74 28.66 20.69
N ALA B 172 17.77 29.21 20.06
CA ALA B 172 17.77 30.63 19.71
C ALA B 172 17.57 30.86 18.22
N ASP B 173 18.14 30.01 17.38
CA ASP B 173 18.08 30.23 15.94
C ASP B 173 17.70 28.99 15.11
N CYS B 174 17.27 27.92 15.79
CA CYS B 174 16.75 26.71 15.15
C CYS B 174 17.79 25.87 14.38
N THR B 175 19.08 26.24 14.45
CA THR B 175 20.10 25.53 13.68
C THR B 175 20.60 24.24 14.34
N TYR B 176 21.11 23.31 13.51
CA TYR B 176 21.74 22.10 14.00
C TYR B 176 23.27 22.20 13.99
N ASN B 177 23.89 21.33 14.78
CA ASN B 177 25.31 21.03 14.67
C ASN B 177 25.48 19.54 14.45
N LEU B 178 26.45 19.17 13.63
CA LEU B 178 26.68 17.77 13.30
C LEU B 178 28.15 17.41 13.37
N SER B 179 28.46 16.25 13.92
CA SER B 179 29.80 15.71 13.83
C SER B 179 29.76 14.44 13.01
N SER B 180 30.74 14.28 12.14
CA SER B 180 30.85 13.07 11.33
C SER B 180 32.25 12.52 11.47
N THR B 181 32.37 11.26 11.88
CA THR B 181 33.67 10.65 12.08
C THR B 181 33.97 9.53 11.10
N LEU B 182 35.20 9.48 10.62
CA LEU B 182 35.69 8.37 9.81
C LEU B 182 36.76 7.62 10.60
N THR B 183 36.54 6.33 10.81
CA THR B 183 37.46 5.53 11.61
C THR B 183 38.24 4.58 10.73
N LEU B 184 39.57 4.65 10.83
CA LEU B 184 40.44 3.79 10.05
C LEU B 184 41.54 3.19 10.91
N THR B 185 42.18 2.13 10.42
CA THR B 185 43.38 1.61 11.06
C THR B 185 44.52 2.55 10.73
N SER B 186 45.55 2.58 11.57
CA SER B 186 46.67 3.48 11.37
C SER B 186 47.37 3.21 10.03
N THR B 187 47.37 1.95 9.61
CA THR B 187 48.01 1.56 8.36
C THR B 187 47.27 2.15 7.16
N GLN B 188 45.95 2.04 7.18
CA GLN B 188 45.12 2.66 6.14
C GLN B 188 45.37 4.14 6.08
N TYR B 189 45.36 4.78 7.25
CA TYR B 189 45.53 6.21 7.32
C TYR B 189 46.89 6.66 6.78
N ASN B 190 47.95 5.94 7.13
CA ASN B 190 49.28 6.31 6.68
C ASN B 190 49.58 5.91 5.24
N SER B 191 48.74 5.06 4.65
CA SER B 191 48.95 4.64 3.26
C SER B 191 48.28 5.60 2.25
N HIS B 192 47.57 6.61 2.75
CA HIS B 192 46.87 7.56 1.88
C HIS B 192 47.20 9.01 2.24
N LYS B 193 46.91 9.92 1.32
CA LYS B 193 47.28 11.32 1.50
C LYS B 193 46.12 12.29 1.75
N GLU B 194 45.08 12.23 0.92
CA GLU B 194 44.05 13.27 1.00
C GLU B 194 42.78 12.79 1.66
N TYR B 195 42.33 13.56 2.64
CA TYR B 195 41.15 13.23 3.41
C TYR B 195 40.12 14.33 3.26
N THR B 196 38.93 13.97 2.81
CA THR B 196 37.92 14.94 2.41
C THR B 196 36.55 14.75 3.03
N CYS B 197 36.03 15.80 3.64
CA CYS B 197 34.68 15.79 4.16
CA CYS B 197 34.68 15.79 4.16
C CYS B 197 33.78 16.70 3.32
N LYS B 198 32.74 16.11 2.75
CA LYS B 198 31.84 16.84 1.87
C LYS B 198 30.43 16.90 2.45
N VAL B 199 29.98 18.10 2.79
CA VAL B 199 28.68 18.27 3.42
C VAL B 199 27.69 18.93 2.45
N THR B 200 26.62 18.22 2.13
CA THR B 200 25.69 18.67 1.11
C THR B 200 24.35 19.09 1.70
N GLN B 201 23.90 20.26 1.28
CA GLN B 201 22.63 20.83 1.72
C GLN B 201 21.83 21.29 0.49
N GLY B 202 20.97 20.41 -0.01
CA GLY B 202 20.21 20.68 -1.21
C GLY B 202 21.07 20.56 -2.44
N THR B 203 21.27 21.67 -3.14
CA THR B 203 22.11 21.68 -4.33
C THR B 203 23.46 22.28 -3.99
N THR B 204 23.63 22.63 -2.72
CA THR B 204 24.85 23.25 -2.22
C THR B 204 25.75 22.25 -1.50
N SER B 205 27.05 22.33 -1.79
CA SER B 205 28.02 21.50 -1.09
C SER B 205 29.11 22.37 -0.49
N VAL B 206 29.49 22.05 0.74
CA VAL B 206 30.66 22.67 1.36
C VAL B 206 31.68 21.57 1.64
N VAL B 207 32.89 21.73 1.10
CA VAL B 207 33.90 20.68 1.15
C VAL B 207 35.12 21.14 1.93
N GLN B 208 35.60 20.26 2.82
CA GLN B 208 36.76 20.56 3.64
C GLN B 208 37.75 19.40 3.57
N SER B 209 39.03 19.73 3.45
CA SER B 209 40.07 18.73 3.20
C SER B 209 41.36 19.04 3.93
N PHE B 210 42.19 18.00 4.09
CA PHE B 210 43.57 18.18 4.52
C PHE B 210 44.43 17.10 3.88
N ASN B 211 45.72 17.37 3.78
CA ASN B 211 46.65 16.39 3.25
C ASN B 211 47.57 15.89 4.35
N ARG B 212 47.54 14.60 4.64
CA ARG B 212 48.46 14.01 5.60
C ARG B 212 49.91 14.23 5.15
N GLY B 213 50.69 14.92 5.97
CA GLY B 213 52.03 15.30 5.58
C GLY B 213 52.21 16.78 5.86
N ASP B 214 51.17 17.55 5.52
CA ASP B 214 51.09 18.96 5.90
C ASP B 214 50.76 19.09 7.39
N CYS B 215 50.60 17.94 8.04
CA CYS B 215 50.23 17.89 9.45
C CYS B 215 51.41 17.46 10.31
N GLU C 2 14.84 -13.66 25.79
CA GLU C 2 14.36 -14.93 25.25
C GLU C 2 15.29 -15.51 24.20
N GLN C 3 15.81 -16.71 24.46
CA GLN C 3 16.75 -17.35 23.56
C GLN C 3 16.68 -18.87 23.64
N LEU C 4 16.90 -19.53 22.50
CA LEU C 4 17.00 -20.98 22.44
C LEU C 4 18.37 -21.37 21.92
N LYS C 5 19.02 -22.33 22.57
CA LYS C 5 20.29 -22.83 22.07
C LYS C 5 20.36 -24.34 22.01
N GLU C 6 20.52 -24.87 20.79
CA GLU C 6 20.66 -26.31 20.58
C GLU C 6 22.10 -26.77 20.86
N SER C 7 22.24 -28.03 21.22
CA SER C 7 23.55 -28.64 21.37
C SER C 7 23.42 -30.15 21.25
N GLY C 8 24.55 -30.82 21.01
CA GLY C 8 24.59 -32.26 20.95
C GLY C 8 24.88 -32.79 19.55
N GLY C 9 24.76 -31.94 18.54
CA GLY C 9 25.01 -32.38 17.18
C GLY C 9 26.46 -32.77 16.97
N ARG C 10 26.66 -33.87 16.23
CA ARG C 10 28.00 -34.37 15.93
C ARG C 10 27.91 -35.54 14.96
N LEU C 11 29.07 -36.12 14.65
CA LEU C 11 29.14 -37.29 13.78
C LEU C 11 28.90 -38.58 14.57
N VAL C 12 27.88 -39.33 14.18
CA VAL C 12 27.61 -40.64 14.77
C VAL C 12 27.49 -41.73 13.72
N ALA C 13 27.91 -42.92 14.09
CA ALA C 13 27.75 -44.09 13.24
C ALA C 13 26.28 -44.49 13.19
N PRO C 14 25.83 -45.06 12.06
CA PRO C 14 24.44 -45.50 11.99
C PRO C 14 24.12 -46.49 13.10
N GLY C 15 22.95 -46.34 13.73
CA GLY C 15 22.53 -47.23 14.79
C GLY C 15 22.96 -46.79 16.18
N THR C 16 23.95 -45.92 16.25
CA THR C 16 24.41 -45.41 17.56
C THR C 16 23.53 -44.25 18.02
N PRO C 17 22.78 -44.45 19.13
CA PRO C 17 21.84 -43.46 19.65
C PRO C 17 22.49 -42.11 19.97
N LEU C 18 21.72 -41.04 19.75
CA LEU C 18 22.21 -39.67 19.96
C LEU C 18 21.11 -38.79 20.54
N THR C 19 21.44 -38.00 21.55
CA THR C 19 20.48 -37.09 22.16
C THR C 19 20.85 -35.61 21.94
N LEU C 20 19.92 -34.84 21.39
CA LEU C 20 20.13 -33.42 21.21
C LEU C 20 19.44 -32.65 22.34
N THR C 21 20.01 -31.51 22.72
CA THR C 21 19.45 -30.72 23.80
C THR C 21 19.14 -29.29 23.36
N CYS C 22 17.98 -28.79 23.77
CA CYS C 22 17.63 -27.40 23.55
C CYS C 22 17.54 -26.69 24.90
N THR C 23 18.41 -25.73 25.14
CA THR C 23 18.42 -25.01 26.41
C THR C 23 17.72 -23.66 26.30
N VAL C 24 16.89 -23.37 27.29
CA VAL C 24 16.01 -22.22 27.31
C VAL C 24 16.46 -21.11 28.26
N SER C 25 16.31 -19.86 27.83
CA SER C 25 16.54 -18.73 28.72
C SER C 25 15.59 -17.57 28.40
N GLY C 26 15.24 -16.79 29.42
CA GLY C 26 14.38 -15.62 29.22
C GLY C 26 12.90 -15.92 29.34
N PHE C 27 12.57 -17.20 29.44
CA PHE C 27 11.19 -17.61 29.64
C PHE C 27 11.14 -18.97 30.33
N ASP C 28 9.93 -19.41 30.67
CA ASP C 28 9.74 -20.68 31.35
C ASP C 28 9.06 -21.68 30.41
N ILE C 29 9.65 -22.87 30.27
CA ILE C 29 9.07 -23.93 29.43
C ILE C 29 7.64 -24.26 29.85
N SER C 30 7.36 -24.14 31.14
CA SER C 30 6.05 -24.54 31.68
C SER C 30 4.92 -23.59 31.27
N ASP C 31 5.25 -22.54 30.52
CA ASP C 31 4.23 -21.62 30.01
C ASP C 31 4.02 -21.74 28.50
N TYR C 32 4.76 -22.65 27.86
CA TYR C 32 4.73 -22.77 26.41
C TYR C 32 4.73 -24.21 25.94
N ALA C 33 5.08 -24.41 24.67
CA ALA C 33 5.32 -25.73 24.11
C ALA C 33 6.61 -25.68 23.30
N MET C 34 7.32 -26.79 23.21
CA MET C 34 8.58 -26.82 22.47
C MET C 34 8.49 -27.82 21.34
N ILE C 35 9.00 -27.43 20.17
CA ILE C 35 8.80 -28.20 18.94
C ILE C 35 10.17 -28.48 18.31
N TRP C 36 10.37 -29.70 17.85
CA TRP C 36 11.57 -30.02 17.09
C TRP C 36 11.29 -30.11 15.59
N VAL C 37 12.17 -29.49 14.81
CA VAL C 37 12.09 -29.45 13.37
C VAL C 37 13.49 -29.75 12.83
N ARG C 38 13.57 -30.36 11.65
CA ARG C 38 14.88 -30.58 11.02
C ARG C 38 14.88 -30.23 9.54
N GLN C 39 16.07 -30.10 8.98
CA GLN C 39 16.25 -29.88 7.56
C GLN C 39 17.47 -30.64 7.07
N ALA C 40 17.25 -31.68 6.28
CA ALA C 40 18.32 -32.42 5.64
C ALA C 40 18.96 -31.55 4.57
N PRO C 41 20.25 -31.78 4.29
CA PRO C 41 20.94 -30.92 3.30
C PRO C 41 20.27 -30.98 1.93
N GLY C 42 20.00 -29.80 1.36
CA GLY C 42 19.34 -29.71 0.07
C GLY C 42 17.87 -30.07 0.05
N LYS C 43 17.26 -30.21 1.23
CA LYS C 43 15.84 -30.57 1.31
C LYS C 43 15.06 -29.55 2.13
N GLY C 44 13.80 -29.87 2.38
CA GLY C 44 12.86 -28.95 3.02
C GLY C 44 12.76 -29.11 4.53
N LEU C 45 12.05 -28.20 5.18
CA LEU C 45 11.83 -28.29 6.63
C LEU C 45 10.92 -29.48 6.94
N GLU C 46 11.18 -30.16 8.04
CA GLU C 46 10.39 -31.33 8.41
C GLU C 46 10.03 -31.34 9.89
N TRP C 47 8.74 -31.33 10.16
CA TRP C 47 8.19 -31.33 11.52
C TRP C 47 8.43 -32.69 12.18
N ILE C 48 9.01 -32.68 13.39
CA ILE C 48 9.39 -33.93 14.05
C ILE C 48 8.52 -34.26 15.26
N GLY C 49 8.30 -33.29 16.14
CA GLY C 49 7.52 -33.56 17.33
C GLY C 49 7.39 -32.36 18.26
N ILE C 50 6.53 -32.51 19.26
CA ILE C 50 6.26 -31.44 20.21
C ILE C 50 6.14 -31.97 21.63
N ILE C 51 6.59 -31.17 22.59
CA ILE C 51 6.32 -31.44 23.99
C ILE C 51 5.77 -30.17 24.64
N TYR C 52 4.69 -30.31 25.39
CA TYR C 52 4.06 -29.15 26.03
C TYR C 52 4.63 -28.94 27.43
N GLY C 53 4.67 -27.69 27.86
CA GLY C 53 5.02 -27.35 29.23
C GLY C 53 3.80 -26.86 29.97
N VAL C 54 2.98 -26.06 29.29
CA VAL C 54 1.77 -25.47 29.89
C VAL C 54 0.73 -26.53 30.24
N ILE C 55 0.64 -27.56 29.41
CA ILE C 55 -0.13 -28.75 29.72
C ILE C 55 0.83 -29.92 29.66
N ASN C 56 0.36 -31.12 30.01
CA ASN C 56 1.25 -32.27 30.01
C ASN C 56 0.94 -33.19 28.86
N ASP C 57 1.51 -32.86 27.71
CA ASP C 57 1.15 -33.52 26.48
C ASP C 57 2.38 -33.64 25.60
N LEU C 58 2.33 -34.54 24.63
CA LEU C 58 3.48 -34.88 23.80
C LEU C 58 2.98 -35.51 22.51
N ALA C 59 3.66 -35.22 21.40
CA ALA C 59 3.30 -35.85 20.15
C ALA C 59 4.49 -35.97 19.23
N TYR C 60 4.54 -37.07 18.50
CA TYR C 60 5.54 -37.28 17.47
C TYR C 60 4.87 -37.22 16.12
N ALA C 61 5.61 -36.83 15.09
CA ALA C 61 5.11 -36.86 13.73
C ALA C 61 4.58 -38.26 13.41
N LYS C 62 3.45 -38.33 12.71
CA LYS C 62 2.79 -39.60 12.41
C LYS C 62 3.71 -40.63 11.77
N TRP C 63 4.74 -40.17 11.06
CA TRP C 63 5.67 -41.04 10.36
C TRP C 63 6.87 -41.45 11.20
N ALA C 64 6.98 -40.89 12.41
CA ALA C 64 8.13 -41.15 13.26
C ALA C 64 8.32 -42.64 13.53
N LYS C 65 7.26 -43.29 13.99
CA LYS C 65 7.29 -44.73 14.28
C LYS C 65 8.40 -45.08 15.27
N GLY C 66 8.49 -44.32 16.36
CA GLY C 66 9.44 -44.62 17.41
C GLY C 66 10.89 -44.25 17.13
N ARG C 67 11.13 -43.53 16.04
CA ARG C 67 12.49 -43.12 15.68
C ARG C 67 13.02 -42.02 16.61
N PHE C 68 12.13 -41.37 17.35
CA PHE C 68 12.52 -40.26 18.22
C PHE C 68 11.91 -40.34 19.61
N THR C 69 12.64 -39.86 20.60
CA THR C 69 12.13 -39.65 21.95
C THR C 69 12.31 -38.19 22.37
N ILE C 70 11.27 -37.60 22.98
CA ILE C 70 11.35 -36.23 23.44
C ILE C 70 10.96 -36.14 24.92
N SER C 71 11.77 -35.45 25.70
CA SER C 71 11.52 -35.28 27.12
C SER C 71 11.98 -33.91 27.59
N ARG C 72 11.55 -33.50 28.77
CA ARG C 72 11.93 -32.20 29.29
C ARG C 72 12.61 -32.28 30.66
N THR C 73 13.39 -31.24 30.96
CA THR C 73 13.76 -30.94 32.33
C THR C 73 13.06 -29.64 32.67
N SER C 74 13.50 -28.95 33.71
CA SER C 74 12.88 -27.69 34.06
C SER C 74 13.36 -26.56 33.15
N THR C 75 14.53 -26.72 32.54
CA THR C 75 15.11 -25.65 31.71
C THR C 75 15.55 -26.10 30.31
N THR C 76 15.34 -27.37 29.98
CA THR C 76 15.73 -27.89 28.67
C THR C 76 14.64 -28.79 28.09
N VAL C 77 14.72 -29.03 26.79
CA VAL C 77 13.99 -30.15 26.19
C VAL C 77 15.00 -30.93 25.37
N ASP C 78 14.75 -32.23 25.23
CA ASP C 78 15.71 -33.12 24.61
C ASP C 78 15.08 -33.83 23.43
N LEU C 79 15.91 -34.25 22.49
CA LEU C 79 15.46 -35.06 21.38
C LEU C 79 16.44 -36.20 21.18
N LYS C 80 15.99 -37.41 21.45
CA LYS C 80 16.81 -38.60 21.26
C LYS C 80 16.49 -39.27 19.93
N ILE C 81 17.51 -39.41 19.08
CA ILE C 81 17.36 -40.18 17.86
C ILE C 81 17.80 -41.62 18.14
N THR C 82 16.82 -42.49 18.27
CA THR C 82 17.03 -43.83 18.85
C THR C 82 17.93 -44.74 18.02
N SER C 83 17.70 -44.83 16.71
CA SER C 83 18.58 -45.60 15.85
C SER C 83 18.79 -44.87 14.52
N PRO C 84 19.73 -43.93 14.50
CA PRO C 84 19.96 -43.03 13.36
C PRO C 84 20.44 -43.71 12.08
N THR C 85 19.86 -43.31 10.96
CA THR C 85 20.34 -43.70 9.65
C THR C 85 20.82 -42.44 8.93
N THR C 86 21.39 -42.60 7.74
CA THR C 86 21.88 -41.46 6.97
C THR C 86 20.75 -40.50 6.59
N GLU C 87 19.53 -41.01 6.60
CA GLU C 87 18.34 -40.19 6.39
C GLU C 87 18.15 -39.17 7.52
N ASP C 88 18.85 -39.38 8.64
CA ASP C 88 18.72 -38.50 9.80
C ASP C 88 19.79 -37.42 9.84
N THR C 89 20.71 -37.46 8.87
CA THR C 89 21.67 -36.37 8.69
C THR C 89 20.94 -35.07 8.31
N ALA C 90 21.03 -34.08 9.18
CA ALA C 90 20.25 -32.86 9.05
C ALA C 90 20.63 -31.86 10.12
N THR C 91 20.15 -30.62 9.95
CA THR C 91 20.24 -29.60 10.99
C THR C 91 18.95 -29.62 11.80
N TYR C 92 19.07 -29.75 13.11
CA TYR C 92 17.90 -29.83 13.98
C TYR C 92 17.66 -28.52 14.74
N PHE C 93 16.45 -28.01 14.64
CA PHE C 93 16.06 -26.76 15.29
C PHE C 93 15.02 -27.06 16.35
N CYS C 94 15.05 -26.31 17.45
CA CYS C 94 13.93 -26.33 18.36
C CYS C 94 13.27 -24.96 18.32
N ALA C 95 11.96 -24.93 18.57
CA ALA C 95 11.21 -23.71 18.47
C ALA C 95 10.18 -23.64 19.59
N ARG C 96 9.90 -22.44 20.06
CA ARG C 96 8.89 -22.26 21.10
C ARG C 96 7.57 -21.83 20.50
N GLY C 97 6.51 -22.52 20.88
CA GLY C 97 5.18 -22.16 20.45
C GLY C 97 4.33 -21.74 21.63
N TYR C 98 3.25 -21.02 21.35
CA TYR C 98 2.27 -20.69 22.36
C TYR C 98 1.48 -21.94 22.67
N GLY C 99 1.06 -22.11 23.92
CA GLY C 99 0.33 -23.30 24.29
C GLY C 99 -0.84 -23.06 25.24
N SER C 100 -1.79 -23.98 25.20
CA SER C 100 -2.95 -23.94 26.10
C SER C 100 -3.64 -25.29 26.04
N MET C 101 -4.81 -25.38 26.68
CA MET C 101 -5.60 -26.62 26.61
C MET C 101 -6.03 -26.93 25.18
N ASP C 102 -6.05 -25.91 24.33
CA ASP C 102 -6.58 -26.08 22.98
C ASP C 102 -5.45 -26.50 22.02
N GLY C 103 -4.21 -26.55 22.52
CA GLY C 103 -3.08 -26.96 21.70
C GLY C 103 -2.00 -25.91 21.56
N TYR C 104 -1.28 -25.93 20.43
CA TYR C 104 -0.19 -24.97 20.22
C TYR C 104 -0.34 -24.13 18.95
N ASP C 105 0.48 -23.09 18.86
CA ASP C 105 0.43 -22.16 17.75
C ASP C 105 1.63 -21.22 17.82
N ARG C 106 1.90 -20.51 16.72
CA ARG C 106 2.75 -19.33 16.73
C ARG C 106 4.21 -19.62 17.11
N LEU C 107 4.90 -20.38 16.28
CA LEU C 107 6.32 -20.66 16.46
C LEU C 107 7.18 -19.43 16.14
N ASN C 108 7.25 -18.49 17.08
CA ASN C 108 7.90 -17.21 16.83
C ASN C 108 9.28 -17.05 17.48
N LEU C 109 9.86 -18.16 17.93
CA LEU C 109 11.20 -18.17 18.50
C LEU C 109 11.95 -19.46 18.13
N TRP C 110 13.16 -19.30 17.60
CA TRP C 110 13.90 -20.44 17.06
C TRP C 110 15.37 -20.40 17.48
N GLY C 111 15.95 -21.58 17.71
CA GLY C 111 17.38 -21.70 17.95
C GLY C 111 18.14 -21.67 16.63
N GLN C 112 19.47 -21.67 16.72
CA GLN C 112 20.32 -21.59 15.53
C GLN C 112 20.55 -22.95 14.91
N GLY C 113 20.16 -24.00 15.62
CA GLY C 113 20.31 -25.35 15.11
C GLY C 113 21.60 -26.06 15.50
N THR C 114 21.55 -27.39 15.48
CA THR C 114 22.75 -28.18 15.69
C THR C 114 22.80 -29.28 14.64
N LEU C 115 24.01 -29.61 14.18
CA LEU C 115 24.15 -30.49 13.03
C LEU C 115 24.41 -31.96 13.38
N VAL C 116 23.52 -32.84 12.94
CA VAL C 116 23.75 -34.28 13.09
C VAL C 116 24.24 -34.87 11.78
N THR C 117 25.42 -35.50 11.81
CA THR C 117 25.98 -36.18 10.64
C THR C 117 26.07 -37.68 10.87
N VAL C 118 25.35 -38.47 10.08
CA VAL C 118 25.36 -39.92 10.25
C VAL C 118 26.16 -40.60 9.14
N SER C 119 27.31 -41.16 9.49
CA SER C 119 28.17 -41.84 8.53
C SER C 119 29.06 -42.87 9.20
N SER C 120 29.57 -43.82 8.42
CA SER C 120 30.43 -44.88 8.94
C SER C 120 31.88 -44.44 9.01
N GLY C 121 32.14 -43.19 8.65
CA GLY C 121 33.49 -42.68 8.64
C GLY C 121 33.90 -42.13 9.98
N GLN C 122 35.11 -41.58 10.04
CA GLN C 122 35.65 -41.00 11.26
C GLN C 122 35.91 -39.51 11.04
N PRO C 123 35.76 -38.71 12.11
CA PRO C 123 36.05 -37.27 11.99
C PRO C 123 37.44 -37.02 11.43
N LYS C 124 37.57 -36.01 10.58
CA LYS C 124 38.84 -35.75 9.92
C LYS C 124 39.05 -34.25 9.76
N GLY C 125 40.21 -33.78 10.21
CA GLY C 125 40.58 -32.37 10.10
C GLY C 125 40.87 -31.99 8.66
N PRO C 126 40.72 -30.70 8.34
CA PRO C 126 40.92 -30.14 7.00
C PRO C 126 42.39 -29.90 6.64
N SER C 127 42.68 -29.91 5.34
CA SER C 127 43.94 -29.37 4.84
C SER C 127 43.66 -27.98 4.27
N VAL C 128 44.56 -27.04 4.54
CA VAL C 128 44.36 -25.66 4.12
C VAL C 128 45.45 -25.23 3.16
N PHE C 129 45.05 -24.73 2.00
CA PHE C 129 46.00 -24.28 0.99
C PHE C 129 45.75 -22.83 0.61
N PRO C 130 46.83 -22.03 0.54
CA PRO C 130 46.68 -20.63 0.17
C PRO C 130 46.28 -20.50 -1.29
N LEU C 131 45.45 -19.51 -1.60
CA LEU C 131 45.07 -19.23 -2.97
C LEU C 131 45.61 -17.86 -3.38
N ALA C 132 46.48 -17.86 -4.37
CA ALA C 132 47.08 -16.62 -4.85
C ALA C 132 47.18 -16.62 -6.37
N PRO C 133 46.97 -15.46 -6.99
CA PRO C 133 47.06 -15.31 -8.45
C PRO C 133 48.47 -15.60 -8.99
N CYS C 134 48.54 -16.02 -10.24
CA CYS C 134 49.81 -16.39 -10.86
C CYS C 134 50.71 -15.17 -11.03
N SER C 140 46.93 -3.44 -11.55
CA SER C 140 46.62 -4.27 -10.41
C SER C 140 46.49 -3.45 -9.12
N SER C 141 45.45 -2.61 -9.07
CA SER C 141 45.25 -1.73 -7.92
C SER C 141 44.85 -2.46 -6.65
N THR C 142 44.03 -3.50 -6.80
CA THR C 142 43.60 -4.32 -5.66
C THR C 142 43.90 -5.79 -5.97
N VAL C 143 43.85 -6.64 -4.95
CA VAL C 143 44.13 -8.04 -5.16
C VAL C 143 43.20 -8.91 -4.30
N THR C 144 42.86 -10.07 -4.83
CA THR C 144 42.03 -11.01 -4.10
C THR C 144 42.82 -12.26 -3.75
N LEU C 145 42.83 -12.60 -2.47
CA LEU C 145 43.50 -13.78 -1.98
C LEU C 145 42.51 -14.65 -1.23
N GLY C 146 42.87 -15.92 -1.03
CA GLY C 146 41.97 -16.83 -0.35
C GLY C 146 42.62 -18.06 0.24
N CYS C 147 41.82 -18.92 0.86
CA CYS C 147 42.27 -20.23 1.32
CA CYS C 147 42.32 -20.24 1.24
C CYS C 147 41.30 -21.33 0.90
N LEU C 148 41.85 -22.46 0.47
CA LEU C 148 41.07 -23.64 0.16
C LEU C 148 41.07 -24.58 1.37
N VAL C 149 39.89 -24.92 1.87
CA VAL C 149 39.80 -25.79 3.04
C VAL C 149 39.22 -27.13 2.61
N LYS C 150 40.06 -28.16 2.62
CA LYS C 150 39.79 -29.39 1.88
C LYS C 150 39.85 -30.65 2.74
N GLY C 151 38.93 -31.58 2.50
CA GLY C 151 38.98 -32.91 3.07
C GLY C 151 38.61 -33.04 4.54
N TYR C 152 37.57 -32.35 4.98
CA TYR C 152 37.16 -32.43 6.37
C TYR C 152 35.79 -33.09 6.56
N LEU C 153 35.58 -33.59 7.79
CA LEU C 153 34.35 -34.26 8.18
C LEU C 153 34.31 -34.33 9.71
N PRO C 154 33.16 -34.00 10.32
CA PRO C 154 31.95 -33.48 9.68
C PRO C 154 32.01 -31.97 9.49
N GLU C 155 30.93 -31.41 8.93
CA GLU C 155 30.76 -29.97 8.94
C GLU C 155 30.49 -29.53 10.38
N PRO C 156 30.71 -28.24 10.69
CA PRO C 156 31.22 -27.18 9.81
C PRO C 156 32.68 -26.86 10.06
N VAL C 157 33.24 -25.97 9.26
CA VAL C 157 34.46 -25.27 9.61
C VAL C 157 34.08 -23.80 9.72
N THR C 158 34.91 -23.01 10.38
CA THR C 158 34.73 -21.58 10.37
C THR C 158 35.97 -20.95 9.77
N VAL C 159 35.78 -19.89 8.99
CA VAL C 159 36.90 -19.18 8.40
C VAL C 159 36.82 -17.71 8.80
N THR C 160 37.93 -17.15 9.26
CA THR C 160 38.02 -15.72 9.49
C THR C 160 39.32 -15.20 8.86
N TRP C 161 39.42 -13.88 8.75
CA TRP C 161 40.60 -13.27 8.17
C TRP C 161 41.20 -12.26 9.12
N ASN C 162 42.52 -12.33 9.27
CA ASN C 162 43.26 -11.49 10.21
C ASN C 162 42.60 -11.49 11.58
N SER C 163 42.26 -12.69 12.05
CA SER C 163 41.67 -12.93 13.37
C SER C 163 40.34 -12.20 13.57
N GLY C 164 39.60 -12.02 12.48
CA GLY C 164 38.28 -11.39 12.55
C GLY C 164 38.29 -9.89 12.34
N THR C 165 39.46 -9.32 12.15
CA THR C 165 39.58 -7.88 11.96
C THR C 165 39.34 -7.49 10.52
N LEU C 166 39.59 -8.41 9.59
CA LEU C 166 39.32 -8.16 8.18
C LEU C 166 38.02 -8.83 7.76
N THR C 167 36.99 -8.03 7.53
CA THR C 167 35.67 -8.56 7.21
C THR C 167 35.12 -7.98 5.90
N ASN C 168 35.53 -6.76 5.56
CA ASN C 168 35.12 -6.18 4.28
C ASN C 168 35.74 -6.95 3.13
N GLY C 169 34.93 -7.29 2.14
CA GLY C 169 35.42 -7.96 0.96
C GLY C 169 35.65 -9.45 1.12
N VAL C 170 35.18 -10.02 2.21
CA VAL C 170 35.34 -11.46 2.44
C VAL C 170 34.20 -12.21 1.78
N ARG C 171 34.53 -13.20 0.97
CA ARG C 171 33.52 -14.05 0.37
C ARG C 171 33.85 -15.51 0.69
N THR C 172 32.98 -16.14 1.46
CA THR C 172 33.11 -17.56 1.77
C THR C 172 32.02 -18.30 1.00
N PHE C 173 32.38 -19.42 0.40
CA PHE C 173 31.44 -20.15 -0.44
C PHE C 173 30.83 -21.35 0.28
N PRO C 174 29.63 -21.76 -0.15
CA PRO C 174 29.04 -22.96 0.45
C PRO C 174 29.93 -24.17 0.20
N SER C 175 29.98 -25.09 1.15
CA SER C 175 30.84 -26.25 1.03
C SER C 175 30.27 -27.22 0.00
N VAL C 176 31.12 -28.13 -0.48
CA VAL C 176 30.69 -29.16 -1.42
C VAL C 176 31.06 -30.53 -0.88
N ARG C 177 30.10 -31.46 -0.87
CA ARG C 177 30.36 -32.81 -0.41
C ARG C 177 30.99 -33.65 -1.52
N GLN C 178 32.20 -34.12 -1.29
CA GLN C 178 32.88 -34.95 -2.27
C GLN C 178 32.22 -36.33 -2.32
N SER C 179 32.60 -37.13 -3.30
CA SER C 179 32.04 -38.48 -3.42
C SER C 179 32.58 -39.37 -2.29
N SER C 180 33.74 -39.01 -1.76
CA SER C 180 34.35 -39.73 -0.65
C SER C 180 33.57 -39.52 0.64
N GLY C 181 32.70 -38.52 0.66
CA GLY C 181 31.96 -38.17 1.85
C GLY C 181 32.56 -37.01 2.61
N LEU C 182 33.78 -36.60 2.21
CA LEU C 182 34.45 -35.46 2.82
C LEU C 182 33.91 -34.15 2.25
N TYR C 183 34.20 -33.04 2.92
CA TYR C 183 33.74 -31.73 2.47
C TYR C 183 34.90 -30.81 2.11
N SER C 184 34.62 -29.82 1.27
CA SER C 184 35.62 -28.82 0.91
C SER C 184 34.95 -27.45 0.71
N LEU C 185 35.66 -26.39 1.08
CA LEU C 185 35.21 -25.06 0.73
C LEU C 185 36.37 -24.12 0.47
N SER C 186 36.04 -22.94 -0.05
CA SER C 186 37.03 -21.90 -0.25
C SER C 186 36.52 -20.61 0.37
N SER C 187 37.44 -19.72 0.71
CA SER C 187 37.09 -18.39 1.19
C SER C 187 38.09 -17.44 0.57
N VAL C 188 37.61 -16.31 0.06
CA VAL C 188 38.50 -15.32 -0.51
C VAL C 188 38.22 -13.93 0.05
N VAL C 189 39.21 -13.05 -0.03
CA VAL C 189 39.02 -11.67 0.40
C VAL C 189 39.70 -10.72 -0.58
N SER C 190 39.01 -9.65 -0.95
CA SER C 190 39.56 -8.63 -1.83
C SER C 190 40.07 -7.46 -0.99
N VAL C 191 41.34 -7.12 -1.20
CA VAL C 191 41.99 -6.10 -0.41
C VAL C 191 42.68 -5.09 -1.31
N THR C 192 42.85 -3.87 -0.81
CA THR C 192 43.62 -2.88 -1.52
C THR C 192 45.08 -3.30 -1.50
N SER C 193 45.55 -3.79 -2.65
CA SER C 193 46.90 -4.36 -2.81
C SER C 193 47.97 -3.59 -2.06
N SER C 194 48.50 -4.22 -1.02
CA SER C 194 49.52 -3.60 -0.19
C SER C 194 50.75 -4.50 -0.09
N SER C 195 51.70 -4.05 0.72
CA SER C 195 52.80 -4.91 1.13
C SER C 195 52.31 -5.72 2.34
N GLN C 196 51.09 -5.42 2.77
CA GLN C 196 50.46 -6.05 3.93
C GLN C 196 50.21 -7.55 3.79
N PRO C 197 50.45 -8.30 4.87
CA PRO C 197 50.23 -9.74 5.06
C PRO C 197 48.77 -10.08 5.40
N VAL C 198 48.17 -10.99 4.65
CA VAL C 198 46.80 -11.39 4.92
C VAL C 198 46.73 -12.88 5.33
N THR C 199 46.10 -13.15 6.48
CA THR C 199 46.07 -14.50 7.04
C THR C 199 44.66 -15.02 7.29
N CYS C 200 44.36 -16.23 6.82
CA CYS C 200 43.07 -16.88 7.06
CA CYS C 200 43.05 -16.81 7.09
C CYS C 200 43.15 -17.77 8.29
N ASN C 201 42.08 -17.80 9.08
CA ASN C 201 42.05 -18.60 10.30
C ASN C 201 40.97 -19.65 10.20
N VAL C 202 41.37 -20.91 10.13
CA VAL C 202 40.42 -21.99 9.93
C VAL C 202 40.26 -22.76 11.24
N ALA C 203 39.02 -23.06 11.61
CA ALA C 203 38.78 -23.87 12.79
C ALA C 203 37.83 -25.01 12.45
N HIS C 204 38.16 -26.20 12.94
CA HIS C 204 37.30 -27.37 12.78
C HIS C 204 37.01 -27.95 14.14
N PRO C 205 35.95 -27.47 14.79
CA PRO C 205 35.60 -27.81 16.18
C PRO C 205 35.56 -29.31 16.47
N ALA C 206 35.15 -30.12 15.50
CA ALA C 206 35.00 -31.55 15.70
C ALA C 206 36.32 -32.28 15.94
N THR C 207 37.41 -31.71 15.45
CA THR C 207 38.74 -32.32 15.67
C THR C 207 39.67 -31.39 16.44
N ASN C 208 39.08 -30.33 17.00
CA ASN C 208 39.83 -29.32 17.76
C ASN C 208 40.97 -28.73 16.95
N THR C 209 40.73 -28.60 15.64
CA THR C 209 41.75 -28.14 14.70
C THR C 209 41.72 -26.62 14.54
N LYS C 210 42.89 -25.99 14.59
CA LYS C 210 43.02 -24.56 14.29
C LYS C 210 44.23 -24.30 13.42
N VAL C 211 44.01 -23.87 12.19
CA VAL C 211 45.10 -23.63 11.24
C VAL C 211 45.10 -22.17 10.78
N ASP C 212 46.28 -21.57 10.78
CA ASP C 212 46.47 -20.24 10.20
C ASP C 212 47.35 -20.36 8.96
N LYS C 213 46.93 -19.70 7.88
CA LYS C 213 47.71 -19.68 6.66
C LYS C 213 47.84 -18.25 6.14
N THR C 214 49.07 -17.75 6.11
CA THR C 214 49.33 -16.44 5.55
C THR C 214 49.56 -16.59 4.05
N VAL C 215 48.85 -15.79 3.28
CA VAL C 215 48.86 -15.87 1.82
C VAL C 215 49.71 -14.79 1.16
N ALA C 216 50.59 -15.20 0.26
CA ALA C 216 51.40 -14.27 -0.51
C ALA C 216 50.71 -13.86 -1.81
N LEU D 4 2.64 -31.06 1.90
CA LEU D 4 1.76 -30.02 1.37
C LEU D 4 2.26 -29.48 0.04
N THR D 5 1.33 -29.07 -0.81
CA THR D 5 1.67 -28.60 -2.14
C THR D 5 1.78 -27.08 -2.19
N GLN D 6 2.97 -26.61 -2.52
CA GLN D 6 3.24 -25.18 -2.65
C GLN D 6 3.52 -24.82 -4.11
N THR D 7 3.48 -23.54 -4.41
CA THR D 7 3.95 -23.02 -5.70
C THR D 7 5.32 -23.58 -6.05
N PRO D 8 5.47 -24.14 -7.26
CA PRO D 8 6.73 -24.75 -7.69
C PRO D 8 7.89 -23.77 -7.72
N SER D 9 9.10 -24.28 -7.48
CA SER D 9 10.32 -23.47 -7.47
C SER D 9 11.02 -23.51 -8.82
N PRO D 10 11.69 -22.41 -9.20
CA PRO D 10 11.74 -21.17 -8.43
C PRO D 10 10.65 -20.20 -8.84
N VAL D 11 10.43 -19.19 -8.01
CA VAL D 11 9.52 -18.12 -8.38
C VAL D 11 10.32 -16.82 -8.45
N SER D 12 10.02 -16.00 -9.45
CA SER D 12 10.83 -14.82 -9.73
C SER D 12 10.06 -13.52 -9.57
N ALA D 13 10.71 -12.53 -8.98
CA ALA D 13 10.11 -11.22 -8.79
C ALA D 13 11.18 -10.14 -8.89
N ALA D 14 10.84 -9.04 -9.54
CA ALA D 14 11.77 -7.92 -9.65
C ALA D 14 11.70 -7.06 -8.39
N VAL D 15 12.81 -6.42 -8.05
CA VAL D 15 12.85 -5.49 -6.93
C VAL D 15 11.71 -4.48 -7.03
N GLY D 16 11.02 -4.24 -5.93
CA GLY D 16 9.90 -3.33 -5.91
C GLY D 16 8.61 -3.96 -6.41
N GLY D 17 8.72 -5.19 -6.93
CA GLY D 17 7.57 -5.88 -7.46
C GLY D 17 6.77 -6.61 -6.39
N THR D 18 5.81 -7.40 -6.84
CA THR D 18 4.91 -8.11 -5.95
C THR D 18 4.87 -9.59 -6.33
N VAL D 19 4.99 -10.46 -5.34
CA VAL D 19 4.92 -11.89 -5.59
C VAL D 19 3.90 -12.55 -4.65
N THR D 20 3.19 -13.53 -5.17
CA THR D 20 2.22 -14.28 -4.39
C THR D 20 2.44 -15.76 -4.58
N ILE D 21 2.68 -16.48 -3.49
CA ILE D 21 2.86 -17.92 -3.54
C ILE D 21 1.74 -18.57 -2.76
N SER D 22 1.42 -19.81 -3.12
CA SER D 22 0.24 -20.47 -2.57
C SER D 22 0.55 -21.80 -1.91
N CYS D 23 -0.37 -22.23 -1.04
CA CYS D 23 -0.22 -23.45 -0.25
C CYS D 23 -1.54 -24.20 -0.20
N ARG D 24 -1.50 -25.51 -0.48
CA ARG D 24 -2.70 -26.34 -0.48
C ARG D 24 -2.56 -27.57 0.42
N SER D 25 -3.52 -27.79 1.32
CA SER D 25 -3.52 -29.01 2.14
C SER D 25 -4.70 -29.91 1.77
N ARG D 26 -4.46 -31.22 1.72
CA ARG D 26 -5.54 -32.18 1.47
C ARG D 26 -6.64 -32.09 2.53
N GLN D 27 -6.26 -31.92 3.79
CA GLN D 27 -7.22 -31.79 4.88
C GLN D 27 -7.38 -30.34 5.28
N ARG D 28 -8.56 -29.98 5.77
CA ARG D 28 -8.77 -28.68 6.37
C ARG D 28 -7.88 -28.54 7.60
N VAL D 29 -7.23 -27.38 7.75
CA VAL D 29 -6.38 -27.12 8.89
C VAL D 29 -7.24 -26.78 10.10
N TYR D 30 -6.65 -26.85 11.30
CA TYR D 30 -7.40 -26.71 12.55
C TYR D 30 -8.13 -25.37 12.66
N LEU D 31 -9.44 -25.44 12.92
CA LEU D 31 -10.33 -24.27 12.99
C LEU D 31 -10.36 -23.47 11.69
N GLY D 32 -10.05 -24.13 10.57
CA GLY D 32 -10.06 -23.49 9.27
C GLY D 32 -8.89 -22.56 8.96
N ASP D 33 -8.06 -22.25 9.95
CA ASP D 33 -7.04 -21.23 9.72
C ASP D 33 -5.64 -21.49 10.32
N TRP D 34 -5.39 -22.67 10.89
CA TRP D 34 -4.05 -22.94 11.43
C TRP D 34 -3.07 -23.17 10.28
N LEU D 35 -2.49 -22.09 9.78
CA LEU D 35 -1.46 -22.20 8.75
C LEU D 35 -0.44 -21.10 8.93
N SER D 36 0.83 -21.49 9.02
CA SER D 36 1.90 -20.53 9.25
C SER D 36 2.87 -20.45 8.07
N TRP D 37 3.46 -19.27 7.90
CA TRP D 37 4.45 -19.04 6.85
C TRP D 37 5.82 -18.75 7.44
N PHE D 38 6.86 -19.37 6.89
CA PHE D 38 8.21 -19.15 7.38
C PHE D 38 9.19 -18.75 6.28
N GLN D 39 10.06 -17.79 6.59
CA GLN D 39 11.19 -17.48 5.74
C GLN D 39 12.38 -18.33 6.15
N LYS D 40 13.10 -18.87 5.17
CA LYS D 40 14.26 -19.70 5.46
C LYS D 40 15.44 -19.37 4.54
N LYS D 41 16.54 -18.91 5.13
CA LYS D 41 17.79 -18.67 4.39
C LYS D 41 18.85 -19.64 4.90
N PRO D 42 19.77 -20.07 4.01
CA PRO D 42 20.79 -21.06 4.41
C PRO D 42 21.65 -20.58 5.59
N GLY D 43 21.89 -21.47 6.55
CA GLY D 43 22.70 -21.12 7.70
C GLY D 43 21.98 -20.20 8.66
N GLN D 44 20.67 -20.04 8.48
CA GLN D 44 19.86 -19.21 9.37
C GLN D 44 18.59 -19.99 9.72
N PRO D 45 18.07 -19.77 10.94
CA PRO D 45 16.86 -20.50 11.36
C PRO D 45 15.60 -20.03 10.64
N PRO D 46 14.55 -20.87 10.63
CA PRO D 46 13.25 -20.43 10.13
C PRO D 46 12.80 -19.16 10.83
N LYS D 47 12.13 -18.27 10.10
CA LYS D 47 11.57 -17.07 10.70
C LYS D 47 10.07 -16.96 10.46
N LEU D 48 9.29 -16.91 11.53
CA LEU D 48 7.84 -16.81 11.39
C LEU D 48 7.43 -15.47 10.79
N LEU D 49 6.69 -15.53 9.68
CA LEU D 49 6.18 -14.34 9.02
C LEU D 49 4.71 -14.15 9.35
N ILE D 50 3.93 -15.18 9.06
CA ILE D 50 2.49 -15.16 9.28
C ILE D 50 2.05 -16.38 10.08
N TYR D 51 1.18 -16.19 11.08
CA TYR D 51 0.52 -17.33 11.71
C TYR D 51 -1.00 -17.15 11.63
N ASP D 52 -1.73 -18.26 11.76
CA ASP D 52 -3.18 -18.28 11.60
C ASP D 52 -3.59 -17.66 10.27
N ALA D 53 -2.91 -18.07 9.21
CA ALA D 53 -3.27 -17.73 7.83
C ALA D 53 -3.02 -16.26 7.47
N SER D 54 -3.32 -15.34 8.38
CA SER D 54 -3.30 -13.91 8.03
C SER D 54 -2.66 -12.99 9.07
N PHE D 55 -2.32 -13.51 10.25
CA PHE D 55 -1.79 -12.64 11.29
C PHE D 55 -0.28 -12.51 11.20
N ARG D 56 0.19 -11.26 11.23
CA ARG D 56 1.59 -10.96 11.01
C ARG D 56 2.40 -11.04 12.30
N GLY D 57 3.57 -11.66 12.22
CA GLY D 57 4.41 -11.80 13.38
C GLY D 57 4.98 -10.47 13.82
N ASP D 58 5.37 -10.41 15.09
CA ASP D 58 5.95 -9.21 15.67
C ASP D 58 7.25 -8.80 14.97
N GLY D 59 7.31 -7.52 14.57
CA GLY D 59 8.50 -6.99 13.92
C GLY D 59 8.63 -7.42 12.47
N VAL D 60 7.56 -8.00 11.94
CA VAL D 60 7.55 -8.42 10.54
C VAL D 60 7.00 -7.29 9.65
N SER D 61 7.72 -7.02 8.57
CA SER D 61 7.35 -5.97 7.62
C SER D 61 5.91 -6.11 7.10
N SER D 62 5.23 -4.97 6.98
CA SER D 62 3.88 -4.92 6.45
C SER D 62 3.86 -5.27 4.96
N ARG D 63 5.03 -5.40 4.36
CA ARG D 63 5.15 -5.87 2.99
C ARG D 63 4.70 -7.32 2.85
N PHE D 64 4.67 -8.02 3.98
CA PHE D 64 4.23 -9.42 4.02
C PHE D 64 2.80 -9.53 4.47
N SER D 65 2.02 -10.34 3.76
CA SER D 65 0.65 -10.59 4.15
C SER D 65 0.22 -11.97 3.70
N GLY D 66 -0.78 -12.52 4.39
CA GLY D 66 -1.29 -13.82 4.04
C GLY D 66 -2.81 -13.82 4.09
N SER D 67 -3.42 -14.78 3.42
CA SER D 67 -4.86 -14.93 3.42
C SER D 67 -5.22 -16.36 3.05
N GLY D 68 -6.51 -16.68 3.14
CA GLY D 68 -7.01 -17.99 2.80
C GLY D 68 -7.68 -18.65 3.98
N SER D 69 -8.35 -19.76 3.71
CA SER D 69 -9.01 -20.53 4.75
C SER D 69 -9.14 -21.97 4.26
N GLY D 70 -9.47 -22.87 5.19
CA GLY D 70 -9.73 -24.24 4.85
C GLY D 70 -8.53 -24.98 4.31
N THR D 71 -8.40 -25.04 2.99
CA THR D 71 -7.35 -25.85 2.39
C THR D 71 -6.46 -25.08 1.42
N HIS D 72 -6.78 -23.82 1.18
CA HIS D 72 -6.04 -22.99 0.22
C HIS D 72 -5.56 -21.69 0.86
N PHE D 73 -4.26 -21.43 0.75
CA PHE D 73 -3.65 -20.27 1.40
C PHE D 73 -2.61 -19.57 0.51
N THR D 74 -2.43 -18.28 0.72
CA THR D 74 -1.40 -17.53 0.03
C THR D 74 -0.55 -16.68 0.95
N LEU D 75 0.69 -16.48 0.54
CA LEU D 75 1.59 -15.48 1.10
C LEU D 75 1.88 -14.49 -0.01
N THR D 76 1.73 -13.20 0.30
CA THR D 76 2.00 -12.18 -0.70
C THR D 76 3.08 -11.24 -0.20
N ILE D 77 4.13 -11.08 -1.01
CA ILE D 77 5.21 -10.15 -0.69
C ILE D 77 5.16 -8.98 -1.66
N SER D 78 4.96 -7.78 -1.13
CA SER D 78 4.94 -6.59 -1.96
C SER D 78 6.15 -5.71 -1.67
N GLY D 79 6.54 -4.88 -2.63
CA GLY D 79 7.70 -4.03 -2.47
C GLY D 79 8.94 -4.86 -2.25
N VAL D 80 9.04 -5.95 -3.02
CA VAL D 80 10.09 -6.94 -2.89
C VAL D 80 11.49 -6.35 -2.79
N GLN D 81 12.26 -6.84 -1.82
CA GLN D 81 13.65 -6.43 -1.66
C GLN D 81 14.58 -7.62 -1.88
N CYS D 82 15.86 -7.35 -2.05
CA CYS D 82 16.86 -8.40 -2.20
C CYS D 82 16.93 -9.24 -0.93
N ASP D 83 16.63 -8.61 0.19
CA ASP D 83 16.59 -9.28 1.47
C ASP D 83 15.48 -10.35 1.56
N ASP D 84 14.59 -10.37 0.56
CA ASP D 84 13.51 -11.37 0.53
C ASP D 84 13.93 -12.63 -0.23
N ALA D 85 15.12 -12.59 -0.83
CA ALA D 85 15.65 -13.77 -1.50
C ALA D 85 15.83 -14.89 -0.47
N ALA D 86 15.00 -15.91 -0.59
CA ALA D 86 14.86 -16.93 0.43
C ALA D 86 13.93 -18.02 -0.04
N THR D 87 13.78 -19.06 0.78
CA THR D 87 12.78 -20.08 0.55
C THR D 87 11.64 -19.93 1.57
N TYR D 88 10.40 -20.02 1.09
CA TYR D 88 9.26 -19.84 1.96
C TYR D 88 8.50 -21.13 2.17
N TYR D 89 8.23 -21.45 3.42
CA TYR D 89 7.56 -22.70 3.79
C TYR D 89 6.24 -22.42 4.48
N CYS D 90 5.22 -23.18 4.12
CA CYS D 90 3.98 -23.13 4.87
C CYS D 90 3.94 -24.31 5.84
N LEU D 91 3.31 -24.11 6.99
CA LEU D 91 3.12 -25.19 7.96
C LEU D 91 1.63 -25.37 8.22
N GLY D 92 1.12 -26.56 7.94
CA GLY D 92 -0.27 -26.88 8.22
C GLY D 92 -0.42 -27.49 9.60
N GLY D 93 -1.28 -26.88 10.42
CA GLY D 93 -1.58 -27.41 11.74
C GLY D 93 -2.94 -28.06 11.76
N TYR D 94 -3.05 -29.20 12.46
CA TYR D 94 -4.29 -29.96 12.48
C TYR D 94 -4.70 -30.33 13.91
N TYR D 95 -5.87 -30.94 14.03
CA TYR D 95 -6.41 -31.33 15.34
C TYR D 95 -5.39 -32.13 16.13
N ASP D 96 -4.85 -33.17 15.49
CA ASP D 96 -3.74 -33.93 16.04
C ASP D 96 -2.41 -33.31 15.59
N ASP D 97 -1.58 -32.93 16.56
CA ASP D 97 -0.24 -32.41 16.31
C ASP D 97 0.59 -33.34 15.42
N ALA D 98 0.40 -34.64 15.59
CA ALA D 98 1.14 -35.63 14.81
C ALA D 98 0.99 -35.48 13.28
N ASP D 99 -0.03 -34.74 12.85
CA ASP D 99 -0.29 -34.56 11.41
C ASP D 99 0.34 -33.29 10.84
N ASP D 100 0.82 -32.41 11.71
CA ASP D 100 1.36 -31.13 11.28
C ASP D 100 2.47 -31.35 10.25
N THR D 101 2.41 -30.62 9.15
CA THR D 101 3.32 -30.86 8.05
C THR D 101 3.74 -29.58 7.34
N PHE D 102 5.02 -29.49 6.98
CA PHE D 102 5.53 -28.40 6.15
C PHE D 102 5.26 -28.70 4.67
N GLY D 103 5.03 -27.64 3.90
CA GLY D 103 5.05 -27.74 2.45
C GLY D 103 6.47 -27.90 1.92
N GLY D 104 6.59 -28.16 0.63
CA GLY D 104 7.87 -28.40 -0.02
C GLY D 104 8.76 -27.18 -0.12
N GLY D 105 8.20 -26.00 0.09
CA GLY D 105 9.01 -24.79 0.01
C GLY D 105 9.05 -24.16 -1.37
N THR D 106 8.99 -22.83 -1.41
CA THR D 106 9.06 -22.09 -2.66
C THR D 106 10.22 -21.09 -2.65
N GLU D 107 11.25 -21.37 -3.44
CA GLU D 107 12.39 -20.46 -3.53
C GLU D 107 12.04 -19.21 -4.34
N VAL D 108 12.18 -18.05 -3.73
CA VAL D 108 11.97 -16.79 -4.43
C VAL D 108 13.29 -16.17 -4.86
N VAL D 109 13.44 -15.98 -6.17
CA VAL D 109 14.60 -15.33 -6.76
C VAL D 109 14.30 -13.86 -7.07
N VAL D 110 15.08 -12.95 -6.49
CA VAL D 110 14.86 -11.53 -6.68
C VAL D 110 15.74 -10.93 -7.78
N LYS D 111 15.10 -10.34 -8.78
CA LYS D 111 15.80 -9.74 -9.91
C LYS D 111 16.20 -8.28 -9.63
N GLY D 112 17.48 -8.08 -9.33
CA GLY D 112 18.01 -6.74 -9.15
C GLY D 112 18.71 -6.27 -10.42
N ASP D 113 19.64 -5.33 -10.28
CA ASP D 113 20.41 -4.83 -11.41
C ASP D 113 21.37 -5.89 -11.91
N PRO D 114 21.37 -6.15 -13.23
CA PRO D 114 22.31 -7.11 -13.81
C PRO D 114 23.76 -6.64 -13.66
N VAL D 115 24.65 -7.54 -13.24
CA VAL D 115 26.06 -7.23 -13.11
C VAL D 115 26.91 -8.33 -13.75
N ALA D 116 27.90 -7.93 -14.56
CA ALA D 116 28.84 -8.89 -15.11
C ALA D 116 29.83 -9.28 -14.03
N PRO D 117 30.29 -10.54 -14.04
CA PRO D 117 31.15 -11.06 -12.96
C PRO D 117 32.60 -10.60 -13.01
N THR D 118 33.22 -10.49 -11.84
CA THR D 118 34.66 -10.36 -11.71
C THR D 118 35.25 -11.78 -11.60
N VAL D 119 36.09 -12.14 -12.56
CA VAL D 119 36.58 -13.52 -12.62
C VAL D 119 38.05 -13.61 -12.23
N LEU D 120 38.35 -14.55 -11.33
CA LEU D 120 39.71 -14.75 -10.83
C LEU D 120 40.08 -16.23 -10.90
N ILE D 121 41.33 -16.53 -11.22
CA ILE D 121 41.77 -17.91 -11.23
C ILE D 121 43.01 -18.07 -10.35
N PHE D 122 43.08 -19.17 -9.61
CA PHE D 122 44.18 -19.40 -8.68
C PHE D 122 44.86 -20.72 -8.98
N PRO D 123 46.16 -20.68 -9.33
CA PRO D 123 46.92 -21.92 -9.49
C PRO D 123 47.04 -22.64 -8.15
N PRO D 124 47.19 -23.98 -8.19
CA PRO D 124 47.36 -24.73 -6.95
C PRO D 124 48.68 -24.37 -6.27
N ALA D 125 48.65 -24.21 -4.95
CA ALA D 125 49.86 -23.89 -4.20
C ALA D 125 50.89 -25.02 -4.33
N ALA D 126 52.14 -24.68 -4.05
CA ALA D 126 53.25 -25.63 -4.17
C ALA D 126 53.04 -26.87 -3.31
N ASP D 127 52.67 -26.67 -2.06
CA ASP D 127 52.54 -27.77 -1.11
C ASP D 127 51.39 -28.71 -1.45
N GLN D 128 50.46 -28.25 -2.27
CA GLN D 128 49.31 -29.07 -2.64
C GLN D 128 49.67 -30.16 -3.64
N VAL D 129 50.57 -29.85 -4.57
CA VAL D 129 51.00 -30.82 -5.57
C VAL D 129 51.67 -32.03 -4.90
N ALA D 130 52.38 -31.77 -3.80
CA ALA D 130 53.07 -32.82 -3.06
C ALA D 130 52.11 -33.89 -2.57
N THR D 131 50.84 -33.54 -2.43
CA THR D 131 49.84 -34.45 -1.87
C THR D 131 49.29 -35.43 -2.90
N GLY D 132 49.63 -35.23 -4.17
CA GLY D 132 49.14 -36.12 -5.23
C GLY D 132 47.85 -35.63 -5.88
N THR D 133 47.20 -34.67 -5.25
CA THR D 133 45.98 -34.12 -5.81
C THR D 133 46.07 -32.59 -5.84
N VAL D 134 45.66 -32.00 -6.96
CA VAL D 134 45.64 -30.55 -7.05
C VAL D 134 44.24 -30.04 -7.33
N THR D 135 43.94 -28.87 -6.79
CA THR D 135 42.68 -28.21 -7.03
C THR D 135 42.91 -26.82 -7.57
N ILE D 136 42.40 -26.58 -8.77
CA ILE D 136 42.46 -25.24 -9.35
C ILE D 136 41.16 -24.55 -9.03
N VAL D 137 41.25 -23.31 -8.53
CA VAL D 137 40.06 -22.58 -8.14
C VAL D 137 39.78 -21.41 -9.08
N CYS D 138 38.56 -21.38 -9.61
CA CYS D 138 38.09 -20.21 -10.33
C CYS D 138 36.92 -19.61 -9.58
N VAL D 139 36.92 -18.29 -9.51
CA VAL D 139 35.89 -17.57 -8.78
C VAL D 139 35.24 -16.48 -9.64
N ALA D 140 33.92 -16.45 -9.65
CA ALA D 140 33.16 -15.40 -10.30
C ALA D 140 32.41 -14.61 -9.22
N ASN D 141 32.87 -13.39 -8.96
CA ASN D 141 32.34 -12.60 -7.85
C ASN D 141 31.35 -11.52 -8.28
N LYS D 142 30.33 -11.32 -7.46
CA LYS D 142 29.38 -10.21 -7.60
C LYS D 142 28.74 -10.15 -8.99
N TYR D 143 27.86 -11.11 -9.29
CA TYR D 143 27.24 -11.15 -10.60
C TYR D 143 25.74 -11.42 -10.54
N PHE D 144 25.05 -11.04 -11.62
CA PHE D 144 23.65 -11.36 -11.85
C PHE D 144 23.32 -10.99 -13.30
N PRO D 145 22.57 -11.86 -14.00
CA PRO D 145 21.95 -13.13 -13.60
C PRO D 145 22.94 -14.28 -13.66
N ASP D 146 22.42 -15.52 -13.64
CA ASP D 146 23.26 -16.71 -13.56
C ASP D 146 24.31 -16.80 -14.65
N VAL D 147 25.37 -17.56 -14.37
CA VAL D 147 26.45 -17.78 -15.31
C VAL D 147 26.69 -19.27 -15.49
N THR D 148 27.42 -19.63 -16.54
CA THR D 148 27.90 -20.99 -16.71
C THR D 148 29.42 -20.97 -16.74
N VAL D 149 30.05 -22.03 -16.26
CA VAL D 149 31.50 -22.08 -16.18
C VAL D 149 32.03 -23.14 -17.12
N THR D 150 33.11 -22.82 -17.82
CA THR D 150 33.79 -23.78 -18.67
C THR D 150 35.26 -23.85 -18.29
N TRP D 151 35.77 -25.06 -18.15
CA TRP D 151 37.20 -25.25 -17.89
C TRP D 151 37.90 -25.74 -19.15
N GLU D 152 39.11 -25.23 -19.38
CA GLU D 152 39.90 -25.66 -20.53
C GLU D 152 41.33 -25.95 -20.13
N VAL D 153 41.86 -27.05 -20.62
CA VAL D 153 43.23 -27.46 -20.33
C VAL D 153 43.96 -27.70 -21.65
N ASP D 154 44.94 -26.85 -21.94
CA ASP D 154 45.60 -26.81 -23.24
C ASP D 154 44.59 -26.83 -24.38
N GLY D 155 43.59 -25.96 -24.29
CA GLY D 155 42.59 -25.82 -25.33
C GLY D 155 41.41 -26.77 -25.22
N THR D 156 41.60 -27.90 -24.54
CA THR D 156 40.56 -28.91 -24.44
C THR D 156 39.57 -28.64 -23.31
N THR D 157 38.29 -28.54 -23.67
CA THR D 157 37.21 -28.37 -22.70
C THR D 157 37.18 -29.56 -21.75
N GLN D 158 37.09 -29.27 -20.45
CA GLN D 158 37.03 -30.32 -19.44
C GLN D 158 35.61 -30.82 -19.21
N THR D 159 35.48 -32.12 -18.99
CA THR D 159 34.17 -32.75 -18.83
C THR D 159 33.98 -33.37 -17.45
N THR D 160 35.07 -33.62 -16.73
CA THR D 160 34.98 -34.21 -15.40
C THR D 160 35.88 -33.48 -14.40
N GLY D 161 35.68 -33.77 -13.11
CA GLY D 161 36.51 -33.19 -12.06
C GLY D 161 36.10 -31.78 -11.65
N ILE D 162 34.87 -31.39 -11.99
CA ILE D 162 34.43 -30.02 -11.79
C ILE D 162 33.36 -29.93 -10.70
N GLU D 163 33.52 -28.97 -9.80
CA GLU D 163 32.55 -28.75 -8.74
C GLU D 163 32.21 -27.27 -8.64
N ASN D 164 30.92 -26.96 -8.60
CA ASN D 164 30.47 -25.59 -8.54
C ASN D 164 29.72 -25.34 -7.25
N SER D 165 29.94 -24.17 -6.67
CA SER D 165 29.24 -23.79 -5.44
C SER D 165 28.86 -22.32 -5.48
N LYS D 166 27.57 -22.05 -5.52
CA LYS D 166 27.07 -20.69 -5.62
C LYS D 166 26.51 -20.21 -4.29
N THR D 167 26.93 -19.03 -3.85
CA THR D 167 26.40 -18.42 -2.64
C THR D 167 24.92 -18.07 -2.82
N PRO D 168 24.20 -17.84 -1.70
CA PRO D 168 22.85 -17.29 -1.89
C PRO D 168 22.92 -15.87 -2.43
N GLN D 169 21.79 -15.31 -2.85
CA GLN D 169 21.78 -13.94 -3.36
C GLN D 169 22.18 -12.98 -2.27
N ASN D 170 22.97 -11.97 -2.63
CA ASN D 170 23.35 -10.94 -1.69
C ASN D 170 22.12 -10.15 -1.23
N SER D 171 21.97 -10.00 0.08
CA SER D 171 20.77 -9.38 0.65
C SER D 171 20.67 -7.89 0.39
N ALA D 172 21.71 -7.30 -0.21
CA ALA D 172 21.71 -5.87 -0.50
C ALA D 172 21.52 -5.56 -1.99
N ASP D 173 22.14 -6.36 -2.86
CA ASP D 173 22.10 -6.08 -4.30
C ASP D 173 21.78 -7.30 -5.19
N CYS D 174 21.33 -8.38 -4.56
CA CYS D 174 20.81 -9.56 -5.27
C CYS D 174 21.85 -10.37 -6.06
N THR D 175 23.13 -10.02 -5.93
CA THR D 175 24.17 -10.70 -6.70
C THR D 175 24.66 -12.03 -6.08
N TYR D 176 25.18 -12.90 -6.94
CA TYR D 176 25.79 -14.16 -6.52
C TYR D 176 27.32 -14.07 -6.50
N ASN D 177 27.93 -14.99 -5.74
CA ASN D 177 29.35 -15.29 -5.89
C ASN D 177 29.44 -16.78 -6.18
N LEU D 178 30.39 -17.16 -7.03
CA LEU D 178 30.52 -18.57 -7.41
C LEU D 178 31.96 -19.02 -7.40
N SER D 179 32.21 -20.22 -6.87
CA SER D 179 33.51 -20.84 -7.00
C SER D 179 33.39 -22.11 -7.82
N SER D 180 34.35 -22.32 -8.71
CA SER D 180 34.40 -23.52 -9.51
C SER D 180 35.78 -24.15 -9.36
N THR D 181 35.82 -25.43 -9.01
CA THR D 181 37.09 -26.09 -8.80
C THR D 181 37.32 -27.20 -9.84
N LEU D 182 38.55 -27.27 -10.36
CA LEU D 182 38.92 -28.36 -11.24
C LEU D 182 39.93 -29.22 -10.49
N THR D 183 39.59 -30.49 -10.30
CA THR D 183 40.43 -31.40 -9.53
C THR D 183 41.08 -32.43 -10.43
N LEU D 184 42.39 -32.52 -10.33
CA LEU D 184 43.16 -33.47 -11.13
C LEU D 184 44.20 -34.17 -10.24
N THR D 185 44.75 -35.28 -10.71
CA THR D 185 45.90 -35.87 -10.03
C THR D 185 47.09 -34.98 -10.38
N SER D 186 48.12 -34.97 -9.52
CA SER D 186 49.28 -34.11 -9.74
C SER D 186 49.97 -34.40 -11.09
N THR D 187 49.95 -35.66 -11.49
CA THR D 187 50.57 -36.08 -12.74
C THR D 187 49.82 -35.47 -13.92
N GLN D 188 48.48 -35.50 -13.84
CA GLN D 188 47.64 -34.84 -14.83
C GLN D 188 47.98 -33.37 -14.95
N TYR D 189 48.11 -32.70 -13.80
CA TYR D 189 48.38 -31.28 -13.76
C TYR D 189 49.73 -30.94 -14.40
N ASN D 190 50.74 -31.74 -14.08
CA ASN D 190 52.10 -31.53 -14.59
C ASN D 190 52.24 -31.94 -16.05
N SER D 191 51.23 -32.64 -16.57
CA SER D 191 51.27 -33.09 -17.96
C SER D 191 50.77 -32.03 -18.94
N HIS D 192 50.27 -30.92 -18.42
CA HIS D 192 49.72 -29.87 -19.27
C HIS D 192 50.26 -28.48 -18.92
N LYS D 193 50.05 -27.52 -19.82
CA LYS D 193 50.62 -26.18 -19.67
C LYS D 193 49.57 -25.11 -19.35
N GLU D 194 48.48 -25.08 -20.13
CA GLU D 194 47.51 -23.99 -20.05
C GLU D 194 46.22 -24.34 -19.33
N TYR D 195 45.86 -23.53 -18.36
CA TYR D 195 44.65 -23.74 -17.57
C TYR D 195 43.74 -22.52 -17.67
N THR D 196 42.51 -22.76 -18.10
CA THR D 196 41.59 -21.70 -18.46
C THR D 196 40.22 -21.80 -17.81
N CYS D 197 39.80 -20.72 -17.17
CA CYS D 197 38.46 -20.62 -16.61
CA CYS D 197 38.46 -20.62 -16.61
C CYS D 197 37.62 -19.62 -17.40
N LYS D 198 36.57 -20.11 -18.05
CA LYS D 198 35.74 -19.26 -18.87
C LYS D 198 34.32 -19.19 -18.31
N VAL D 199 33.93 -17.99 -17.90
CA VAL D 199 32.62 -17.77 -17.29
C VAL D 199 31.70 -17.02 -18.24
N THR D 200 30.59 -17.63 -18.60
CA THR D 200 29.70 -17.09 -19.62
C THR D 200 28.38 -16.59 -19.04
N GLN D 201 27.98 -15.40 -19.45
CA GLN D 201 26.74 -14.79 -19.03
C GLN D 201 26.01 -14.34 -20.29
N GLY D 202 25.14 -15.20 -20.81
CA GLY D 202 24.46 -14.95 -22.06
C GLY D 202 25.38 -15.20 -23.24
N THR D 203 25.71 -14.15 -23.97
CA THR D 203 26.63 -14.25 -25.11
C THR D 203 27.99 -13.68 -24.72
N THR D 204 28.10 -13.25 -23.47
CA THR D 204 29.32 -12.64 -22.96
C THR D 204 30.15 -13.63 -22.16
N SER D 205 31.46 -13.63 -22.40
CA SER D 205 32.38 -14.47 -21.65
C SER D 205 33.52 -13.66 -21.06
N VAL D 206 33.86 -13.98 -19.82
CA VAL D 206 35.08 -13.44 -19.21
C VAL D 206 36.01 -14.62 -18.97
N VAL D 207 37.21 -14.53 -19.52
CA VAL D 207 38.12 -15.65 -19.52
C VAL D 207 39.35 -15.31 -18.72
N GLN D 208 39.78 -16.24 -17.88
CA GLN D 208 40.94 -16.03 -17.05
C GLN D 208 41.86 -17.24 -17.18
N SER D 209 43.16 -17.01 -17.30
CA SER D 209 44.09 -18.10 -17.57
C SER D 209 45.43 -17.95 -16.88
N PHE D 210 46.11 -19.08 -16.72
CA PHE D 210 47.50 -19.09 -16.30
C PHE D 210 48.19 -20.27 -16.98
N ASN D 211 49.51 -20.17 -17.08
CA ASN D 211 50.32 -21.23 -17.66
C ASN D 211 51.18 -21.88 -16.57
N ARG D 212 51.00 -23.18 -16.37
CA ARG D 212 51.84 -23.90 -15.41
C ARG D 212 53.30 -23.76 -15.83
N GLY D 213 54.10 -23.15 -14.97
CA GLY D 213 55.47 -22.84 -15.32
C GLY D 213 55.83 -21.40 -15.01
N ASP D 214 54.92 -20.48 -15.34
CA ASP D 214 55.07 -19.09 -14.92
C ASP D 214 54.77 -18.95 -13.43
N CYS D 215 54.35 -20.05 -12.82
CA CYS D 215 53.94 -20.06 -11.41
C CYS D 215 54.97 -20.80 -10.55
N PCA E 1 -26.20 47.71 2.56
CA PCA E 1 -27.00 47.76 1.34
CB PCA E 1 -27.47 49.18 1.06
CG PCA E 1 -26.56 50.09 1.87
CD PCA E 1 -25.93 49.13 2.84
OE PCA E 1 -25.27 49.51 3.80
C PCA E 1 -26.14 47.32 0.18
O PCA E 1 -26.65 47.04 -0.91
N GLU E 2 -24.83 47.27 0.41
CA GLU E 2 -23.87 46.79 -0.57
C GLU E 2 -24.28 45.41 -1.10
N GLN E 3 -24.47 45.32 -2.42
CA GLN E 3 -24.94 44.08 -3.01
C GLN E 3 -24.43 43.86 -4.43
N LEU E 4 -24.16 42.59 -4.74
CA LEU E 4 -23.78 42.17 -6.07
C LEU E 4 -24.80 41.17 -6.61
N LYS E 5 -25.22 41.37 -7.85
CA LYS E 5 -26.08 40.37 -8.48
C LYS E 5 -25.58 40.00 -9.86
N GLU E 6 -25.21 38.74 -10.00
CA GLU E 6 -24.78 38.20 -11.29
C GLU E 6 -26.02 37.86 -12.12
N SER E 7 -25.87 37.89 -13.44
CA SER E 7 -26.94 37.45 -14.33
C SER E 7 -26.34 37.09 -15.67
N GLY E 8 -27.10 36.35 -16.47
CA GLY E 8 -26.67 36.00 -17.82
C GLY E 8 -26.41 34.52 -18.00
N GLY E 9 -26.29 33.79 -16.90
CA GLY E 9 -26.02 32.37 -16.97
C GLY E 9 -27.17 31.61 -17.62
N ARG E 10 -26.84 30.63 -18.45
CA ARG E 10 -27.86 29.82 -19.11
C ARG E 10 -27.20 28.69 -19.88
N LEU E 11 -28.01 27.88 -20.55
CA LEU E 11 -27.49 26.79 -21.38
C LEU E 11 -27.08 27.31 -22.76
N VAL E 12 -25.81 27.13 -23.11
CA VAL E 12 -25.30 27.49 -24.43
C VAL E 12 -24.56 26.33 -25.09
N ALA E 13 -24.68 26.25 -26.41
CA ALA E 13 -23.92 25.29 -27.19
C ALA E 13 -22.45 25.68 -27.20
N PRO E 14 -21.54 24.69 -27.24
CA PRO E 14 -20.10 24.98 -27.26
C PRO E 14 -19.71 25.91 -28.39
N GLY E 15 -18.83 26.87 -28.11
CA GLY E 15 -18.38 27.80 -29.12
C GLY E 15 -19.21 29.07 -29.24
N THR E 16 -20.44 29.03 -28.72
CA THR E 16 -21.33 30.19 -28.77
C THR E 16 -21.01 31.20 -27.68
N PRO E 17 -20.49 32.38 -28.06
CA PRO E 17 -20.07 33.40 -27.09
C PRO E 17 -21.19 33.78 -26.12
N LEU E 18 -20.82 34.06 -24.88
CA LEU E 18 -21.78 34.34 -23.82
C LEU E 18 -21.27 35.44 -22.90
N THR E 19 -22.12 36.40 -22.56
CA THR E 19 -21.71 37.47 -21.66
C THR E 19 -22.45 37.43 -20.31
N LEU E 20 -21.69 37.40 -19.22
CA LEU E 20 -22.26 37.44 -17.88
C LEU E 20 -22.19 38.86 -17.34
N THR E 21 -23.19 39.25 -16.55
CA THR E 21 -23.21 40.60 -16.01
C THR E 21 -23.30 40.59 -14.51
N CYS E 22 -22.49 41.44 -13.88
CA CYS E 22 -22.55 41.64 -12.45
C CYS E 22 -23.01 43.06 -12.18
N THR E 23 -24.20 43.19 -11.59
CA THR E 23 -24.76 44.50 -11.32
C THR E 23 -24.51 44.90 -9.86
N VAL E 24 -24.10 46.15 -9.67
CA VAL E 24 -23.68 46.66 -8.38
C VAL E 24 -24.74 47.58 -7.76
N SER E 25 -24.90 47.48 -6.44
CA SER E 25 -25.74 48.42 -5.70
C SER E 25 -25.14 48.67 -4.32
N GLY E 26 -25.34 49.87 -3.79
CA GLY E 26 -24.88 50.20 -2.45
C GLY E 26 -23.47 50.77 -2.44
N PHE E 27 -22.81 50.75 -3.59
CA PHE E 27 -21.48 51.36 -3.71
C PHE E 27 -21.16 51.75 -5.16
N ASP E 28 -20.00 52.38 -5.34
CA ASP E 28 -19.56 52.82 -6.65
C ASP E 28 -18.38 51.95 -7.10
N ILE E 29 -18.49 51.40 -8.31
CA ILE E 29 -17.42 50.56 -8.87
C ILE E 29 -16.10 51.33 -8.94
N SER E 30 -16.20 52.63 -9.15
CA SER E 30 -15.03 53.48 -9.35
C SER E 30 -14.23 53.71 -8.07
N ASP E 31 -14.68 53.12 -6.96
CA ASP E 31 -13.95 53.23 -5.70
C ASP E 31 -13.27 51.91 -5.31
N TYR E 32 -13.45 50.90 -6.13
CA TYR E 32 -13.01 49.56 -5.78
C TYR E 32 -12.40 48.83 -6.97
N ALA E 33 -12.34 47.51 -6.85
CA ALA E 33 -11.98 46.64 -7.96
C ALA E 33 -12.98 45.49 -7.99
N MET E 34 -13.24 44.96 -9.18
CA MET E 34 -14.19 43.87 -9.35
C MET E 34 -13.48 42.65 -9.92
N ILE E 35 -13.79 41.49 -9.37
CA ILE E 35 -13.06 40.28 -9.66
C ILE E 35 -14.02 39.17 -10.10
N TRP E 36 -13.65 38.42 -11.13
CA TRP E 36 -14.42 37.23 -11.50
C TRP E 36 -13.75 35.94 -11.04
N VAL E 37 -14.57 35.06 -10.46
CA VAL E 37 -14.13 33.77 -9.94
C VAL E 37 -15.15 32.73 -10.40
N ARG E 38 -14.73 31.50 -10.65
CA ARG E 38 -15.69 30.46 -10.98
C ARG E 38 -15.47 29.14 -10.26
N GLN E 39 -16.50 28.29 -10.29
CA GLN E 39 -16.41 26.96 -9.74
C GLN E 39 -17.19 25.95 -10.57
N ALA E 40 -16.48 25.06 -11.25
CA ALA E 40 -17.12 23.97 -11.97
C ALA E 40 -17.70 23.03 -10.94
N PRO E 41 -18.78 22.32 -11.30
CA PRO E 41 -19.45 21.45 -10.32
C PRO E 41 -18.53 20.36 -9.78
N GLY E 42 -18.49 20.23 -8.45
CA GLY E 42 -17.65 19.24 -7.81
C GLY E 42 -16.16 19.55 -7.84
N LYS E 43 -15.80 20.77 -8.21
CA LYS E 43 -14.40 21.16 -8.29
C LYS E 43 -14.12 22.41 -7.44
N GLY E 44 -12.90 22.96 -7.57
CA GLY E 44 -12.45 24.03 -6.71
C GLY E 44 -12.67 25.43 -7.27
N LEU E 45 -12.45 26.45 -6.45
CA LEU E 45 -12.58 27.84 -6.88
C LEU E 45 -11.46 28.20 -7.86
N GLU E 46 -11.79 28.99 -8.87
CA GLU E 46 -10.81 29.34 -9.89
C GLU E 46 -10.86 30.83 -10.22
N TRP E 47 -9.75 31.50 -9.95
CA TRP E 47 -9.58 32.93 -10.20
C TRP E 47 -9.49 33.22 -11.71
N ILE E 48 -10.29 34.16 -12.20
CA ILE E 48 -10.33 34.46 -13.64
C ILE E 48 -9.71 35.81 -14.03
N GLY E 49 -10.10 36.87 -13.34
CA GLY E 49 -9.60 38.18 -13.70
C GLY E 49 -10.16 39.30 -12.86
N ILE E 50 -9.58 40.49 -13.04
CA ILE E 50 -9.95 41.66 -12.27
C ILE E 50 -10.05 42.89 -13.17
N ILE E 51 -10.98 43.78 -12.85
CA ILE E 51 -11.01 45.10 -13.45
C ILE E 51 -11.11 46.11 -12.33
N TYR E 52 -10.25 47.12 -12.37
CA TYR E 52 -10.21 48.12 -11.31
C TYR E 52 -11.11 49.29 -11.69
N GLY E 53 -11.70 49.94 -10.69
CA GLY E 53 -12.44 51.17 -10.91
C GLY E 53 -11.69 52.35 -10.34
N VAL E 54 -11.10 52.14 -9.16
CA VAL E 54 -10.38 53.19 -8.43
C VAL E 54 -9.13 53.63 -9.18
N ILE E 55 -8.48 52.68 -9.85
CA ILE E 55 -7.44 53.00 -10.81
C ILE E 55 -7.95 52.40 -12.10
N ASN E 56 -7.27 52.64 -13.21
CA ASN E 56 -7.75 52.12 -14.48
C ASN E 56 -6.85 51.02 -14.99
N ASP E 57 -7.14 49.81 -14.50
CA ASP E 57 -6.27 48.67 -14.72
C ASP E 57 -7.12 47.42 -14.92
N LEU E 58 -6.52 46.39 -15.52
CA LEU E 58 -7.24 45.19 -15.90
C LEU E 58 -6.25 44.05 -16.05
N ALA E 59 -6.64 42.85 -15.61
CA ALA E 59 -5.77 41.70 -15.77
C ALA E 59 -6.55 40.39 -15.86
N TYR E 60 -6.06 39.47 -16.67
CA TYR E 60 -6.61 38.12 -16.76
C TYR E 60 -5.62 37.12 -16.18
N ALA E 61 -6.12 36.02 -15.65
CA ALA E 61 -5.26 34.92 -15.22
C ALA E 61 -4.36 34.49 -16.38
N LYS E 62 -3.10 34.17 -16.09
CA LYS E 62 -2.14 33.79 -17.13
C LYS E 62 -2.62 32.71 -18.07
N TRP E 63 -3.51 31.85 -17.59
CA TRP E 63 -3.97 30.73 -18.40
C TRP E 63 -5.18 31.10 -19.24
N ALA E 64 -5.71 32.31 -19.05
CA ALA E 64 -6.90 32.73 -19.77
C ALA E 64 -6.62 32.67 -21.27
N LYS E 65 -5.56 33.34 -21.69
CA LYS E 65 -5.13 33.33 -23.09
C LYS E 65 -6.26 33.73 -24.04
N GLY E 66 -6.96 34.79 -23.68
CA GLY E 66 -8.00 35.35 -24.53
C GLY E 66 -9.35 34.65 -24.44
N ARG E 67 -9.50 33.75 -23.47
CA ARG E 67 -10.76 33.04 -23.30
C ARG E 67 -11.84 33.96 -22.70
N PHE E 68 -11.43 35.09 -22.13
CA PHE E 68 -12.37 35.98 -21.47
C PHE E 68 -12.14 37.46 -21.81
N THR E 69 -13.24 38.21 -21.83
CA THR E 69 -13.20 39.67 -21.93
C THR E 69 -13.91 40.28 -20.74
N ILE E 70 -13.29 41.28 -20.12
CA ILE E 70 -13.90 41.97 -18.99
C ILE E 70 -13.95 43.47 -19.23
N SER E 71 -15.12 44.06 -19.01
CA SER E 71 -15.30 45.49 -19.21
C SER E 71 -16.31 46.04 -18.19
N ARG E 72 -16.38 47.35 -18.07
CA ARG E 72 -17.29 47.95 -17.11
C ARG E 72 -18.26 48.95 -17.73
N THR E 73 -19.38 49.16 -17.06
CA THR E 73 -20.19 50.35 -17.27
C THR E 73 -20.11 51.14 -15.98
N SER E 74 -21.02 52.08 -15.77
CA SER E 74 -21.00 52.84 -14.55
C SER E 74 -21.56 52.06 -13.35
N THR E 75 -22.41 51.06 -13.62
CA THR E 75 -23.07 50.32 -12.54
C THR E 75 -22.95 48.80 -12.66
N THR E 76 -22.27 48.33 -13.70
CA THR E 76 -22.12 46.89 -13.91
C THR E 76 -20.70 46.54 -14.28
N VAL E 77 -20.38 45.27 -14.15
CA VAL E 77 -19.16 44.73 -14.72
C VAL E 77 -19.55 43.51 -15.53
N ASP E 78 -18.83 43.23 -16.61
CA ASP E 78 -19.23 42.18 -17.53
C ASP E 78 -18.13 41.15 -17.73
N LEU E 79 -18.52 39.94 -18.10
CA LEU E 79 -17.55 38.91 -18.44
C LEU E 79 -18.02 38.18 -19.69
N LYS E 80 -17.26 38.33 -20.76
CA LYS E 80 -17.55 37.65 -22.00
C LYS E 80 -16.72 36.39 -22.10
N ILE E 81 -17.37 35.24 -22.22
CA ILE E 81 -16.67 33.99 -22.47
C ILE E 81 -16.63 33.79 -23.98
N THR E 82 -15.48 34.08 -24.60
CA THR E 82 -15.41 34.22 -26.05
C THR E 82 -15.72 32.92 -26.81
N SER E 83 -15.16 31.81 -26.37
CA SER E 83 -15.48 30.52 -26.99
C SER E 83 -15.62 29.41 -25.95
N PRO E 84 -16.84 29.25 -25.41
CA PRO E 84 -17.12 28.31 -24.31
C PRO E 84 -16.93 26.83 -24.67
N THR E 85 -16.24 26.11 -23.79
CA THR E 85 -16.12 24.67 -23.87
C THR E 85 -16.80 24.02 -22.67
N THR E 86 -16.86 22.70 -22.64
CA THR E 86 -17.47 22.00 -21.51
C THR E 86 -16.70 22.28 -20.22
N GLU E 87 -15.43 22.65 -20.37
CA GLU E 87 -14.60 23.06 -19.25
C GLU E 87 -15.11 24.35 -18.61
N ASP E 88 -15.97 25.06 -19.33
CA ASP E 88 -16.46 26.35 -18.86
C ASP E 88 -17.82 26.26 -18.17
N THR E 89 -18.40 25.07 -18.13
CA THR E 89 -19.58 24.83 -17.29
C THR E 89 -19.21 25.02 -15.83
N ALA E 90 -19.85 26.00 -15.19
CA ALA E 90 -19.48 26.43 -13.85
C ALA E 90 -20.46 27.47 -13.32
N THR E 91 -20.35 27.76 -12.03
CA THR E 91 -21.03 28.89 -11.42
C THR E 91 -20.03 30.03 -11.37
N TYR E 92 -20.40 31.19 -11.91
CA TYR E 92 -19.47 32.31 -11.97
C TYR E 92 -19.85 33.34 -10.92
N PHE E 93 -18.87 33.75 -10.11
CA PHE E 93 -19.09 34.73 -9.05
C PHE E 93 -18.33 36.00 -9.38
N CYS E 94 -18.90 37.15 -9.03
CA CYS E 94 -18.12 38.37 -9.06
C CYS E 94 -17.94 38.85 -7.62
N ALA E 95 -16.84 39.54 -7.38
CA ALA E 95 -16.52 39.97 -6.03
C ALA E 95 -15.93 41.36 -6.01
N ARG E 96 -16.18 42.09 -4.95
CA ARG E 96 -15.59 43.42 -4.78
C ARG E 96 -14.38 43.33 -3.86
N GLY E 97 -13.26 43.88 -4.31
CA GLY E 97 -12.08 43.95 -3.48
C GLY E 97 -11.75 45.41 -3.21
N TYR E 98 -10.98 45.65 -2.15
CA TYR E 98 -10.50 47.01 -1.90
C TYR E 98 -9.43 47.31 -2.94
N GLY E 99 -9.36 48.55 -3.39
CA GLY E 99 -8.41 48.89 -4.41
C GLY E 99 -7.70 50.21 -4.20
N SER E 100 -6.50 50.29 -4.79
CA SER E 100 -5.70 51.50 -4.74
C SER E 100 -4.57 51.40 -5.77
N MET E 101 -3.67 52.37 -5.74
CA MET E 101 -2.50 52.34 -6.61
C MET E 101 -1.61 51.12 -6.36
N ASP E 102 -1.73 50.54 -5.16
CA ASP E 102 -0.85 49.45 -4.74
C ASP E 102 -1.40 48.09 -5.14
N GLY E 103 -2.61 48.10 -5.70
CA GLY E 103 -3.27 46.88 -6.16
C GLY E 103 -4.57 46.63 -5.42
N TYR E 104 -4.96 45.37 -5.32
CA TYR E 104 -6.21 45.03 -4.66
C TYR E 104 -6.03 44.07 -3.49
N ASP E 105 -7.08 43.93 -2.69
CA ASP E 105 -7.07 43.09 -1.50
C ASP E 105 -8.49 42.98 -0.94
N ARG E 106 -8.69 42.02 -0.05
CA ARG E 106 -9.87 41.98 0.82
C ARG E 106 -11.18 41.78 0.04
N LEU E 107 -11.28 40.64 -0.63
CA LEU E 107 -12.51 40.26 -1.32
C LEU E 107 -13.60 39.89 -0.32
N ASN E 108 -14.25 40.90 0.25
CA ASN E 108 -15.21 40.66 1.33
C ASN E 108 -16.68 40.82 0.93
N LEU E 109 -16.95 40.87 -0.37
CA LEU E 109 -18.31 40.99 -0.86
C LEU E 109 -18.49 40.17 -2.14
N TRP E 110 -19.51 39.32 -2.14
CA TRP E 110 -19.72 38.37 -3.23
C TRP E 110 -21.19 38.33 -3.66
N GLY E 111 -21.42 38.13 -4.95
CA GLY E 111 -22.76 37.85 -5.45
C GLY E 111 -23.08 36.38 -5.24
N GLN E 112 -24.31 35.98 -5.55
CA GLN E 112 -24.75 34.61 -5.32
C GLN E 112 -24.32 33.69 -6.45
N GLY E 113 -23.80 34.28 -7.52
CA GLY E 113 -23.34 33.50 -8.65
C GLY E 113 -24.37 33.29 -9.74
N THR E 114 -23.89 33.03 -10.95
CA THR E 114 -24.78 32.68 -12.05
C THR E 114 -24.24 31.44 -12.75
N LEU E 115 -25.14 30.57 -13.19
CA LEU E 115 -24.75 29.26 -13.71
C LEU E 115 -24.64 29.18 -15.23
N VAL E 116 -23.45 28.84 -15.72
CA VAL E 116 -23.25 28.59 -17.15
C VAL E 116 -23.21 27.09 -17.42
N THR E 117 -24.11 26.61 -18.27
CA THR E 117 -24.13 25.22 -18.67
C THR E 117 -23.77 25.14 -20.15
N VAL E 118 -22.65 24.48 -20.46
CA VAL E 118 -22.18 24.37 -21.83
C VAL E 118 -22.45 22.97 -22.37
N SER E 119 -23.40 22.84 -23.28
CA SER E 119 -23.73 21.53 -23.84
C SER E 119 -24.37 21.59 -25.22
N SER E 120 -24.29 20.46 -25.92
CA SER E 120 -24.85 20.34 -27.26
C SER E 120 -26.32 19.96 -27.22
N GLY E 121 -26.86 19.85 -26.00
CA GLY E 121 -28.24 19.44 -25.84
C GLY E 121 -29.19 20.63 -25.87
N GLN E 122 -30.47 20.35 -25.66
CA GLN E 122 -31.50 21.38 -25.65
C GLN E 122 -32.18 21.43 -24.29
N PRO E 123 -32.60 22.63 -23.86
CA PRO E 123 -33.32 22.76 -22.60
C PRO E 123 -34.55 21.86 -22.55
N LYS E 124 -34.83 21.24 -21.41
CA LYS E 124 -35.95 20.33 -21.30
C LYS E 124 -36.59 20.41 -19.92
N GLY E 125 -37.91 20.56 -19.89
CA GLY E 125 -38.63 20.64 -18.63
C GLY E 125 -38.63 19.31 -17.91
N PRO E 126 -38.79 19.33 -16.58
CA PRO E 126 -38.79 18.11 -15.77
C PRO E 126 -40.12 17.35 -15.79
N SER E 127 -40.05 16.05 -15.51
CA SER E 127 -41.24 15.29 -15.17
C SER E 127 -41.30 15.12 -13.65
N VAL E 128 -42.48 15.27 -13.08
CA VAL E 128 -42.64 15.21 -11.63
C VAL E 128 -43.52 14.03 -11.23
N PHE E 129 -42.99 13.17 -10.35
CA PHE E 129 -43.73 11.99 -9.89
C PHE E 129 -43.83 11.95 -8.36
N PRO E 130 -45.03 11.63 -7.83
CA PRO E 130 -45.24 11.57 -6.38
C PRO E 130 -44.51 10.40 -5.72
N LEU E 131 -44.04 10.62 -4.49
CA LEU E 131 -43.40 9.57 -3.70
C LEU E 131 -44.23 9.29 -2.45
N ALA E 132 -44.71 8.06 -2.35
CA ALA E 132 -45.54 7.67 -1.21
C ALA E 132 -45.20 6.24 -0.79
N PRO E 133 -45.25 5.97 0.52
CA PRO E 133 -45.00 4.63 1.05
C PRO E 133 -45.99 3.59 0.51
N CYS E 134 -45.56 2.34 0.48
CA CYS E 134 -46.37 1.26 -0.08
C CYS E 134 -47.64 1.04 0.74
N CYS E 135 -48.74 0.72 0.05
CA CYS E 135 -50.01 0.42 0.69
C CYS E 135 -49.87 -0.77 1.64
N GLY E 136 -49.62 -0.48 2.91
CA GLY E 136 -49.38 -1.50 3.91
C GLY E 136 -48.44 -1.00 4.99
N PRO E 139 -48.99 2.62 8.94
CA PRO E 139 -49.79 2.58 10.17
C PRO E 139 -49.19 3.42 11.31
N SER E 140 -48.52 4.52 10.98
CA SER E 140 -47.82 5.31 11.99
C SER E 140 -48.35 6.73 12.15
N SER E 141 -47.88 7.40 13.20
CA SER E 141 -48.30 8.75 13.55
C SER E 141 -47.85 9.79 12.53
N THR E 142 -46.67 9.56 11.94
CA THR E 142 -46.15 10.48 10.94
C THR E 142 -45.85 9.74 9.64
N VAL E 143 -45.73 10.49 8.56
CA VAL E 143 -45.46 9.90 7.26
C VAL E 143 -44.54 10.81 6.45
N THR E 144 -43.73 10.20 5.60
CA THR E 144 -42.85 10.96 4.73
C THR E 144 -43.32 10.81 3.30
N LEU E 145 -43.52 11.94 2.64
CA LEU E 145 -43.94 11.96 1.25
C LEU E 145 -42.92 12.75 0.47
N GLY E 146 -42.93 12.61 -0.86
CA GLY E 146 -41.95 13.31 -1.65
C GLY E 146 -42.32 13.52 -3.10
N CYS E 147 -41.42 14.17 -3.82
CA CYS E 147 -41.54 14.33 -5.25
C CYS E 147 -40.22 14.01 -5.92
N LEU E 148 -40.29 13.18 -6.95
CA LEU E 148 -39.16 12.93 -7.82
C LEU E 148 -39.23 13.85 -9.03
N VAL E 149 -38.17 14.63 -9.24
CA VAL E 149 -38.09 15.58 -10.34
C VAL E 149 -37.07 15.10 -11.35
N LYS E 150 -37.54 14.64 -12.50
CA LYS E 150 -36.73 13.82 -13.40
C LYS E 150 -36.64 14.38 -14.81
N GLY E 151 -35.46 14.29 -15.40
CA GLY E 151 -35.27 14.56 -16.81
C GLY E 151 -35.28 16.02 -17.24
N TYR E 152 -34.63 16.89 -16.49
CA TYR E 152 -34.57 18.30 -16.85
C TYR E 152 -33.17 18.78 -17.20
N LEU E 153 -33.10 19.88 -17.93
CA LEU E 153 -31.84 20.51 -18.32
C LEU E 153 -32.16 21.91 -18.83
N PRO E 154 -31.38 22.92 -18.42
CA PRO E 154 -30.26 22.85 -17.47
C PRO E 154 -30.71 22.96 -16.03
N GLU E 155 -29.76 22.93 -15.11
CA GLU E 155 -30.01 23.28 -13.73
C GLU E 155 -30.25 24.79 -13.63
N PRO E 156 -30.93 25.25 -12.57
CA PRO E 156 -31.51 24.46 -11.47
C PRO E 156 -33.02 24.30 -11.61
N VAL E 157 -33.61 23.54 -10.70
CA VAL E 157 -35.06 23.61 -10.48
C VAL E 157 -35.28 24.11 -9.06
N THR E 158 -36.49 24.57 -8.77
CA THR E 158 -36.82 24.90 -7.38
C THR E 158 -37.96 24.02 -6.94
N VAL E 159 -37.91 23.55 -5.70
CA VAL E 159 -38.98 22.75 -5.15
C VAL E 159 -39.43 23.39 -3.86
N THR E 160 -40.74 23.57 -3.72
CA THR E 160 -41.32 24.01 -2.47
C THR E 160 -42.49 23.09 -2.15
N TRP E 161 -42.99 23.19 -0.92
CA TRP E 161 -44.11 22.36 -0.51
C TRP E 161 -45.25 23.25 -0.02
N ASN E 162 -46.46 22.95 -0.52
CA ASN E 162 -47.66 23.73 -0.21
C ASN E 162 -47.43 25.24 -0.38
N SER E 163 -46.85 25.61 -1.52
CA SER E 163 -46.63 27.01 -1.90
C SER E 163 -45.72 27.76 -0.93
N GLY E 164 -44.80 27.04 -0.30
CA GLY E 164 -43.83 27.66 0.58
C GLY E 164 -44.26 27.72 2.03
N THR E 165 -45.48 27.26 2.30
CA THR E 165 -46.03 27.28 3.66
C THR E 165 -45.57 26.07 4.46
N LEU E 166 -45.28 24.98 3.77
CA LEU E 166 -44.78 23.77 4.42
C LEU E 166 -43.27 23.69 4.24
N THR E 167 -42.55 23.96 5.32
CA THR E 167 -41.09 24.04 5.29
C THR E 167 -40.45 23.12 6.32
N ASN E 168 -41.17 22.85 7.40
CA ASN E 168 -40.66 21.97 8.45
C ASN E 168 -40.54 20.53 7.97
N GLY E 169 -39.39 19.91 8.24
CA GLY E 169 -39.20 18.51 7.89
C GLY E 169 -38.89 18.26 6.43
N VAL E 170 -38.59 19.32 5.68
CA VAL E 170 -38.31 19.20 4.25
C VAL E 170 -36.84 18.89 3.97
N ARG E 171 -36.61 17.85 3.20
CA ARG E 171 -35.28 17.50 2.76
C ARG E 171 -35.22 17.41 1.24
N THR E 172 -34.45 18.31 0.63
CA THR E 172 -34.23 18.27 -0.81
C THR E 172 -32.79 17.83 -1.06
N PHE E 173 -32.60 16.93 -2.01
CA PHE E 173 -31.29 16.35 -2.23
C PHE E 173 -30.58 17.00 -3.41
N PRO E 174 -29.23 16.98 -3.40
CA PRO E 174 -28.49 17.51 -4.55
C PRO E 174 -28.87 16.75 -5.81
N SER E 175 -28.84 17.42 -6.96
CA SER E 175 -29.25 16.78 -8.20
C SER E 175 -28.22 15.75 -8.66
N VAL E 176 -28.66 14.84 -9.52
CA VAL E 176 -27.79 13.85 -10.11
C VAL E 176 -27.91 13.87 -11.62
N ARG E 177 -26.76 13.95 -12.29
CA ARG E 177 -26.71 13.99 -13.75
C ARG E 177 -26.74 12.59 -14.36
N GLN E 178 -27.82 12.30 -15.11
CA GLN E 178 -28.00 11.01 -15.80
C GLN E 178 -27.01 10.82 -16.94
N SER E 179 -27.01 9.63 -17.52
CA SER E 179 -26.15 9.32 -18.67
C SER E 179 -26.66 10.03 -19.92
N SER E 180 -27.94 10.36 -19.92
CA SER E 180 -28.56 11.10 -21.00
C SER E 180 -28.13 12.57 -21.05
N GLY E 181 -27.54 13.06 -19.97
CA GLY E 181 -27.18 14.46 -19.87
C GLY E 181 -28.21 15.25 -19.09
N LEU E 182 -29.35 14.61 -18.83
CA LEU E 182 -30.43 15.20 -18.04
C LEU E 182 -30.14 15.12 -16.54
N TYR E 183 -30.88 15.89 -15.75
CA TYR E 183 -30.70 15.90 -14.31
C TYR E 183 -31.94 15.40 -13.59
N SER E 184 -31.75 14.94 -12.35
CA SER E 184 -32.85 14.52 -11.50
C SER E 184 -32.53 14.86 -10.05
N LEU E 185 -33.56 15.20 -9.28
CA LEU E 185 -33.38 15.32 -7.85
C LEU E 185 -34.66 14.89 -7.15
N SER E 186 -34.57 14.74 -5.84
CA SER E 186 -35.73 14.40 -5.04
C SER E 186 -35.87 15.38 -3.90
N SER E 187 -37.10 15.50 -3.43
CA SER E 187 -37.39 16.29 -2.25
C SER E 187 -38.43 15.50 -1.48
N VAL E 188 -38.25 15.40 -0.17
CA VAL E 188 -39.23 14.72 0.65
C VAL E 188 -39.61 15.60 1.82
N VAL E 189 -40.78 15.36 2.39
CA VAL E 189 -41.21 16.11 3.56
C VAL E 189 -41.84 15.13 4.55
N SER E 190 -41.47 15.27 5.82
CA SER E 190 -42.06 14.47 6.88
C SER E 190 -43.15 15.22 7.60
N VAL E 191 -44.34 14.64 7.66
CA VAL E 191 -45.48 15.32 8.27
C VAL E 191 -46.19 14.43 9.26
N THR E 192 -46.83 15.05 10.25
CA THR E 192 -47.68 14.33 11.20
C THR E 192 -48.98 13.94 10.50
N SER E 193 -49.10 12.65 10.16
CA SER E 193 -50.23 12.11 9.39
C SER E 193 -51.58 12.70 9.78
N PRO E 197 -52.93 15.66 2.56
CA PRO E 197 -53.04 16.82 1.67
C PRO E 197 -51.72 17.59 1.52
N VAL E 198 -50.74 16.97 0.88
CA VAL E 198 -49.44 17.62 0.67
C VAL E 198 -49.06 17.77 -0.82
N THR E 199 -48.70 19.01 -1.22
CA THR E 199 -48.40 19.33 -2.62
C THR E 199 -47.00 19.93 -2.84
N CYS E 200 -46.26 19.36 -3.77
CA CYS E 200 -44.97 19.94 -4.12
C CYS E 200 -45.08 20.84 -5.34
N ASN E 201 -44.33 21.93 -5.33
CA ASN E 201 -44.39 22.92 -6.39
C ASN E 201 -43.05 23.02 -7.08
N VAL E 202 -42.96 22.54 -8.32
CA VAL E 202 -41.69 22.48 -9.01
C VAL E 202 -41.61 23.54 -10.10
N ALA E 203 -40.48 24.25 -10.17
CA ALA E 203 -40.27 25.24 -11.22
C ALA E 203 -38.94 25.04 -11.92
N HIS E 204 -38.97 25.14 -13.24
CA HIS E 204 -37.77 25.09 -14.04
C HIS E 204 -37.73 26.34 -14.89
N PRO E 205 -37.13 27.41 -14.37
CA PRO E 205 -37.09 28.73 -15.00
C PRO E 205 -36.61 28.70 -16.44
N ALA E 206 -35.68 27.80 -16.76
CA ALA E 206 -35.08 27.75 -18.08
C ALA E 206 -36.08 27.36 -19.17
N THR E 207 -37.13 26.63 -18.80
CA THR E 207 -38.15 26.24 -19.75
C THR E 207 -39.52 26.81 -19.37
N ASN E 208 -39.53 27.72 -18.39
CA ASN E 208 -40.76 28.31 -17.88
C ASN E 208 -41.76 27.28 -17.40
N THR E 209 -41.26 26.20 -16.84
CA THR E 209 -42.10 25.10 -16.38
C THR E 209 -42.51 25.28 -14.92
N LYS E 210 -43.79 25.10 -14.64
CA LYS E 210 -44.29 25.06 -13.26
C LYS E 210 -45.27 23.92 -13.11
N VAL E 211 -44.90 22.93 -12.30
CA VAL E 211 -45.73 21.74 -12.09
C VAL E 211 -46.09 21.59 -10.63
N ASP E 212 -47.37 21.31 -10.36
CA ASP E 212 -47.82 20.99 -9.02
C ASP E 212 -48.27 19.55 -8.96
N LYS E 213 -47.81 18.83 -7.94
CA LYS E 213 -48.22 17.46 -7.71
C LYS E 213 -48.61 17.28 -6.25
N THR E 214 -49.86 16.93 -6.03
CA THR E 214 -50.35 16.63 -4.70
C THR E 214 -50.09 15.17 -4.42
N VAL E 215 -49.49 14.88 -3.27
CA VAL E 215 -49.11 13.53 -2.94
C VAL E 215 -50.10 12.96 -1.92
N ALA E 216 -50.63 11.78 -2.23
CA ALA E 216 -51.50 11.09 -1.31
C ALA E 216 -50.61 10.25 -0.41
N PRO E 217 -51.10 9.82 0.75
CA PRO E 217 -50.19 9.05 1.60
C PRO E 217 -50.15 7.58 1.27
N SER E 218 -50.80 7.18 0.17
CA SER E 218 -50.77 5.79 -0.26
C SER E 218 -50.40 5.67 -1.74
N THR F 5 -0.92 24.56 -2.91
CA THR F 5 -0.96 23.29 -2.17
C THR F 5 -1.62 23.43 -0.81
N GLN F 6 -2.74 22.74 -0.61
CA GLN F 6 -3.42 22.73 0.68
C GLN F 6 -3.41 21.35 1.31
N THR F 7 -3.71 21.31 2.61
CA THR F 7 -3.98 20.07 3.33
C THR F 7 -4.96 19.20 2.55
N PRO F 8 -4.60 17.93 2.33
CA PRO F 8 -5.45 17.00 1.55
C PRO F 8 -6.81 16.76 2.19
N SER F 9 -7.82 16.51 1.36
CA SER F 9 -9.17 16.25 1.84
C SER F 9 -9.44 14.76 1.99
N PRO F 10 -10.25 14.38 2.99
CA PRO F 10 -10.88 15.28 3.97
C PRO F 10 -10.04 15.48 5.22
N VAL F 11 -10.37 16.48 6.01
CA VAL F 11 -9.79 16.65 7.33
C VAL F 11 -10.92 16.55 8.36
N SER F 12 -10.66 15.88 9.47
CA SER F 12 -11.72 15.59 10.44
C SER F 12 -11.44 16.21 11.81
N ALA F 13 -12.50 16.76 12.40
CA ALA F 13 -12.41 17.38 13.72
C ALA F 13 -13.71 17.19 14.48
N ALA F 14 -13.58 16.95 15.78
CA ALA F 14 -14.73 16.79 16.65
C ALA F 14 -15.28 18.15 17.07
N VAL F 15 -16.58 18.19 17.34
CA VAL F 15 -17.23 19.38 17.89
C VAL F 15 -16.48 19.90 19.12
N GLY F 16 -16.26 21.21 19.17
CA GLY F 16 -15.54 21.82 20.27
C GLY F 16 -14.03 21.68 20.17
N GLY F 17 -13.58 20.89 19.20
CA GLY F 17 -12.16 20.66 19.03
C GLY F 17 -11.49 21.75 18.22
N THR F 18 -10.23 21.51 17.87
CA THR F 18 -9.43 22.50 17.16
C THR F 18 -8.85 21.88 15.90
N VAL F 19 -9.00 22.58 14.79
CA VAL F 19 -8.45 22.10 13.54
C VAL F 19 -7.61 23.20 12.89
N THR F 20 -6.50 22.79 12.30
CA THR F 20 -5.60 23.69 11.60
C THR F 20 -5.31 23.10 10.24
N ILE F 21 -5.58 23.86 9.19
CA ILE F 21 -5.31 23.42 7.83
C ILE F 21 -4.25 24.33 7.24
N SER F 22 -3.48 23.83 6.28
CA SER F 22 -2.33 24.58 5.80
C SER F 22 -2.36 24.85 4.31
N CYS F 23 -1.63 25.89 3.94
CA CYS F 23 -1.55 26.33 2.55
C CYS F 23 -0.10 26.73 2.24
N ARG F 24 0.43 26.16 1.14
CA ARG F 24 1.79 26.47 0.68
C ARG F 24 1.81 26.91 -0.77
N SER F 25 2.46 28.04 -1.03
CA SER F 25 2.59 28.55 -2.39
C SER F 25 4.03 28.42 -2.92
N ARG F 26 4.13 28.07 -4.20
CA ARG F 26 5.41 27.96 -4.89
C ARG F 26 6.20 29.26 -4.87
N GLN F 27 5.51 30.38 -5.05
CA GLN F 27 6.13 31.70 -5.03
C GLN F 27 5.82 32.41 -3.71
N ARG F 28 6.73 33.28 -3.27
CA ARG F 28 6.43 34.13 -2.12
C ARG F 28 5.28 35.06 -2.50
N VAL F 29 4.31 35.22 -1.59
CA VAL F 29 3.16 36.06 -1.87
C VAL F 29 3.50 37.55 -1.68
N TYR F 30 2.64 38.41 -2.22
CA TYR F 30 2.91 39.84 -2.26
C TYR F 30 3.10 40.45 -0.88
N LEU F 31 4.23 41.14 -0.71
CA LEU F 31 4.64 41.73 0.56
C LEU F 31 4.70 40.67 1.65
N GLY F 32 4.91 39.42 1.25
CA GLY F 32 5.04 38.31 2.16
C GLY F 32 3.76 37.83 2.82
N ASP F 33 2.67 38.57 2.69
CA ASP F 33 1.48 38.24 3.45
C ASP F 33 0.14 38.34 2.71
N TRP F 34 0.15 38.58 1.40
CA TRP F 34 -1.13 38.61 0.68
C TRP F 34 -1.63 37.18 0.52
N LEU F 35 -2.38 36.73 1.52
CA LEU F 35 -3.00 35.42 1.46
C LEU F 35 -4.34 35.48 2.18
N SER F 36 -5.38 35.06 1.49
CA SER F 36 -6.73 35.13 2.03
C SER F 36 -7.33 33.74 2.24
N TRP F 37 -8.20 33.62 3.23
CA TRP F 37 -8.91 32.36 3.50
C TRP F 37 -10.41 32.51 3.24
N PHE F 38 -10.99 31.51 2.57
CA PHE F 38 -12.42 31.53 2.30
C PHE F 38 -13.13 30.26 2.74
N GLN F 39 -14.32 30.44 3.32
CA GLN F 39 -15.23 29.33 3.57
C GLN F 39 -16.13 29.15 2.36
N LYS F 40 -16.34 27.90 1.95
CA LYS F 40 -17.19 27.64 0.79
C LYS F 40 -18.12 26.46 1.04
N LYS F 41 -19.42 26.74 0.99
CA LYS F 41 -20.44 25.70 1.13
C LYS F 41 -21.23 25.59 -0.17
N PRO F 42 -21.72 24.38 -0.49
CA PRO F 42 -22.46 24.19 -1.76
C PRO F 42 -23.67 25.12 -1.83
N GLY F 43 -23.87 25.75 -2.99
CA GLY F 43 -24.99 26.64 -3.19
C GLY F 43 -24.85 27.98 -2.47
N GLN F 44 -23.67 28.28 -1.96
CA GLN F 44 -23.43 29.57 -1.31
C GLN F 44 -22.13 30.18 -1.79
N PRO F 45 -22.05 31.52 -1.84
CA PRO F 45 -20.82 32.15 -2.34
C PRO F 45 -19.68 31.99 -1.36
N PRO F 46 -18.42 32.16 -1.83
CA PRO F 46 -17.26 32.21 -0.94
C PRO F 46 -17.45 33.26 0.15
N LYS F 47 -16.99 32.97 1.36
CA LYS F 47 -17.03 33.95 2.44
C LYS F 47 -15.63 34.21 2.97
N LEU F 48 -15.18 35.46 2.90
CA LEU F 48 -13.85 35.80 3.37
C LEU F 48 -13.73 35.64 4.89
N LEU F 49 -12.75 34.84 5.31
CA LEU F 49 -12.49 34.63 6.73
C LEU F 49 -11.27 35.45 7.17
N ILE F 50 -10.15 35.22 6.48
CA ILE F 50 -8.90 35.88 6.80
C ILE F 50 -8.31 36.49 5.54
N TYR F 51 -7.86 37.74 5.61
CA TYR F 51 -7.05 38.33 4.54
C TYR F 51 -5.72 38.82 5.11
N ASP F 52 -4.71 38.93 4.25
CA ASP F 52 -3.36 39.30 4.67
C ASP F 52 -2.87 38.39 5.78
N ALA F 53 -3.06 37.09 5.57
CA ALA F 53 -2.50 36.03 6.40
C ALA F 53 -3.10 35.90 7.80
N SER F 54 -3.36 37.02 8.46
CA SER F 54 -3.73 36.97 9.88
C SER F 54 -4.88 37.90 10.27
N PHE F 55 -5.35 38.72 9.34
CA PHE F 55 -6.40 39.67 9.67
C PHE F 55 -7.80 39.11 9.47
N ARG F 56 -8.63 39.27 10.49
CA ARG F 56 -9.98 38.69 10.50
C ARG F 56 -10.99 39.64 9.87
N GLY F 57 -11.85 39.10 9.01
CA GLY F 57 -12.85 39.88 8.32
C GLY F 57 -13.96 40.39 9.23
N ASP F 58 -14.67 41.42 8.78
CA ASP F 58 -15.76 42.00 9.58
C ASP F 58 -16.84 40.97 9.90
N GLY F 59 -17.19 40.88 11.18
CA GLY F 59 -18.24 39.98 11.61
C GLY F 59 -17.85 38.51 11.62
N VAL F 60 -16.56 38.23 11.48
CA VAL F 60 -16.07 36.87 11.49
C VAL F 60 -15.74 36.44 12.91
N SER F 61 -16.22 35.26 13.30
CA SER F 61 -15.99 34.71 14.63
C SER F 61 -14.52 34.65 14.99
N SER F 62 -14.21 34.97 16.24
CA SER F 62 -12.83 34.89 16.75
C SER F 62 -12.32 33.46 16.84
N ARG F 63 -13.21 32.50 16.60
CA ARG F 63 -12.82 31.09 16.52
C ARG F 63 -11.89 30.85 15.32
N PHE F 64 -11.94 31.78 14.37
CA PHE F 64 -11.10 31.71 13.19
C PHE F 64 -9.88 32.61 13.31
N SER F 65 -8.72 32.05 12.97
CA SER F 65 -7.49 32.82 12.97
C SER F 65 -6.53 32.21 11.96
N GLY F 66 -5.62 33.03 11.46
CA GLY F 66 -4.64 32.57 10.50
C GLY F 66 -3.27 33.12 10.81
N SER F 67 -2.24 32.49 10.25
CA SER F 67 -0.87 32.94 10.45
C SER F 67 0.03 32.45 9.33
N GLY F 68 1.27 32.91 9.34
CA GLY F 68 2.24 32.51 8.34
C GLY F 68 2.81 33.67 7.55
N SER F 69 3.84 33.37 6.76
CA SER F 69 4.52 34.34 5.92
C SER F 69 5.16 33.66 4.73
N GLY F 70 5.56 34.45 3.74
CA GLY F 70 6.31 33.92 2.61
C GLY F 70 5.52 32.92 1.80
N THR F 71 5.71 31.63 2.09
CA THR F 71 5.10 30.58 1.29
C THR F 71 4.30 29.58 2.12
N HIS F 72 4.29 29.75 3.44
CA HIS F 72 3.62 28.83 4.36
C HIS F 72 2.58 29.55 5.21
N PHE F 73 1.33 29.08 5.14
CA PHE F 73 0.24 29.74 5.85
C PHE F 73 -0.68 28.69 6.47
N THR F 74 -1.32 29.06 7.57
CA THR F 74 -2.28 28.17 8.22
C THR F 74 -3.60 28.87 8.55
N LEU F 75 -4.66 28.07 8.58
CA LEU F 75 -5.95 28.50 9.13
C LEU F 75 -6.28 27.65 10.34
N THR F 76 -6.63 28.28 11.45
CA THR F 76 -6.94 27.54 12.66
C THR F 76 -8.37 27.80 13.13
N ILE F 77 -9.13 26.73 13.29
CA ILE F 77 -10.49 26.83 13.81
C ILE F 77 -10.57 26.18 15.18
N SER F 78 -10.93 26.96 16.19
CA SER F 78 -11.08 26.43 17.54
C SER F 78 -12.55 26.44 17.93
N GLY F 79 -12.91 25.55 18.86
CA GLY F 79 -14.30 25.44 19.29
C GLY F 79 -15.18 25.09 18.10
N VAL F 80 -14.68 24.18 17.27
CA VAL F 80 -15.33 23.80 16.02
C VAL F 80 -16.81 23.48 16.21
N GLN F 81 -17.63 24.03 15.33
CA GLN F 81 -19.06 23.78 15.35
C GLN F 81 -19.44 23.02 14.07
N CYS F 82 -20.66 22.48 14.05
CA CYS F 82 -21.15 21.81 12.85
C CYS F 82 -21.28 22.80 11.69
N ASP F 83 -21.54 24.06 12.04
CA ASP F 83 -21.63 25.15 11.08
C ASP F 83 -20.29 25.40 10.36
N ASP F 84 -19.23 24.75 10.84
CA ASP F 84 -17.91 24.92 10.22
C ASP F 84 -17.68 23.85 9.15
N ALA F 85 -18.58 22.89 9.06
CA ALA F 85 -18.51 21.85 8.04
C ALA F 85 -18.61 22.48 6.64
N ALA F 86 -17.51 22.44 5.90
CA ALA F 86 -17.37 23.19 4.65
C ALA F 86 -16.04 22.85 3.99
N THR F 87 -15.82 23.43 2.81
CA THR F 87 -14.53 23.36 2.14
C THR F 87 -13.84 24.72 2.26
N TYR F 88 -12.56 24.71 2.61
CA TYR F 88 -11.83 25.95 2.82
C TYR F 88 -10.76 26.17 1.77
N TYR F 89 -10.75 27.38 1.22
CA TYR F 89 -9.84 27.74 0.13
C TYR F 89 -8.94 28.88 0.55
N CYS F 90 -7.65 28.75 0.23
CA CYS F 90 -6.74 29.87 0.39
C CYS F 90 -6.53 30.52 -0.97
N LEU F 91 -6.32 31.84 -0.98
CA LEU F 91 -6.02 32.55 -2.21
C LEU F 91 -4.68 33.27 -2.10
N GLY F 92 -3.76 32.93 -3.00
CA GLY F 92 -2.48 33.59 -3.05
C GLY F 92 -2.50 34.78 -3.99
N GLY F 93 -2.18 35.95 -3.45
CA GLY F 93 -2.06 37.15 -4.26
C GLY F 93 -0.60 37.49 -4.45
N TYR F 94 -0.24 37.92 -5.65
CA TYR F 94 1.15 38.19 -5.97
C TYR F 94 1.30 39.55 -6.63
N TYR F 95 2.53 39.94 -6.93
CA TYR F 95 2.82 41.23 -7.54
C TYR F 95 1.99 41.42 -8.80
N ASP F 96 1.99 40.41 -9.66
CA ASP F 96 1.12 40.38 -10.82
C ASP F 96 -0.22 39.72 -10.46
N ASP F 97 -1.31 40.48 -10.65
CA ASP F 97 -2.66 39.96 -10.41
C ASP F 97 -2.92 38.70 -11.21
N ALA F 98 -2.39 38.65 -12.42
CA ALA F 98 -2.54 37.50 -13.31
C ALA F 98 -2.04 36.18 -12.73
N ASP F 99 -1.25 36.25 -11.65
CA ASP F 99 -0.68 35.06 -11.03
C ASP F 99 -1.54 34.51 -9.89
N ASP F 100 -2.52 35.31 -9.45
CA ASP F 100 -3.36 34.94 -8.31
C ASP F 100 -4.07 33.60 -8.52
N THR F 101 -3.99 32.73 -7.52
CA THR F 101 -4.53 31.37 -7.64
C THR F 101 -5.11 30.88 -6.32
N PHE F 102 -6.21 30.14 -6.40
CA PHE F 102 -6.78 29.48 -5.24
C PHE F 102 -6.05 28.16 -4.98
N GLY F 103 -5.95 27.79 -3.70
CA GLY F 103 -5.47 26.46 -3.35
C GLY F 103 -6.50 25.42 -3.74
N GLY F 104 -6.14 24.15 -3.61
CA GLY F 104 -7.02 23.07 -4.03
C GLY F 104 -8.25 22.92 -3.16
N GLY F 105 -8.23 23.53 -1.98
CA GLY F 105 -9.36 23.47 -1.09
C GLY F 105 -9.28 22.31 -0.12
N THR F 106 -9.63 22.56 1.13
CA THR F 106 -9.57 21.54 2.15
C THR F 106 -10.94 21.32 2.76
N GLU F 107 -11.51 20.15 2.48
CA GLU F 107 -12.81 19.74 3.00
C GLU F 107 -12.71 19.41 4.50
N VAL F 108 -13.45 20.14 5.32
CA VAL F 108 -13.50 19.87 6.74
C VAL F 108 -14.78 19.12 7.14
N VAL F 109 -14.61 17.93 7.68
CA VAL F 109 -15.73 17.13 8.18
C VAL F 109 -15.84 17.21 9.70
N VAL F 110 -16.98 17.65 10.22
CA VAL F 110 -17.14 17.78 11.66
C VAL F 110 -17.81 16.56 12.27
N LYS F 111 -17.11 15.90 13.19
CA LYS F 111 -17.61 14.70 13.85
C LYS F 111 -18.44 15.07 15.07
N GLY F 112 -19.76 15.00 14.93
CA GLY F 112 -20.67 15.24 16.03
C GLY F 112 -21.12 13.91 16.61
N ASP F 113 -22.29 13.89 17.24
CA ASP F 113 -22.85 12.67 17.80
C ASP F 113 -23.21 11.71 16.68
N PRO F 114 -22.72 10.45 16.75
CA PRO F 114 -23.08 9.46 15.74
C PRO F 114 -24.58 9.12 15.79
N VAL F 115 -25.21 9.07 14.63
CA VAL F 115 -26.63 8.73 14.53
C VAL F 115 -26.85 7.70 13.43
N ALA F 116 -27.62 6.67 13.74
CA ALA F 116 -28.02 5.68 12.74
C ALA F 116 -29.11 6.26 11.83
N PRO F 117 -29.15 5.84 10.55
CA PRO F 117 -30.09 6.42 9.59
C PRO F 117 -31.53 5.95 9.75
N THR F 118 -32.46 6.83 9.41
CA THR F 118 -33.87 6.50 9.22
C THR F 118 -34.07 6.14 7.74
N VAL F 119 -34.48 4.92 7.43
CA VAL F 119 -34.53 4.50 6.03
C VAL F 119 -35.96 4.37 5.48
N LEU F 120 -36.21 4.97 4.33
CA LEU F 120 -37.52 4.94 3.68
C LEU F 120 -37.38 4.50 2.23
N ILE F 121 -38.34 3.72 1.75
CA ILE F 121 -38.33 3.29 0.37
C ILE F 121 -39.65 3.65 -0.32
N PHE F 122 -39.57 4.10 -1.57
CA PHE F 122 -40.75 4.53 -2.31
C PHE F 122 -40.91 3.80 -3.63
N PRO F 123 -42.02 3.06 -3.78
CA PRO F 123 -42.33 2.44 -5.08
C PRO F 123 -42.62 3.51 -6.13
N PRO F 124 -42.36 3.21 -7.41
CA PRO F 124 -42.69 4.18 -8.46
C PRO F 124 -44.19 4.37 -8.56
N ALA F 125 -44.64 5.60 -8.69
CA ALA F 125 -46.06 5.86 -8.87
C ALA F 125 -46.57 5.24 -10.16
N ALA F 126 -47.88 5.08 -10.27
CA ALA F 126 -48.50 4.46 -11.43
C ALA F 126 -48.14 5.19 -12.72
N ASP F 127 -48.24 6.52 -12.68
CA ASP F 127 -48.02 7.32 -13.88
C ASP F 127 -46.57 7.25 -14.36
N GLN F 128 -45.66 6.85 -13.47
CA GLN F 128 -44.26 6.71 -13.86
C GLN F 128 -44.10 5.44 -14.68
N VAL F 129 -44.85 4.41 -14.29
CA VAL F 129 -44.83 3.13 -14.99
C VAL F 129 -45.32 3.28 -16.42
N ALA F 130 -46.29 4.17 -16.62
CA ALA F 130 -46.84 4.44 -17.95
C ALA F 130 -45.79 4.94 -18.93
N THR F 131 -44.71 5.54 -18.41
CA THR F 131 -43.71 6.16 -19.26
C THR F 131 -42.70 5.15 -19.80
N GLY F 132 -42.77 3.92 -19.31
CA GLY F 132 -41.86 2.88 -19.76
C GLY F 132 -40.60 2.73 -18.94
N THR F 133 -40.32 3.72 -18.09
CA THR F 133 -39.16 3.65 -17.18
C THR F 133 -39.61 4.03 -15.77
N VAL F 134 -39.12 3.31 -14.77
CA VAL F 134 -39.42 3.62 -13.39
C VAL F 134 -38.17 3.90 -12.58
N THR F 135 -38.34 4.75 -11.56
CA THR F 135 -37.28 5.04 -10.61
C THR F 135 -37.76 4.71 -9.21
N ILE F 136 -37.07 3.79 -8.55
CA ILE F 136 -37.37 3.46 -7.16
C ILE F 136 -36.47 4.29 -6.26
N VAL F 137 -37.05 4.94 -5.27
CA VAL F 137 -36.28 5.84 -4.41
C VAL F 137 -36.08 5.30 -3.00
N CYS F 138 -34.84 5.26 -2.56
CA CYS F 138 -34.51 4.97 -1.18
C CYS F 138 -33.86 6.19 -0.54
N VAL F 139 -34.26 6.47 0.69
CA VAL F 139 -33.76 7.64 1.40
C VAL F 139 -33.24 7.26 2.78
N ALA F 140 -32.03 7.73 3.10
CA ALA F 140 -31.43 7.55 4.43
C ALA F 140 -31.29 8.90 5.14
N ASN F 141 -32.11 9.13 6.15
CA ASN F 141 -32.20 10.45 6.78
C ASN F 141 -31.46 10.57 8.11
N LYS F 142 -30.83 11.73 8.30
CA LYS F 142 -30.26 12.15 9.58
C LYS F 142 -29.31 11.08 10.17
N TYR F 143 -28.16 10.92 9.55
CA TYR F 143 -27.20 9.91 9.99
C TYR F 143 -25.78 10.44 10.04
N PHE F 144 -24.95 9.75 10.84
CA PHE F 144 -23.50 9.98 10.90
C PHE F 144 -22.89 8.82 11.68
N PRO F 145 -21.75 8.28 11.21
CA PRO F 145 -20.99 8.69 10.02
C PRO F 145 -21.53 8.12 8.71
N ASP F 146 -20.71 8.18 7.66
CA ASP F 146 -21.11 7.81 6.31
C ASP F 146 -21.67 6.39 6.20
N VAL F 147 -22.45 6.14 5.14
CA VAL F 147 -23.07 4.85 4.91
C VAL F 147 -22.80 4.28 3.51
N THR F 148 -23.09 2.99 3.34
CA THR F 148 -23.07 2.35 2.03
C THR F 148 -24.47 1.84 1.68
N VAL F 149 -24.83 1.85 0.40
CA VAL F 149 -26.15 1.42 -0.02
C VAL F 149 -26.09 0.18 -0.90
N THR F 150 -26.98 -0.77 -0.64
CA THR F 150 -27.10 -1.98 -1.44
C THR F 150 -28.54 -2.11 -1.89
N TRP F 151 -28.75 -2.36 -3.17
CA TRP F 151 -30.09 -2.61 -3.68
C TRP F 151 -30.24 -4.09 -4.00
N GLU F 152 -31.42 -4.65 -3.68
CA GLU F 152 -31.67 -6.05 -3.96
C GLU F 152 -33.05 -6.22 -4.61
N VAL F 153 -33.10 -7.01 -5.66
CA VAL F 153 -34.34 -7.26 -6.38
C VAL F 153 -34.58 -8.76 -6.48
N ASP F 154 -35.62 -9.23 -5.81
CA ASP F 154 -35.85 -10.67 -5.62
C ASP F 154 -34.57 -11.37 -5.16
N GLY F 155 -33.93 -10.82 -4.14
CA GLY F 155 -32.74 -11.41 -3.55
C GLY F 155 -31.42 -11.04 -4.21
N THR F 156 -31.48 -10.66 -5.47
CA THR F 156 -30.29 -10.37 -6.25
C THR F 156 -29.75 -8.94 -6.08
N THR F 157 -28.49 -8.82 -5.67
CA THR F 157 -27.85 -7.51 -5.60
C THR F 157 -27.84 -6.85 -6.98
N GLN F 158 -28.26 -5.60 -7.07
CA GLN F 158 -28.24 -4.87 -8.32
C GLN F 158 -26.86 -4.27 -8.52
N THR F 159 -26.38 -4.25 -9.76
CA THR F 159 -25.02 -3.79 -10.03
C THR F 159 -25.00 -2.51 -10.87
N THR F 160 -26.12 -2.23 -11.55
CA THR F 160 -26.22 -1.04 -12.39
C THR F 160 -27.54 -0.32 -12.20
N GLY F 161 -27.63 0.90 -12.76
CA GLY F 161 -28.85 1.68 -12.72
C GLY F 161 -29.06 2.43 -11.43
N ILE F 162 -27.99 2.55 -10.64
CA ILE F 162 -28.08 3.11 -9.30
C ILE F 162 -27.33 4.44 -9.17
N GLU F 163 -27.97 5.43 -8.54
CA GLU F 163 -27.37 6.74 -8.32
C GLU F 163 -27.55 7.26 -6.91
N ASN F 164 -26.48 7.79 -6.34
CA ASN F 164 -26.49 8.28 -4.98
C ASN F 164 -26.26 9.78 -4.88
N SER F 165 -26.96 10.44 -3.96
CA SER F 165 -26.80 11.87 -3.76
C SER F 165 -26.85 12.25 -2.29
N LYS F 166 -25.73 12.74 -1.76
CA LYS F 166 -25.63 13.08 -0.35
C LYS F 166 -25.63 14.59 -0.11
N THR F 167 -26.47 15.05 0.81
CA THR F 167 -26.48 16.45 1.22
C THR F 167 -25.19 16.80 1.92
N PRO F 168 -24.88 18.11 2.02
CA PRO F 168 -23.77 18.46 2.91
C PRO F 168 -24.16 18.19 4.36
N GLN F 169 -23.20 18.27 5.29
CA GLN F 169 -23.52 18.05 6.69
C GLN F 169 -24.50 19.09 7.18
N ASN F 170 -25.42 18.67 8.05
CA ASN F 170 -26.35 19.58 8.69
C ASN F 170 -25.61 20.56 9.60
N SER F 171 -25.92 21.84 9.46
CA SER F 171 -25.20 22.89 10.19
C SER F 171 -25.49 22.91 11.68
N ALA F 172 -26.45 22.09 12.13
CA ALA F 172 -26.81 22.07 13.54
C ALA F 172 -26.34 20.82 14.27
N ASP F 173 -26.41 19.66 13.61
CA ASP F 173 -26.07 18.41 14.29
C ASP F 173 -25.15 17.50 13.46
N CYS F 174 -24.59 18.04 12.39
CA CYS F 174 -23.55 17.37 11.61
C CYS F 174 -23.99 16.14 10.82
N THR F 175 -25.29 15.86 10.80
CA THR F 175 -25.76 14.65 10.11
C THR F 175 -25.93 14.85 8.60
N TYR F 176 -25.84 13.75 7.86
CA TYR F 176 -26.11 13.74 6.43
C TYR F 176 -27.52 13.26 6.11
N ASN F 177 -27.99 13.59 4.91
CA ASN F 177 -29.14 12.94 4.31
C ASN F 177 -28.70 12.37 2.97
N LEU F 178 -29.22 11.20 2.61
CA LEU F 178 -28.81 10.54 1.39
C LEU F 178 -30.01 10.02 0.62
N SER F 179 -29.98 10.22 -0.69
CA SER F 179 -30.94 9.61 -1.58
C SER F 179 -30.26 8.64 -2.53
N SER F 180 -30.87 7.47 -2.73
CA SER F 180 -30.36 6.47 -3.66
C SER F 180 -31.47 6.03 -4.59
N THR F 181 -31.23 6.09 -5.89
CA THR F 181 -32.26 5.73 -6.84
C THR F 181 -31.89 4.49 -7.64
N LEU F 182 -32.87 3.63 -7.86
CA LEU F 182 -32.72 2.50 -8.77
C LEU F 182 -33.62 2.71 -9.98
N THR F 183 -33.03 2.73 -11.17
CA THR F 183 -33.79 2.99 -12.39
C THR F 183 -33.91 1.72 -13.24
N LEU F 184 -35.14 1.36 -13.59
CA LEU F 184 -35.41 0.18 -14.42
C LEU F 184 -36.46 0.53 -15.46
N THR F 185 -36.57 -0.31 -16.50
CA THR F 185 -37.69 -0.20 -17.43
C THR F 185 -38.93 -0.74 -16.74
N SER F 186 -40.12 -0.28 -17.17
CA SER F 186 -41.36 -0.71 -16.54
C SER F 186 -41.55 -2.22 -16.64
N THR F 187 -41.07 -2.80 -17.74
CA THR F 187 -41.19 -4.24 -17.94
C THR F 187 -40.30 -5.01 -16.96
N GLN F 188 -39.06 -4.56 -16.80
CA GLN F 188 -38.15 -5.13 -15.80
C GLN F 188 -38.75 -5.02 -14.41
N TYR F 189 -39.28 -3.83 -14.11
CA TYR F 189 -39.84 -3.55 -12.81
C TYR F 189 -40.97 -4.51 -12.47
N ASN F 190 -41.83 -4.75 -13.46
CA ASN F 190 -42.96 -5.64 -13.31
C ASN F 190 -42.56 -7.12 -13.33
N SER F 191 -41.30 -7.39 -13.64
CA SER F 191 -40.81 -8.77 -13.68
C SER F 191 -40.43 -9.30 -12.29
N HIS F 192 -40.48 -8.42 -11.29
CA HIS F 192 -40.09 -8.80 -9.95
C HIS F 192 -41.13 -8.45 -8.89
N LYS F 193 -41.00 -9.06 -7.72
CA LYS F 193 -41.93 -8.87 -6.63
C LYS F 193 -41.28 -8.06 -5.49
N GLU F 194 -40.08 -8.46 -5.09
CA GLU F 194 -39.45 -7.89 -3.90
C GLU F 194 -38.33 -6.89 -4.20
N TYR F 195 -38.46 -5.71 -3.61
CA TYR F 195 -37.50 -4.64 -3.76
C TYR F 195 -36.94 -4.21 -2.41
N THR F 196 -35.62 -4.26 -2.31
CA THR F 196 -34.95 -4.07 -1.03
C THR F 196 -33.85 -3.04 -1.12
N CYS F 197 -33.88 -2.08 -0.20
CA CYS F 197 -32.82 -1.10 -0.04
C CYS F 197 -32.13 -1.31 1.32
N LYS F 198 -30.83 -1.54 1.28
CA LYS F 198 -30.06 -1.89 2.48
C LYS F 198 -28.98 -0.84 2.76
N VAL F 199 -29.11 -0.15 3.89
CA VAL F 199 -28.17 0.91 4.24
C VAL F 199 -27.26 0.43 5.37
N THR F 200 -25.96 0.40 5.09
CA THR F 200 -25.00 -0.17 6.02
C THR F 200 -24.10 0.90 6.62
N GLN F 201 -23.95 0.87 7.94
CA GLN F 201 -23.09 1.81 8.64
C GLN F 201 -22.16 1.05 9.58
N GLY F 202 -20.97 0.69 9.10
CA GLY F 202 -20.05 -0.09 9.90
C GLY F 202 -20.52 -1.53 10.01
N THR F 203 -20.90 -1.93 11.21
CA THR F 203 -21.40 -3.28 11.45
C THR F 203 -22.92 -3.24 11.55
N THR F 204 -23.48 -2.05 11.41
CA THR F 204 -24.92 -1.85 11.50
C THR F 204 -25.57 -1.71 10.13
N SER F 205 -26.70 -2.40 9.95
CA SER F 205 -27.46 -2.24 8.73
C SER F 205 -28.91 -1.92 9.06
N VAL F 206 -29.48 -0.96 8.34
CA VAL F 206 -30.91 -0.70 8.39
C VAL F 206 -31.48 -1.00 7.00
N VAL F 207 -32.44 -1.90 6.97
CA VAL F 207 -32.96 -2.42 5.71
C VAL F 207 -34.44 -2.10 5.54
N GLN F 208 -34.82 -1.66 4.34
CA GLN F 208 -36.20 -1.33 4.04
C GLN F 208 -36.66 -2.00 2.74
N SER F 209 -37.87 -2.53 2.74
CA SER F 209 -38.35 -3.33 1.61
C SER F 209 -39.82 -3.09 1.29
N PHE F 210 -40.22 -3.43 0.07
CA PHE F 210 -41.62 -3.50 -0.26
C PHE F 210 -41.84 -4.59 -1.28
N ASN F 211 -43.07 -5.08 -1.37
CA ASN F 211 -43.43 -6.10 -2.32
C ASN F 211 -44.37 -5.52 -3.37
N ARG F 212 -43.95 -5.54 -4.63
CA ARG F 212 -44.79 -5.11 -5.73
C ARG F 212 -46.00 -6.02 -5.85
N GLY F 213 -47.19 -5.46 -5.74
CA GLY F 213 -48.40 -6.25 -5.72
C GLY F 213 -49.22 -5.83 -4.52
N ASP F 214 -48.52 -5.64 -3.40
CA ASP F 214 -49.08 -5.04 -2.21
C ASP F 214 -49.22 -3.52 -2.39
N CYS F 215 -48.76 -3.04 -3.55
CA CYS F 215 -48.77 -1.61 -3.86
C CYS F 215 -49.82 -1.29 -4.91
N PCA G 1 -22.90 13.33 -20.06
CA PCA G 1 -21.60 12.88 -19.63
CB PCA G 1 -21.70 11.78 -18.56
CG PCA G 1 -23.14 11.31 -18.58
CD PCA G 1 -23.80 12.36 -19.44
OE PCA G 1 -25.01 12.42 -19.57
C PCA G 1 -20.84 12.29 -20.78
O PCA G 1 -21.26 12.35 -21.93
N GLU G 2 -19.70 11.71 -20.45
CA GLU G 2 -18.81 11.14 -21.44
C GLU G 2 -19.35 9.80 -21.91
N GLN G 3 -19.61 9.68 -23.22
CA GLN G 3 -20.22 8.48 -23.76
C GLN G 3 -19.76 8.20 -25.20
N LEU G 4 -19.54 6.93 -25.49
CA LEU G 4 -19.16 6.46 -26.82
C LEU G 4 -20.17 5.43 -27.34
N LYS G 5 -20.60 5.58 -28.59
CA LYS G 5 -21.43 4.53 -29.17
C LYS G 5 -20.96 4.13 -30.57
N GLU G 6 -20.57 2.87 -30.73
CA GLU G 6 -20.18 2.36 -32.03
C GLU G 6 -21.39 2.01 -32.88
N SER G 7 -21.20 2.05 -34.20
CA SER G 7 -22.23 1.60 -35.13
C SER G 7 -21.56 1.23 -36.43
N GLY G 8 -22.27 0.46 -37.27
CA GLY G 8 -21.76 0.10 -38.58
C GLY G 8 -21.44 -1.38 -38.72
N GLY G 9 -21.37 -2.08 -37.59
CA GLY G 9 -21.08 -3.50 -37.63
C GLY G 9 -22.20 -4.27 -38.28
N ARG G 10 -21.85 -5.25 -39.10
CA ARG G 10 -22.83 -6.06 -39.81
C ARG G 10 -22.15 -7.19 -40.56
N LEU G 11 -22.96 -7.95 -41.29
CA LEU G 11 -22.45 -9.03 -42.13
C LEU G 11 -21.97 -8.46 -43.48
N VAL G 12 -20.69 -8.66 -43.78
CA VAL G 12 -20.12 -8.28 -45.07
C VAL G 12 -19.36 -9.42 -45.74
N ALA G 13 -19.41 -9.45 -47.07
CA ALA G 13 -18.63 -10.40 -47.85
C ALA G 13 -17.15 -10.04 -47.82
N PRO G 14 -16.27 -11.05 -47.89
CA PRO G 14 -14.83 -10.78 -47.92
C PRO G 14 -14.46 -9.87 -49.09
N GLY G 15 -13.58 -8.90 -48.86
CA GLY G 15 -13.15 -7.98 -49.89
C GLY G 15 -14.01 -6.73 -50.01
N THR G 16 -15.23 -6.77 -49.50
CA THR G 16 -16.11 -5.60 -49.54
C THR G 16 -15.82 -4.65 -48.38
N PRO G 17 -15.30 -3.45 -48.69
CA PRO G 17 -14.92 -2.48 -47.66
C PRO G 17 -16.08 -2.12 -46.72
N LEU G 18 -15.75 -1.86 -45.46
CA LEU G 18 -16.74 -1.61 -44.43
C LEU G 18 -16.27 -0.49 -43.50
N THR G 19 -17.14 0.46 -43.20
CA THR G 19 -16.77 1.55 -42.31
C THR G 19 -17.55 1.53 -41.00
N LEU G 20 -16.83 1.50 -39.89
CA LEU G 20 -17.44 1.55 -38.57
C LEU G 20 -17.39 2.97 -38.01
N THR G 21 -18.38 3.37 -37.25
CA THR G 21 -18.42 4.72 -36.72
C THR G 21 -18.51 4.73 -35.21
N CYS G 22 -17.72 5.59 -34.59
CA CYS G 22 -17.80 5.81 -33.16
C CYS G 22 -18.26 7.24 -32.92
N THR G 23 -19.44 7.40 -32.33
CA THR G 23 -19.98 8.73 -32.10
C THR G 23 -19.74 9.17 -30.66
N VAL G 24 -19.31 10.42 -30.51
CA VAL G 24 -18.88 10.98 -29.23
C VAL G 24 -19.93 11.93 -28.66
N SER G 25 -20.11 11.90 -27.34
CA SER G 25 -20.93 12.91 -26.67
C SER G 25 -20.39 13.21 -25.28
N GLY G 26 -20.59 14.45 -24.83
CA GLY G 26 -20.19 14.86 -23.49
C GLY G 26 -18.79 15.40 -23.42
N PHE G 27 -18.06 15.28 -24.53
CA PHE G 27 -16.71 15.84 -24.63
C PHE G 27 -16.35 16.11 -26.08
N ASP G 28 -15.19 16.72 -26.30
CA ASP G 28 -14.74 17.05 -27.64
C ASP G 28 -13.55 16.18 -28.02
N ILE G 29 -13.64 15.56 -29.19
CA ILE G 29 -12.57 14.72 -29.70
C ILE G 29 -11.23 15.48 -29.77
N SER G 30 -11.31 16.80 -30.00
CA SER G 30 -10.11 17.62 -30.16
C SER G 30 -9.36 17.85 -28.85
N ASP G 31 -9.86 17.30 -27.76
CA ASP G 31 -9.18 17.43 -26.48
C ASP G 31 -8.53 16.11 -26.09
N TYR G 32 -8.70 15.10 -26.92
CA TYR G 32 -8.27 13.75 -26.57
C TYR G 32 -7.64 13.01 -27.73
N ALA G 33 -7.58 11.69 -27.59
CA ALA G 33 -7.20 10.79 -28.67
C ALA G 33 -8.21 9.65 -28.68
N MET G 34 -8.48 9.09 -29.85
CA MET G 34 -9.45 8.03 -29.97
C MET G 34 -8.76 6.80 -30.50
N ILE G 35 -9.09 5.65 -29.93
CA ILE G 35 -8.36 4.41 -30.19
C ILE G 35 -9.34 3.31 -30.61
N TRP G 36 -8.98 2.55 -31.63
CA TRP G 36 -9.75 1.37 -32.00
C TRP G 36 -9.10 0.09 -31.52
N VAL G 37 -9.92 -0.80 -30.97
CA VAL G 37 -9.48 -2.09 -30.44
C VAL G 37 -10.47 -3.13 -30.96
N ARG G 38 -10.03 -4.35 -31.20
CA ARG G 38 -10.99 -5.39 -31.57
C ARG G 38 -10.74 -6.69 -30.83
N GLN G 39 -11.74 -7.56 -30.85
CA GLN G 39 -11.62 -8.89 -30.24
C GLN G 39 -12.35 -9.89 -31.10
N ALA G 40 -11.60 -10.78 -31.75
CA ALA G 40 -12.18 -11.87 -32.51
C ALA G 40 -12.78 -12.87 -31.53
N PRO G 41 -13.81 -13.61 -31.96
CA PRO G 41 -14.49 -14.53 -31.04
C PRO G 41 -13.53 -15.57 -30.46
N GLY G 42 -13.57 -15.73 -29.13
CA GLY G 42 -12.72 -16.69 -28.44
C GLY G 42 -11.25 -16.32 -28.36
N LYS G 43 -10.91 -15.09 -28.73
CA LYS G 43 -9.52 -14.65 -28.67
C LYS G 43 -9.35 -13.36 -27.87
N GLY G 44 -8.15 -12.78 -27.92
CA GLY G 44 -7.79 -11.67 -27.07
C GLY G 44 -7.98 -10.29 -27.65
N LEU G 45 -7.80 -9.27 -26.81
CA LEU G 45 -7.90 -7.88 -27.25
C LEU G 45 -6.76 -7.56 -28.20
N GLU G 46 -7.06 -6.77 -29.23
CA GLU G 46 -6.06 -6.45 -30.23
C GLU G 46 -6.09 -4.96 -30.58
N TRP G 47 -4.98 -4.29 -30.30
CA TRP G 47 -4.81 -2.87 -30.56
C TRP G 47 -4.74 -2.63 -32.07
N ILE G 48 -5.57 -1.73 -32.58
CA ILE G 48 -5.64 -1.52 -34.03
C ILE G 48 -5.03 -0.21 -34.49
N GLY G 49 -5.38 0.90 -33.84
CA GLY G 49 -4.89 2.20 -34.25
C GLY G 49 -5.42 3.35 -33.42
N ILE G 50 -4.84 4.53 -33.64
CA ILE G 50 -5.20 5.70 -32.85
C ILE G 50 -5.31 6.95 -33.73
N ILE G 51 -6.24 7.83 -33.38
CA ILE G 51 -6.26 9.15 -33.99
C ILE G 51 -6.38 10.19 -32.87
N TYR G 52 -5.54 11.22 -32.95
CA TYR G 52 -5.48 12.26 -31.93
C TYR G 52 -6.38 13.45 -32.25
N GLY G 53 -6.85 14.12 -31.20
CA GLY G 53 -7.59 15.35 -31.36
C GLY G 53 -6.80 16.57 -30.91
N VAL G 54 -6.07 16.44 -29.80
CA VAL G 54 -5.29 17.55 -29.24
C VAL G 54 -4.16 17.95 -30.18
N ILE G 55 -3.58 16.94 -30.81
CA ILE G 55 -2.63 17.16 -31.88
C ILE G 55 -3.20 16.49 -33.12
N ASN G 56 -2.54 16.68 -34.25
CA ASN G 56 -3.05 16.13 -35.49
C ASN G 56 -2.16 14.97 -35.89
N ASP G 57 -2.49 13.81 -35.33
CA ASP G 57 -1.62 12.67 -35.44
C ASP G 57 -2.42 11.39 -35.61
N LEU G 58 -1.77 10.36 -36.12
CA LEU G 58 -2.44 9.14 -36.51
C LEU G 58 -1.42 8.02 -36.54
N ALA G 59 -1.84 6.84 -36.11
CA ALA G 59 -0.97 5.68 -36.17
C ALA G 59 -1.78 4.41 -36.31
N TYR G 60 -1.25 3.48 -37.09
CA TYR G 60 -1.83 2.14 -37.19
C TYR G 60 -0.89 1.16 -36.53
N ALA G 61 -1.43 0.07 -36.00
CA ALA G 61 -0.60 -1.02 -35.49
C ALA G 61 0.36 -1.44 -36.60
N LYS G 62 1.61 -1.71 -36.23
CA LYS G 62 2.64 -2.03 -37.21
C LYS G 62 2.26 -3.17 -38.16
N TRP G 63 1.36 -4.05 -37.74
CA TRP G 63 0.96 -5.18 -38.60
C TRP G 63 -0.24 -4.81 -39.47
N ALA G 64 -0.86 -3.67 -39.18
CA ALA G 64 -2.05 -3.21 -39.90
C ALA G 64 -1.75 -3.01 -41.36
N LYS G 65 -0.67 -2.27 -41.63
CA LYS G 65 -0.25 -1.91 -42.97
C LYS G 65 -1.36 -1.11 -43.66
N GLY G 66 -1.95 -1.67 -44.72
CA GLY G 66 -3.04 -0.99 -45.40
C GLY G 66 -4.43 -1.51 -45.11
N ARG G 67 -4.55 -2.37 -44.10
CA ARG G 67 -5.83 -3.00 -43.78
C ARG G 67 -6.87 -2.06 -43.20
N PHE G 68 -6.44 -0.92 -42.68
CA PHE G 68 -7.36 0.02 -42.03
C PHE G 68 -7.14 1.48 -42.40
N THR G 69 -8.24 2.23 -42.44
CA THR G 69 -8.17 3.68 -42.55
C THR G 69 -8.92 4.31 -41.38
N ILE G 70 -8.32 5.33 -40.75
CA ILE G 70 -8.97 6.02 -39.65
C ILE G 70 -9.02 7.53 -39.89
N SER G 71 -10.21 8.09 -39.71
CA SER G 71 -10.44 9.51 -39.91
C SER G 71 -11.45 10.07 -38.93
N ARG G 72 -11.53 11.39 -38.83
CA ARG G 72 -12.47 12.01 -37.91
C ARG G 72 -13.44 12.99 -38.58
N THR G 73 -14.56 13.22 -37.92
CA THR G 73 -15.40 14.37 -38.16
C THR G 73 -15.32 15.23 -36.90
N SER G 74 -16.28 16.13 -36.73
CA SER G 74 -16.26 16.95 -35.53
C SER G 74 -16.78 16.18 -34.32
N THR G 75 -17.59 15.15 -34.56
CA THR G 75 -18.21 14.41 -33.47
C THR G 75 -18.07 12.89 -33.59
N THR G 76 -17.36 12.42 -34.61
CA THR G 76 -17.16 10.98 -34.77
C THR G 76 -15.73 10.68 -35.14
N VAL G 77 -15.35 9.42 -34.96
CA VAL G 77 -14.15 8.89 -35.58
C VAL G 77 -14.57 7.63 -36.29
N ASP G 78 -13.88 7.32 -37.38
CA ASP G 78 -14.28 6.21 -38.22
C ASP G 78 -13.16 5.19 -38.35
N LEU G 79 -13.55 3.96 -38.67
CA LEU G 79 -12.58 2.92 -38.96
C LEU G 79 -13.04 2.21 -40.21
N LYS G 80 -12.26 2.37 -41.27
CA LYS G 80 -12.56 1.69 -42.52
C LYS G 80 -11.70 0.44 -42.62
N ILE G 81 -12.34 -0.71 -42.78
CA ILE G 81 -11.62 -1.94 -43.05
C ILE G 81 -11.58 -2.12 -44.56
N THR G 82 -10.42 -1.82 -45.15
CA THR G 82 -10.31 -1.64 -46.60
C THR G 82 -10.65 -2.89 -47.40
N SER G 83 -10.11 -4.04 -46.98
CA SER G 83 -10.45 -5.30 -47.63
C SER G 83 -10.61 -6.43 -46.61
N PRO G 84 -11.83 -6.61 -46.09
CA PRO G 84 -12.15 -7.56 -45.02
C PRO G 84 -11.96 -9.02 -45.37
N THR G 85 -11.30 -9.77 -44.49
CA THR G 85 -11.24 -11.23 -44.58
C THR G 85 -11.92 -11.84 -43.34
N THR G 86 -12.04 -13.17 -43.30
CA THR G 86 -12.68 -13.84 -42.17
C THR G 86 -11.93 -13.60 -40.86
N GLU G 87 -10.65 -13.29 -40.97
CA GLU G 87 -9.82 -12.92 -39.83
C GLU G 87 -10.25 -11.58 -39.21
N ASP G 88 -11.10 -10.83 -39.92
CA ASP G 88 -11.56 -9.53 -39.46
C ASP G 88 -12.90 -9.62 -38.74
N THR G 89 -13.45 -10.83 -38.69
CA THR G 89 -14.63 -11.09 -37.86
C THR G 89 -14.33 -10.88 -36.38
N ALA G 90 -14.99 -9.90 -35.78
CA ALA G 90 -14.66 -9.48 -34.41
C ALA G 90 -15.63 -8.42 -33.90
N THR G 91 -15.56 -8.16 -32.60
CA THR G 91 -16.25 -7.04 -31.99
C THR G 91 -15.26 -5.89 -31.92
N TYR G 92 -15.64 -4.73 -32.47
CA TYR G 92 -14.75 -3.59 -32.52
C TYR G 92 -15.15 -2.54 -31.49
N PHE G 93 -14.19 -2.12 -30.68
CA PHE G 93 -14.43 -1.14 -29.64
C PHE G 93 -13.67 0.13 -29.96
N CYS G 94 -14.24 1.27 -29.62
CA CYS G 94 -13.48 2.51 -29.63
C CYS G 94 -13.32 2.97 -28.19
N ALA G 95 -12.23 3.67 -27.93
CA ALA G 95 -11.91 4.12 -26.58
C ALA G 95 -11.31 5.52 -26.62
N ARG G 96 -11.56 6.28 -25.56
CA ARG G 96 -10.99 7.62 -25.46
C ARG G 96 -9.76 7.60 -24.54
N GLY G 97 -8.66 8.16 -25.01
CA GLY G 97 -7.47 8.27 -24.20
C GLY G 97 -7.15 9.72 -23.93
N TYR G 98 -6.38 9.97 -22.88
CA TYR G 98 -5.90 11.31 -22.61
C TYR G 98 -4.82 11.62 -23.63
N GLY G 99 -4.74 12.87 -24.08
CA GLY G 99 -3.76 13.21 -25.10
C GLY G 99 -3.05 14.52 -24.88
N SER G 100 -1.85 14.63 -25.45
CA SER G 100 -1.05 15.84 -25.37
C SER G 100 0.07 15.79 -26.39
N MET G 101 0.99 16.73 -26.30
CA MET G 101 2.16 16.74 -27.16
C MET G 101 3.02 15.48 -26.99
N ASP G 102 2.89 14.84 -25.83
CA ASP G 102 3.75 13.72 -25.47
C ASP G 102 3.19 12.38 -25.92
N GLY G 103 1.96 12.39 -26.41
CA GLY G 103 1.31 11.18 -26.86
C GLY G 103 0.04 10.92 -26.05
N TYR G 104 -0.33 9.65 -25.90
CA TYR G 104 -1.57 9.32 -25.20
C TYR G 104 -1.37 8.39 -24.01
N ASP G 105 -2.43 8.25 -23.22
CA ASP G 105 -2.42 7.46 -22.01
C ASP G 105 -3.86 7.30 -21.50
N ARG G 106 -4.07 6.34 -20.60
CA ARG G 106 -5.28 6.30 -19.78
C ARG G 106 -6.59 6.09 -20.56
N LEU G 107 -6.73 4.91 -21.17
CA LEU G 107 -7.96 4.51 -21.85
C LEU G 107 -9.09 4.21 -20.86
N ASN G 108 -9.73 5.24 -20.31
CA ASN G 108 -10.72 5.03 -19.24
C ASN G 108 -12.17 5.19 -19.67
N LEU G 109 -12.42 5.21 -20.97
CA LEU G 109 -13.79 5.29 -21.49
C LEU G 109 -13.94 4.46 -22.77
N TRP G 110 -14.95 3.60 -22.80
CA TRP G 110 -15.13 2.64 -23.88
C TRP G 110 -16.58 2.57 -24.33
N GLY G 111 -16.79 2.35 -25.63
CA GLY G 111 -18.12 2.08 -26.16
C GLY G 111 -18.50 0.62 -25.93
N GLN G 112 -19.74 0.26 -26.30
CA GLN G 112 -20.23 -1.08 -26.05
C GLN G 112 -19.81 -2.05 -27.13
N GLY G 113 -19.24 -1.52 -28.20
CA GLY G 113 -18.75 -2.34 -29.30
C GLY G 113 -19.76 -2.57 -30.41
N THR G 114 -19.25 -2.85 -31.60
CA THR G 114 -20.10 -3.23 -32.71
C THR G 114 -19.52 -4.46 -33.41
N LEU G 115 -20.40 -5.34 -33.89
CA LEU G 115 -19.97 -6.64 -34.40
C LEU G 115 -19.81 -6.71 -35.91
N VAL G 116 -18.60 -7.02 -36.36
CA VAL G 116 -18.34 -7.26 -37.78
C VAL G 116 -18.26 -8.76 -38.07
N THR G 117 -19.12 -9.22 -38.96
CA THR G 117 -19.14 -10.62 -39.38
C THR G 117 -18.76 -10.72 -40.85
N VAL G 118 -17.63 -11.39 -41.13
CA VAL G 118 -17.17 -11.51 -42.51
C VAL G 118 -17.41 -12.92 -43.02
N SER G 119 -18.34 -13.05 -43.97
CA SER G 119 -18.67 -14.37 -44.52
C SER G 119 -19.24 -14.27 -45.94
N SER G 120 -19.17 -15.38 -46.67
CA SER G 120 -19.68 -15.45 -48.04
C SER G 120 -21.16 -15.81 -48.09
N GLY G 121 -21.76 -15.98 -46.91
CA GLY G 121 -23.16 -16.37 -46.83
C GLY G 121 -24.09 -15.18 -46.83
N GLN G 122 -25.38 -15.46 -46.67
CA GLN G 122 -26.40 -14.42 -46.63
C GLN G 122 -27.07 -14.47 -45.26
N PRO G 123 -27.50 -13.31 -44.75
CA PRO G 123 -28.22 -13.28 -43.46
C PRO G 123 -29.38 -14.26 -43.48
N LYS G 124 -29.60 -14.93 -42.36
CA LYS G 124 -30.62 -15.97 -42.31
C LYS G 124 -31.31 -16.01 -40.95
N GLY G 125 -32.64 -15.99 -40.97
CA GLY G 125 -33.40 -16.02 -39.75
C GLY G 125 -33.30 -17.37 -39.07
N PRO G 126 -33.50 -17.41 -37.75
CA PRO G 126 -33.43 -18.62 -36.94
C PRO G 126 -34.69 -19.48 -37.01
N SER G 127 -34.53 -20.77 -36.74
CA SER G 127 -35.67 -21.63 -36.48
C SER G 127 -35.80 -21.77 -34.97
N VAL G 128 -37.04 -21.73 -34.48
CA VAL G 128 -37.26 -21.78 -33.05
C VAL G 128 -38.09 -23.01 -32.66
N PHE G 129 -37.55 -23.82 -31.75
CA PHE G 129 -38.23 -25.04 -31.31
C PHE G 129 -38.41 -25.03 -29.80
N PRO G 130 -39.62 -25.41 -29.35
CA PRO G 130 -39.89 -25.46 -27.90
C PRO G 130 -39.09 -26.56 -27.22
N LEU G 131 -38.70 -26.31 -25.98
CA LEU G 131 -38.05 -27.33 -25.16
C LEU G 131 -38.96 -27.64 -23.98
N ALA G 132 -39.41 -28.89 -23.92
CA ALA G 132 -40.33 -29.33 -22.87
C ALA G 132 -39.97 -30.73 -22.41
N PRO G 133 -40.17 -31.01 -21.11
CA PRO G 133 -39.90 -32.34 -20.55
C PRO G 133 -40.77 -33.42 -21.20
N SER G 140 -44.15 -32.52 -9.63
CA SER G 140 -43.04 -31.61 -9.35
C SER G 140 -43.54 -30.18 -9.16
N SER G 141 -43.04 -29.52 -8.12
CA SER G 141 -43.46 -28.16 -7.78
C SER G 141 -43.07 -27.12 -8.82
N THR G 142 -41.92 -27.32 -9.44
CA THR G 142 -41.44 -26.39 -10.46
C THR G 142 -41.16 -27.12 -11.77
N VAL G 143 -41.03 -26.34 -12.84
CA VAL G 143 -40.75 -26.90 -14.16
C VAL G 143 -39.82 -25.97 -14.93
N THR G 144 -38.97 -26.56 -15.76
CA THR G 144 -38.10 -25.79 -16.62
C THR G 144 -38.49 -25.98 -18.07
N LEU G 145 -38.72 -24.87 -18.76
CA LEU G 145 -39.09 -24.90 -20.16
C LEU G 145 -38.10 -24.06 -20.96
N GLY G 146 -38.05 -24.24 -22.27
CA GLY G 146 -37.08 -23.52 -23.07
C GLY G 146 -37.39 -23.38 -24.54
N CYS G 147 -36.49 -22.73 -25.25
CA CYS G 147 -36.54 -22.61 -26.71
CA CYS G 147 -36.56 -22.71 -26.70
C CYS G 147 -35.16 -22.82 -27.30
N LEU G 148 -35.08 -23.61 -28.37
CA LEU G 148 -33.84 -23.79 -29.12
C LEU G 148 -33.86 -22.85 -30.32
N VAL G 149 -32.84 -22.00 -30.42
CA VAL G 149 -32.78 -21.04 -31.52
C VAL G 149 -31.64 -21.44 -32.45
N LYS G 150 -32.01 -21.94 -33.63
CA LYS G 150 -31.07 -22.68 -34.46
C LYS G 150 -30.96 -22.16 -35.89
N GLY G 151 -29.73 -22.16 -36.40
CA GLY G 151 -29.49 -21.90 -37.81
C GLY G 151 -29.64 -20.46 -38.26
N TYR G 152 -29.11 -19.52 -37.47
CA TYR G 152 -29.21 -18.12 -37.83
C TYR G 152 -27.84 -17.54 -38.15
N LEU G 153 -27.84 -16.43 -38.87
CA LEU G 153 -26.62 -15.71 -39.25
C LEU G 153 -27.00 -14.31 -39.72
N PRO G 154 -26.28 -13.28 -39.26
CA PRO G 154 -25.19 -13.29 -38.28
C PRO G 154 -25.70 -13.21 -36.85
N GLU G 155 -24.79 -13.16 -35.89
CA GLU G 155 -25.16 -12.81 -34.53
C GLU G 155 -25.55 -11.33 -34.50
N PRO G 156 -26.33 -10.91 -33.48
CA PRO G 156 -26.88 -11.73 -32.39
C PRO G 156 -28.36 -12.02 -32.59
N VAL G 157 -28.93 -12.83 -31.72
CA VAL G 157 -30.37 -12.88 -31.53
C VAL G 157 -30.63 -12.41 -30.12
N THR G 158 -31.85 -11.98 -29.84
CA THR G 158 -32.23 -11.69 -28.46
C THR G 158 -33.38 -12.59 -28.07
N VAL G 159 -33.37 -13.05 -26.83
CA VAL G 159 -34.44 -13.89 -26.31
C VAL G 159 -35.00 -13.28 -25.04
N THR G 160 -36.32 -13.19 -24.97
CA THR G 160 -36.97 -12.81 -23.73
C THR G 160 -38.09 -13.80 -23.46
N TRP G 161 -38.66 -13.73 -22.26
CA TRP G 161 -39.75 -14.61 -21.90
C TRP G 161 -40.95 -13.77 -21.47
N ASN G 162 -42.12 -14.12 -21.99
CA ASN G 162 -43.36 -13.37 -21.76
C ASN G 162 -43.18 -11.87 -21.99
N SER G 163 -42.55 -11.53 -23.11
CA SER G 163 -42.36 -10.15 -23.54
C SER G 163 -41.55 -9.34 -22.54
N GLY G 164 -40.65 -10.00 -21.83
CA GLY G 164 -39.76 -9.33 -20.88
C GLY G 164 -40.28 -9.30 -19.46
N THR G 165 -41.48 -9.82 -19.24
CA THR G 165 -42.07 -9.81 -17.90
C THR G 165 -41.55 -10.98 -17.05
N LEU G 166 -41.11 -12.04 -17.72
CA LEU G 166 -40.52 -13.18 -17.02
C LEU G 166 -38.99 -13.16 -17.08
N THR G 167 -38.35 -12.86 -15.97
CA THR G 167 -36.90 -12.72 -15.92
C THR G 167 -36.25 -13.63 -14.87
N ASN G 168 -36.97 -13.91 -13.79
CA ASN G 168 -36.45 -14.82 -12.76
C ASN G 168 -36.31 -16.24 -13.27
N GLY G 169 -35.17 -16.85 -12.99
CA GLY G 169 -34.94 -18.23 -13.36
C GLY G 169 -34.60 -18.42 -14.83
N VAL G 170 -34.33 -17.33 -15.52
CA VAL G 170 -34.01 -17.41 -16.95
C VAL G 170 -32.53 -17.66 -17.18
N ARG G 171 -32.22 -18.69 -17.93
CA ARG G 171 -30.84 -18.98 -18.29
C ARG G 171 -30.69 -19.09 -19.81
N THR G 172 -29.93 -18.17 -20.38
CA THR G 172 -29.60 -18.19 -21.79
C THR G 172 -28.12 -18.55 -21.93
N PHE G 173 -27.81 -19.44 -22.86
CA PHE G 173 -26.46 -19.95 -22.99
C PHE G 173 -25.71 -19.23 -24.11
N PRO G 174 -24.37 -19.21 -24.04
CA PRO G 174 -23.62 -18.61 -25.16
C PRO G 174 -23.90 -19.36 -26.45
N SER G 175 -23.91 -18.66 -27.57
CA SER G 175 -24.19 -19.31 -28.84
C SER G 175 -23.03 -20.20 -29.25
N VAL G 176 -23.31 -21.12 -30.17
CA VAL G 176 -22.27 -21.98 -30.71
C VAL G 176 -22.24 -21.89 -32.24
N ARG G 177 -21.05 -21.70 -32.80
CA ARG G 177 -20.91 -21.63 -34.25
C ARG G 177 -20.84 -23.03 -34.84
N GLN G 178 -21.83 -23.36 -35.66
CA GLN G 178 -21.89 -24.64 -36.34
C GLN G 178 -20.80 -24.71 -37.41
N SER G 179 -20.58 -25.90 -37.97
CA SER G 179 -19.58 -26.06 -39.02
C SER G 179 -20.08 -25.40 -40.29
N SER G 180 -21.40 -25.27 -40.40
CA SER G 180 -22.05 -24.62 -41.52
C SER G 180 -21.79 -23.12 -41.54
N GLY G 181 -21.31 -22.58 -40.43
CA GLY G 181 -21.10 -21.14 -40.31
C GLY G 181 -22.26 -20.48 -39.62
N LEU G 182 -23.36 -21.22 -39.48
CA LEU G 182 -24.56 -20.75 -38.80
C LEU G 182 -24.40 -20.85 -37.28
N TYR G 183 -25.29 -20.18 -36.56
CA TYR G 183 -25.22 -20.17 -35.10
C TYR G 183 -26.45 -20.81 -34.47
N SER G 184 -26.28 -21.26 -33.23
CA SER G 184 -27.39 -21.76 -32.44
C SER G 184 -27.19 -21.45 -30.96
N LEU G 185 -28.29 -21.19 -30.27
CA LEU G 185 -28.25 -21.09 -28.81
C LEU G 185 -29.55 -21.60 -28.22
N SER G 186 -29.57 -21.75 -26.91
CA SER G 186 -30.77 -22.14 -26.21
C SER G 186 -31.04 -21.18 -25.07
N SER G 187 -32.29 -21.14 -24.63
CA SER G 187 -32.65 -20.40 -23.45
C SER G 187 -33.67 -21.20 -22.69
N VAL G 188 -33.51 -21.31 -21.38
CA VAL G 188 -34.49 -22.01 -20.57
C VAL G 188 -34.88 -21.13 -19.40
N VAL G 189 -36.06 -21.40 -18.85
CA VAL G 189 -36.53 -20.67 -17.69
C VAL G 189 -37.18 -21.64 -16.70
N SER G 190 -36.84 -21.49 -15.43
CA SER G 190 -37.44 -22.29 -14.38
C SER G 190 -38.53 -21.50 -13.68
N VAL G 191 -39.73 -22.09 -13.63
CA VAL G 191 -40.87 -21.41 -13.04
C VAL G 191 -41.53 -22.34 -12.03
N THR G 192 -42.22 -21.75 -11.04
CA THR G 192 -43.02 -22.58 -10.16
C THR G 192 -44.20 -23.03 -11.01
N SER G 193 -44.14 -24.30 -11.42
CA SER G 193 -45.08 -24.91 -12.36
C SER G 193 -46.52 -24.45 -12.13
N SER G 194 -47.06 -23.71 -13.09
CA SER G 194 -48.42 -23.21 -12.98
C SER G 194 -49.20 -23.67 -14.21
N SER G 195 -50.47 -23.29 -14.30
CA SER G 195 -51.21 -23.52 -15.54
C SER G 195 -50.97 -22.38 -16.53
N GLN G 196 -50.31 -21.32 -16.08
CA GLN G 196 -50.01 -20.17 -16.92
C GLN G 196 -49.03 -20.56 -18.02
N PRO G 197 -49.23 -20.02 -19.22
CA PRO G 197 -48.36 -20.32 -20.36
C PRO G 197 -47.08 -19.52 -20.31
N VAL G 198 -46.03 -20.10 -20.88
CA VAL G 198 -44.74 -19.46 -20.94
C VAL G 198 -44.33 -19.29 -22.41
N THR G 199 -44.00 -18.07 -22.80
CA THR G 199 -43.70 -17.78 -24.21
C THR G 199 -42.32 -17.19 -24.44
N CYS G 200 -41.59 -17.80 -25.39
CA CYS G 200 -40.28 -17.28 -25.73
CA CYS G 200 -40.26 -17.36 -25.80
C CYS G 200 -40.37 -16.31 -26.91
N ASN G 201 -39.68 -15.18 -26.77
CA ASN G 201 -39.76 -14.14 -27.81
C ASN G 201 -38.39 -13.94 -28.43
N VAL G 202 -38.24 -14.37 -29.68
CA VAL G 202 -36.94 -14.34 -30.33
C VAL G 202 -36.89 -13.24 -31.39
N ALA G 203 -35.80 -12.48 -31.39
CA ALA G 203 -35.62 -11.46 -32.41
C ALA G 203 -34.25 -11.58 -33.07
N HIS G 204 -34.24 -11.49 -34.39
CA HIS G 204 -33.01 -11.48 -35.16
C HIS G 204 -33.02 -10.25 -36.05
N PRO G 205 -32.52 -9.12 -35.53
CA PRO G 205 -32.55 -7.81 -36.19
C PRO G 205 -32.01 -7.82 -37.62
N ALA G 206 -31.02 -8.66 -37.89
CA ALA G 206 -30.37 -8.67 -39.20
C ALA G 206 -31.33 -9.11 -40.30
N THR G 207 -32.35 -9.88 -39.94
CA THR G 207 -33.35 -10.31 -40.91
C THR G 207 -34.74 -9.79 -40.55
N ASN G 208 -34.79 -8.88 -39.57
CA ASN G 208 -36.04 -8.32 -39.07
C ASN G 208 -37.02 -9.36 -38.60
N THR G 209 -36.52 -10.46 -38.05
CA THR G 209 -37.35 -11.57 -37.61
C THR G 209 -37.78 -11.43 -36.16
N LYS G 210 -39.07 -11.67 -35.88
CA LYS G 210 -39.58 -11.77 -34.51
C LYS G 210 -40.51 -12.96 -34.41
N VAL G 211 -40.10 -13.95 -33.62
CA VAL G 211 -40.86 -15.18 -33.45
C VAL G 211 -41.26 -15.40 -32.00
N ASP G 212 -42.52 -15.74 -31.78
CA ASP G 212 -42.99 -16.12 -30.47
C ASP G 212 -43.34 -17.60 -30.49
N LYS G 213 -42.85 -18.32 -29.48
CA LYS G 213 -43.19 -19.72 -29.32
C LYS G 213 -43.61 -19.97 -27.88
N THR G 214 -44.87 -20.38 -27.71
CA THR G 214 -45.39 -20.70 -26.39
C THR G 214 -45.10 -22.15 -26.04
N VAL G 215 -44.55 -22.38 -24.85
CA VAL G 215 -44.17 -23.73 -24.46
C VAL G 215 -45.12 -24.34 -23.44
N ALA G 216 -45.67 -25.50 -23.79
CA ALA G 216 -46.49 -26.30 -22.89
C ALA G 216 -45.62 -27.37 -22.22
N PRO G 217 -46.09 -27.95 -21.09
CA PRO G 217 -45.27 -29.01 -20.49
C PRO G 217 -45.59 -30.38 -21.07
N LEU H 4 2.57 -9.50 -25.99
CA LEU H 4 3.12 -9.51 -24.64
C LEU H 4 2.84 -10.82 -23.92
N THR H 5 3.75 -11.22 -23.04
CA THR H 5 3.64 -12.49 -22.35
C THR H 5 2.99 -12.32 -20.97
N GLN H 6 1.83 -12.94 -20.79
CA GLN H 6 1.13 -12.92 -19.51
C GLN H 6 1.13 -14.31 -18.88
N THR H 7 0.81 -14.37 -17.60
CA THR H 7 0.56 -15.63 -16.89
C THR H 7 -0.39 -16.53 -17.66
N PRO H 8 -0.01 -17.81 -17.88
CA PRO H 8 -0.85 -18.73 -18.65
C PRO H 8 -2.21 -18.96 -18.00
N SER H 9 -3.23 -19.22 -18.83
CA SER H 9 -4.59 -19.44 -18.35
C SER H 9 -4.91 -20.92 -18.19
N PRO H 10 -5.77 -21.26 -17.20
CA PRO H 10 -6.39 -20.30 -16.28
C PRO H 10 -5.61 -20.13 -14.97
N VAL H 11 -5.94 -19.08 -14.24
CA VAL H 11 -5.40 -18.87 -12.89
C VAL H 11 -6.55 -18.89 -11.90
N SER H 12 -6.34 -19.52 -10.75
CA SER H 12 -7.43 -19.75 -9.81
C SER H 12 -7.23 -19.11 -8.45
N ALA H 13 -8.32 -18.60 -7.88
CA ALA H 13 -8.30 -18.01 -6.56
C ALA H 13 -9.62 -18.28 -5.82
N ALA H 14 -9.52 -18.58 -4.52
CA ALA H 14 -10.71 -18.82 -3.72
C ALA H 14 -11.28 -17.48 -3.28
N VAL H 15 -12.59 -17.44 -3.09
CA VAL H 15 -13.27 -16.24 -2.59
C VAL H 15 -12.58 -15.71 -1.33
N GLY H 16 -12.32 -14.41 -1.30
CA GLY H 16 -11.65 -13.78 -0.18
C GLY H 16 -10.14 -13.94 -0.26
N GLY H 17 -9.67 -14.75 -1.20
CA GLY H 17 -8.25 -14.98 -1.36
C GLY H 17 -7.58 -13.89 -2.18
N THR H 18 -6.33 -14.14 -2.52
CA THR H 18 -5.51 -13.17 -3.24
C THR H 18 -4.90 -13.81 -4.47
N VAL H 19 -4.96 -13.10 -5.59
CA VAL H 19 -4.37 -13.58 -6.82
C VAL H 19 -3.45 -12.51 -7.41
N THR H 20 -2.32 -12.95 -7.98
CA THR H 20 -1.40 -12.03 -8.62
C THR H 20 -1.03 -12.57 -10.00
N ILE H 21 -1.28 -11.79 -11.03
CA ILE H 21 -0.91 -12.19 -12.38
C ILE H 21 0.12 -11.23 -12.94
N SER H 22 0.97 -11.70 -13.85
CA SER H 22 2.09 -10.90 -14.28
C SER H 22 2.12 -10.68 -15.79
N CYS H 23 2.85 -9.64 -16.18
CA CYS H 23 2.94 -9.24 -17.58
C CYS H 23 4.38 -8.88 -17.89
N ARG H 24 4.91 -9.46 -18.96
CA ARG H 24 6.29 -9.22 -19.35
C ARG H 24 6.35 -8.73 -20.79
N SER H 25 7.02 -7.62 -21.03
CA SER H 25 7.18 -7.13 -22.40
C SER H 25 8.62 -7.30 -22.85
N ARG H 26 8.78 -7.72 -24.10
CA ARG H 26 10.10 -7.86 -24.72
C ARG H 26 10.84 -6.53 -24.73
N GLN H 27 10.13 -5.46 -25.02
CA GLN H 27 10.73 -4.13 -25.04
C GLN H 27 10.31 -3.37 -23.78
N ARG H 28 11.19 -2.49 -23.29
CA ARG H 28 10.84 -1.58 -22.22
C ARG H 28 9.70 -0.64 -22.62
N VAL H 29 8.74 -0.43 -21.72
CA VAL H 29 7.61 0.45 -21.99
C VAL H 29 8.00 1.91 -21.81
N TYR H 30 7.16 2.80 -22.37
CA TYR H 30 7.43 4.23 -22.44
C TYR H 30 7.61 4.87 -21.07
N LEU H 31 8.75 5.53 -20.89
CA LEU H 31 9.15 6.14 -19.62
C LEU H 31 9.18 5.12 -18.49
N GLY H 32 9.37 3.85 -18.85
CA GLY H 32 9.45 2.78 -17.88
C GLY H 32 8.17 2.33 -17.21
N ASP H 33 7.07 3.06 -17.38
CA ASP H 33 5.87 2.74 -16.62
C ASP H 33 4.56 2.81 -17.42
N TRP H 34 4.64 3.00 -18.73
CA TRP H 34 3.41 3.00 -19.51
C TRP H 34 2.88 1.58 -19.65
N LEU H 35 2.08 1.15 -18.68
CA LEU H 35 1.44 -0.15 -18.75
C LEU H 35 0.08 -0.09 -18.06
N SER H 36 -0.94 -0.52 -18.79
CA SER H 36 -2.30 -0.48 -18.27
C SER H 36 -2.89 -1.88 -18.11
N TRP H 37 -3.80 -2.01 -17.15
CA TRP H 37 -4.51 -3.26 -16.90
C TRP H 37 -5.99 -3.11 -17.20
N PHE H 38 -6.56 -4.11 -17.87
CA PHE H 38 -7.98 -4.10 -18.20
C PHE H 38 -8.73 -5.38 -17.78
N GLN H 39 -9.93 -5.21 -17.25
CA GLN H 39 -10.85 -6.33 -17.02
C GLN H 39 -11.76 -6.54 -18.23
N LYS H 40 -11.94 -7.79 -18.64
CA LYS H 40 -12.79 -8.08 -19.79
C LYS H 40 -13.71 -9.28 -19.55
N LYS H 41 -15.02 -9.03 -19.60
CA LYS H 41 -16.02 -10.08 -19.46
C LYS H 41 -16.80 -10.17 -20.77
N PRO H 42 -17.26 -11.37 -21.12
CA PRO H 42 -17.99 -11.56 -22.40
C PRO H 42 -19.20 -10.64 -22.52
N GLY H 43 -19.38 -10.03 -23.68
CA GLY H 43 -20.50 -9.16 -23.96
C GLY H 43 -20.40 -7.81 -23.28
N GLN H 44 -19.22 -7.50 -22.74
CA GLN H 44 -19.00 -6.22 -22.07
C GLN H 44 -17.66 -5.62 -22.52
N PRO H 45 -17.59 -4.28 -22.56
CA PRO H 45 -16.34 -3.64 -23.00
C PRO H 45 -15.23 -3.79 -21.98
N PRO H 46 -13.96 -3.61 -22.40
CA PRO H 46 -12.81 -3.55 -21.50
C PRO H 46 -13.02 -2.50 -20.41
N LYS H 47 -12.53 -2.76 -19.21
CA LYS H 47 -12.58 -1.78 -18.14
C LYS H 47 -11.19 -1.48 -17.58
N LEU H 48 -10.78 -0.22 -17.66
CA LEU H 48 -9.48 0.18 -17.16
C LEU H 48 -9.42 0.02 -15.64
N LEU H 49 -8.45 -0.76 -15.16
CA LEU H 49 -8.24 -0.98 -13.74
C LEU H 49 -7.05 -0.18 -13.23
N ILE H 50 -5.91 -0.39 -13.88
CA ILE H 50 -4.66 0.27 -13.53
C ILE H 50 -4.08 0.93 -14.78
N TYR H 51 -3.62 2.18 -14.66
CA TYR H 51 -2.81 2.76 -15.73
C TYR H 51 -1.47 3.26 -15.18
N ASP H 52 -0.49 3.37 -16.06
CA ASP H 52 0.88 3.74 -15.67
C ASP H 52 1.38 2.83 -14.55
N ALA H 53 1.19 1.52 -14.76
CA ALA H 53 1.76 0.47 -13.90
C ALA H 53 1.12 0.36 -12.51
N SER H 54 0.85 1.49 -11.86
CA SER H 54 0.45 1.45 -10.46
C SER H 54 -0.71 2.37 -10.09
N PHE H 55 -1.15 3.20 -11.02
CA PHE H 55 -2.18 4.18 -10.71
C PHE H 55 -3.57 3.62 -10.99
N ARG H 56 -4.46 3.77 -10.02
CA ARG H 56 -5.78 3.17 -10.09
C ARG H 56 -6.79 4.10 -10.79
N GLY H 57 -7.58 3.53 -11.68
CA GLY H 57 -8.59 4.30 -12.39
C GLY H 57 -9.71 4.74 -11.47
N ASP H 58 -10.44 5.78 -11.87
CA ASP H 58 -11.56 6.31 -11.09
C ASP H 58 -12.63 5.27 -10.84
N GLY H 59 -13.04 5.13 -9.59
CA GLY H 59 -14.12 4.22 -9.25
C GLY H 59 -13.71 2.76 -9.23
N VAL H 60 -12.42 2.49 -9.27
CA VAL H 60 -11.91 1.12 -9.22
C VAL H 60 -11.66 0.71 -7.77
N SER H 61 -12.12 -0.48 -7.41
CA SER H 61 -11.93 -1.02 -6.06
C SER H 61 -10.47 -1.01 -5.64
N SER H 62 -10.24 -0.67 -4.37
CA SER H 62 -8.90 -0.68 -3.79
C SER H 62 -8.34 -2.11 -3.67
N ARG H 63 -9.19 -3.09 -3.94
CA ARG H 63 -8.74 -4.49 -3.98
C ARG H 63 -7.77 -4.70 -5.12
N PHE H 64 -7.79 -3.79 -6.09
CA PHE H 64 -6.91 -3.86 -7.23
C PHE H 64 -5.70 -2.95 -7.05
N SER H 65 -4.52 -3.49 -7.34
CA SER H 65 -3.31 -2.70 -7.29
C SER H 65 -2.32 -3.26 -8.30
N GLY H 66 -1.41 -2.41 -8.75
CA GLY H 66 -0.41 -2.83 -9.70
C GLY H 66 0.95 -2.29 -9.34
N SER H 67 1.98 -2.91 -9.89
CA SER H 67 3.35 -2.47 -9.65
C SER H 67 4.26 -3.00 -10.74
N GLY H 68 5.52 -2.56 -10.72
CA GLY H 68 6.49 -2.99 -11.69
C GLY H 68 7.08 -1.85 -12.48
N SER H 69 8.12 -2.15 -13.26
CA SER H 69 8.79 -1.16 -14.10
C SER H 69 9.48 -1.84 -15.27
N GLY H 70 9.85 -1.05 -16.28
CA GLY H 70 10.63 -1.55 -17.38
C GLY H 70 9.90 -2.60 -18.19
N THR H 71 10.13 -3.86 -17.85
CA THR H 71 9.59 -4.99 -18.60
C THR H 71 8.83 -5.95 -17.71
N HIS H 72 8.77 -5.64 -16.41
CA HIS H 72 8.16 -6.56 -15.44
C HIS H 72 7.03 -5.87 -14.69
N PHE H 73 5.83 -6.45 -14.77
CA PHE H 73 4.65 -5.84 -14.14
C PHE H 73 3.71 -6.88 -13.53
N THR H 74 3.01 -6.49 -12.48
CA THR H 74 2.01 -7.37 -11.89
C THR H 74 0.68 -6.65 -11.63
N LEU H 75 -0.40 -7.44 -11.66
CA LEU H 75 -1.69 -7.03 -11.15
C LEU H 75 -2.06 -7.93 -9.99
N THR H 76 -2.44 -7.35 -8.86
CA THR H 76 -2.82 -8.14 -7.70
C THR H 76 -4.25 -7.86 -7.28
N ILE H 77 -5.06 -8.91 -7.19
CA ILE H 77 -6.43 -8.78 -6.71
C ILE H 77 -6.52 -9.48 -5.36
N SER H 78 -6.86 -8.71 -4.33
CA SER H 78 -7.00 -9.27 -2.99
C SER H 78 -8.46 -9.24 -2.59
N GLY H 79 -8.82 -10.12 -1.66
CA GLY H 79 -10.21 -10.24 -1.24
C GLY H 79 -11.08 -10.61 -2.43
N VAL H 80 -10.57 -11.52 -3.26
CA VAL H 80 -11.21 -11.92 -4.51
C VAL H 80 -12.69 -12.25 -4.35
N GLN H 81 -13.50 -11.71 -5.24
CA GLN H 81 -14.94 -11.96 -5.27
C GLN H 81 -15.32 -12.69 -6.54
N CYS H 82 -16.54 -13.22 -6.56
CA CYS H 82 -17.07 -13.89 -7.76
C CYS H 82 -17.20 -12.88 -8.92
N ASP H 83 -17.42 -11.62 -8.56
CA ASP H 83 -17.47 -10.54 -9.54
C ASP H 83 -16.14 -10.32 -10.25
N ASP H 84 -15.07 -10.94 -9.75
CA ASP H 84 -13.74 -10.79 -10.35
C ASP H 84 -13.47 -11.86 -11.39
N ALA H 85 -14.35 -12.85 -11.49
CA ALA H 85 -14.23 -13.88 -12.52
C ALA H 85 -14.28 -13.25 -13.91
N ALA H 86 -13.14 -13.25 -14.60
CA ALA H 86 -12.96 -12.49 -15.81
C ALA H 86 -11.60 -12.78 -16.42
N THR H 87 -11.36 -12.19 -17.58
CA THR H 87 -10.04 -12.24 -18.20
C THR H 87 -9.37 -10.88 -18.06
N TYR H 88 -8.10 -10.89 -17.66
CA TYR H 88 -7.37 -9.63 -17.44
C TYR H 88 -6.27 -9.44 -18.47
N TYR H 89 -6.25 -8.27 -19.07
CA TYR H 89 -5.32 -7.93 -20.13
C TYR H 89 -4.42 -6.78 -19.70
N CYS H 90 -3.13 -6.90 -20.02
CA CYS H 90 -2.23 -5.77 -19.87
C CYS H 90 -2.02 -5.13 -21.24
N LEU H 91 -1.82 -3.81 -21.25
CA LEU H 91 -1.51 -3.09 -22.51
C LEU H 91 -0.16 -2.38 -22.36
N GLY H 92 0.77 -2.69 -23.25
CA GLY H 92 2.07 -2.03 -23.27
C GLY H 92 2.04 -0.82 -24.19
N GLY H 93 2.39 0.33 -23.63
CA GLY H 93 2.51 1.55 -24.43
C GLY H 93 3.97 1.88 -24.65
N TYR H 94 4.31 2.30 -25.85
CA TYR H 94 5.69 2.59 -26.21
C TYR H 94 5.81 3.94 -26.90
N TYR H 95 7.06 4.32 -27.20
CA TYR H 95 7.35 5.59 -27.84
C TYR H 95 6.52 5.75 -29.12
N ASP H 96 6.59 4.73 -29.96
CA ASP H 96 5.73 4.65 -31.14
C ASP H 96 4.43 3.93 -30.81
N ASP H 97 3.32 4.62 -31.02
CA ASP H 97 1.99 4.06 -30.82
C ASP H 97 1.79 2.76 -31.60
N ALA H 98 2.37 2.72 -32.80
CA ALA H 98 2.27 1.56 -33.68
C ALA H 98 2.77 0.25 -33.05
N ASP H 99 3.52 0.36 -31.95
CA ASP H 99 4.05 -0.82 -31.27
C ASP H 99 3.16 -1.31 -30.12
N ASP H 100 2.21 -0.47 -29.73
CA ASP H 100 1.36 -0.77 -28.58
C ASP H 100 0.66 -2.12 -28.73
N THR H 101 0.74 -2.95 -27.70
CA THR H 101 0.27 -4.33 -27.78
C THR H 101 -0.38 -4.85 -26.50
N PHE H 102 -1.45 -5.62 -26.65
CA PHE H 102 -2.09 -6.31 -25.53
C PHE H 102 -1.38 -7.64 -25.25
N GLY H 103 -1.34 -8.03 -23.98
CA GLY H 103 -0.93 -9.38 -23.63
C GLY H 103 -2.00 -10.39 -24.01
N GLY H 104 -1.67 -11.68 -23.89
CA GLY H 104 -2.57 -12.74 -24.28
C GLY H 104 -3.80 -12.89 -23.41
N GLY H 105 -3.78 -12.28 -22.23
CA GLY H 105 -4.91 -12.34 -21.33
C GLY H 105 -4.83 -13.50 -20.35
N THR H 106 -5.23 -13.25 -19.11
CA THR H 106 -5.22 -14.27 -18.07
C THR H 106 -6.63 -14.46 -17.49
N GLU H 107 -7.23 -15.60 -17.78
CA GLU H 107 -8.56 -15.94 -17.26
C GLU H 107 -8.49 -16.29 -15.78
N VAL H 108 -9.24 -15.56 -14.96
CA VAL H 108 -9.30 -15.86 -13.53
C VAL H 108 -10.59 -16.61 -13.18
N VAL H 109 -10.40 -17.82 -12.63
CA VAL H 109 -11.51 -18.64 -12.15
C VAL H 109 -11.62 -18.52 -10.63
N VAL H 110 -12.77 -18.08 -10.15
CA VAL H 110 -12.96 -17.86 -8.72
C VAL H 110 -13.64 -19.07 -8.07
N LYS H 111 -12.98 -19.62 -7.06
CA LYS H 111 -13.48 -20.81 -6.37
C LYS H 111 -14.46 -20.43 -5.27
N GLY H 112 -15.75 -20.59 -5.54
CA GLY H 112 -16.77 -20.36 -4.53
C GLY H 112 -17.25 -21.65 -3.90
N ASP H 113 -18.45 -21.63 -3.33
CA ASP H 113 -19.04 -22.81 -2.72
C ASP H 113 -19.40 -23.83 -3.79
N PRO H 114 -18.96 -25.09 -3.60
CA PRO H 114 -19.32 -26.14 -4.55
C PRO H 114 -20.82 -26.42 -4.52
N VAL H 115 -21.41 -26.54 -5.70
CA VAL H 115 -22.83 -26.84 -5.84
C VAL H 115 -22.99 -27.96 -6.85
N ALA H 116 -23.80 -28.96 -6.53
CA ALA H 116 -24.08 -30.03 -7.48
C ALA H 116 -25.06 -29.51 -8.54
N PRO H 117 -24.91 -30.00 -9.78
CA PRO H 117 -25.73 -29.46 -10.87
C PRO H 117 -27.17 -29.95 -10.89
N THR H 118 -28.06 -29.09 -11.36
CA THR H 118 -29.42 -29.47 -11.71
C THR H 118 -29.45 -29.88 -13.18
N VAL H 119 -29.79 -31.15 -13.45
CA VAL H 119 -29.72 -31.66 -14.81
C VAL H 119 -31.10 -31.91 -15.41
N LEU H 120 -31.32 -31.36 -16.60
CA LEU H 120 -32.58 -31.51 -17.31
C LEU H 120 -32.33 -31.91 -18.76
N ILE H 121 -33.18 -32.77 -19.31
CA ILE H 121 -33.05 -33.16 -20.71
C ILE H 121 -34.36 -32.90 -21.44
N PHE H 122 -34.24 -32.44 -22.69
CA PHE H 122 -35.40 -32.12 -23.49
C PHE H 122 -35.40 -32.90 -24.80
N PRO H 123 -36.40 -33.76 -24.99
CA PRO H 123 -36.56 -34.43 -26.28
C PRO H 123 -36.88 -33.39 -27.34
N PRO H 124 -36.54 -33.67 -28.61
CA PRO H 124 -36.86 -32.74 -29.70
C PRO H 124 -38.37 -32.61 -29.91
N ALA H 125 -38.83 -31.39 -30.15
CA ALA H 125 -40.24 -31.16 -30.45
C ALA H 125 -40.62 -31.91 -31.72
N ALA H 126 -41.90 -32.11 -31.94
CA ALA H 126 -42.38 -32.90 -33.08
C ALA H 126 -41.89 -32.38 -34.44
N ASP H 127 -42.04 -31.08 -34.65
CA ASP H 127 -41.70 -30.45 -35.93
C ASP H 127 -40.20 -30.44 -36.25
N GLN H 128 -39.35 -30.69 -35.27
CA GLN H 128 -37.91 -30.66 -35.50
C GLN H 128 -37.45 -31.88 -36.31
N VAL H 129 -38.06 -33.04 -36.07
CA VAL H 129 -37.73 -34.25 -36.81
C VAL H 129 -38.06 -34.09 -38.29
N ALA H 130 -39.14 -33.36 -38.57
CA ALA H 130 -39.58 -33.10 -39.94
C ALA H 130 -38.52 -32.38 -40.79
N THR H 131 -37.61 -31.68 -40.12
CA THR H 131 -36.61 -30.88 -40.82
C THR H 131 -35.42 -31.70 -41.31
N GLY H 132 -35.36 -32.96 -40.92
CA GLY H 132 -34.26 -33.84 -41.31
C GLY H 132 -33.12 -33.90 -40.32
N THR H 133 -33.11 -32.97 -39.36
CA THR H 133 -32.10 -32.95 -38.31
C THR H 133 -32.76 -32.79 -36.94
N VAL H 134 -32.28 -33.52 -35.94
CA VAL H 134 -32.79 -33.33 -34.59
C VAL H 134 -31.68 -32.90 -33.64
N THR H 135 -32.06 -32.07 -32.67
CA THR H 135 -31.13 -31.65 -31.63
C THR H 135 -31.72 -31.98 -30.27
N ILE H 136 -31.05 -32.83 -29.51
CA ILE H 136 -31.47 -33.10 -28.15
C ILE H 136 -30.71 -32.18 -27.21
N VAL H 137 -31.44 -31.55 -26.30
CA VAL H 137 -30.82 -30.59 -25.40
C VAL H 137 -30.75 -31.15 -23.98
N CYS H 138 -29.53 -31.14 -23.44
CA CYS H 138 -29.31 -31.42 -22.05
C CYS H 138 -28.75 -30.17 -21.38
N VAL H 139 -29.23 -29.88 -20.18
CA VAL H 139 -28.82 -28.68 -19.47
C VAL H 139 -28.37 -28.99 -18.04
N ALA H 140 -27.21 -28.44 -17.66
CA ALA H 140 -26.71 -28.53 -16.31
C ALA H 140 -26.70 -27.13 -15.69
N ASN H 141 -27.61 -26.88 -14.76
CA ASN H 141 -27.80 -25.55 -14.23
C ASN H 141 -27.17 -25.34 -12.85
N LYS H 142 -26.60 -24.16 -12.64
CA LYS H 142 -26.13 -23.70 -11.34
C LYS H 142 -25.17 -24.69 -10.66
N TYR H 143 -23.95 -24.82 -11.17
CA TYR H 143 -22.98 -25.75 -10.60
C TYR H 143 -21.56 -25.20 -10.47
N PHE H 144 -20.81 -25.83 -9.58
CA PHE H 144 -19.37 -25.60 -9.40
C PHE H 144 -18.83 -26.71 -8.50
N PRO H 145 -17.66 -27.28 -8.82
CA PRO H 145 -16.79 -26.92 -9.96
C PRO H 145 -17.22 -27.57 -11.27
N ASP H 146 -16.32 -27.55 -12.25
CA ASP H 146 -16.61 -28.00 -13.59
C ASP H 146 -17.15 -29.41 -13.65
N VAL H 147 -17.85 -29.72 -14.73
CA VAL H 147 -18.41 -31.05 -14.94
C VAL H 147 -18.01 -31.58 -16.29
N THR H 148 -18.18 -32.88 -16.48
CA THR H 148 -18.02 -33.48 -17.79
C THR H 148 -19.36 -34.05 -18.19
N VAL H 149 -19.66 -34.03 -19.48
CA VAL H 149 -20.94 -34.52 -19.96
C VAL H 149 -20.74 -35.77 -20.78
N THR H 150 -21.61 -36.75 -20.56
CA THR H 150 -21.59 -37.96 -21.36
C THR H 150 -22.98 -38.15 -21.95
N TRP H 151 -23.02 -38.41 -23.25
CA TRP H 151 -24.28 -38.72 -23.90
C TRP H 151 -24.31 -40.22 -24.17
N GLU H 152 -25.48 -40.82 -23.97
CA GLU H 152 -25.66 -42.24 -24.20
C GLU H 152 -26.90 -42.53 -25.01
N VAL H 153 -26.75 -43.42 -25.97
CA VAL H 153 -27.87 -43.84 -26.81
C VAL H 153 -27.97 -45.35 -26.74
N ASP H 154 -29.07 -45.82 -26.17
CA ASP H 154 -29.28 -47.24 -25.88
C ASP H 154 -28.06 -47.85 -25.17
N GLY H 155 -27.58 -47.16 -24.13
CA GLY H 155 -26.47 -47.66 -23.34
C GLY H 155 -25.11 -47.30 -23.92
N THR H 156 -25.08 -47.06 -25.23
CA THR H 156 -23.83 -46.78 -25.95
C THR H 156 -23.44 -45.30 -25.92
N THR H 157 -22.22 -45.05 -25.45
CA THR H 157 -21.65 -43.70 -25.41
C THR H 157 -21.53 -43.03 -26.79
N GLN H 158 -21.97 -41.78 -26.87
CA GLN H 158 -21.82 -40.97 -28.09
C GLN H 158 -20.47 -40.29 -28.16
N THR H 159 -19.92 -40.23 -29.37
CA THR H 159 -18.58 -39.70 -29.58
C THR H 159 -18.58 -38.46 -30.48
N THR H 160 -19.66 -38.29 -31.24
CA THR H 160 -19.76 -37.16 -32.17
C THR H 160 -21.13 -36.48 -32.10
N GLY H 161 -21.23 -35.31 -32.72
CA GLY H 161 -22.48 -34.57 -32.78
C GLY H 161 -22.77 -33.77 -31.53
N ILE H 162 -21.75 -33.56 -30.71
CA ILE H 162 -21.93 -32.93 -29.42
C ILE H 162 -21.30 -31.54 -29.35
N GLU H 163 -22.05 -30.59 -28.80
CA GLU H 163 -21.59 -29.22 -28.62
C GLU H 163 -21.89 -28.77 -27.21
N ASN H 164 -20.90 -28.18 -26.57
CA ASN H 164 -21.05 -27.73 -25.19
C ASN H 164 -20.91 -26.22 -25.12
N SER H 165 -21.74 -25.58 -24.32
CA SER H 165 -21.64 -24.14 -24.17
C SER H 165 -21.84 -23.75 -22.72
N LYS H 166 -20.76 -23.26 -22.12
CA LYS H 166 -20.77 -22.92 -20.71
C LYS H 166 -20.79 -21.42 -20.53
N THR H 167 -21.70 -20.94 -19.70
CA THR H 167 -21.76 -19.52 -19.37
C THR H 167 -20.53 -19.09 -18.61
N PRO H 168 -20.28 -17.78 -18.55
CA PRO H 168 -19.23 -17.34 -17.63
C PRO H 168 -19.65 -17.60 -16.18
N GLN H 169 -18.74 -17.46 -15.23
CA GLN H 169 -19.10 -17.65 -13.83
C GLN H 169 -20.13 -16.63 -13.39
N ASN H 170 -21.08 -17.07 -12.58
CA ASN H 170 -22.07 -16.16 -12.03
C ASN H 170 -21.38 -15.17 -11.09
N SER H 171 -21.66 -13.88 -11.29
CA SER H 171 -20.98 -12.82 -10.55
C SER H 171 -21.38 -12.76 -9.07
N ALA H 172 -22.35 -13.58 -8.67
CA ALA H 172 -22.79 -13.59 -7.28
C ALA H 172 -22.31 -14.83 -6.52
N ASP H 173 -22.32 -15.99 -7.17
CA ASP H 173 -21.97 -17.23 -6.48
C ASP H 173 -21.00 -18.16 -7.23
N CYS H 174 -20.38 -17.65 -8.29
CA CYS H 174 -19.31 -18.34 -9.02
C CYS H 174 -19.74 -19.59 -9.78
N THR H 175 -21.04 -19.89 -9.83
CA THR H 175 -21.51 -21.10 -10.51
C THR H 175 -21.64 -20.92 -12.04
N TYR H 176 -21.54 -22.04 -12.75
CA TYR H 176 -21.76 -22.10 -14.18
C TYR H 176 -23.15 -22.62 -14.54
N ASN H 177 -23.57 -22.33 -15.77
CA ASN H 177 -24.67 -23.06 -16.39
C ASN H 177 -24.11 -23.65 -17.67
N LEU H 178 -24.54 -24.85 -18.01
CA LEU H 178 -24.02 -25.51 -19.19
C LEU H 178 -25.14 -26.12 -20.00
N SER H 179 -25.05 -25.94 -21.31
CA SER H 179 -25.94 -26.63 -22.22
C SER H 179 -25.10 -27.55 -23.08
N SER H 180 -25.59 -28.76 -23.29
CA SER H 180 -24.92 -29.70 -24.15
C SER H 180 -25.95 -30.22 -25.13
N THR H 181 -25.64 -30.12 -26.42
CA THR H 181 -26.60 -30.55 -27.43
C THR H 181 -26.08 -31.76 -28.18
N LEU H 182 -26.96 -32.70 -28.44
CA LEU H 182 -26.61 -33.81 -29.30
C LEU H 182 -27.39 -33.63 -30.60
N THR H 183 -26.66 -33.50 -31.70
CA THR H 183 -27.30 -33.27 -32.98
C THR H 183 -27.15 -34.48 -33.88
N LEU H 184 -28.28 -35.02 -34.32
CA LEU H 184 -28.27 -36.16 -35.23
C LEU H 184 -29.29 -35.95 -36.34
N THR H 185 -29.13 -36.73 -37.41
CA THR H 185 -30.11 -36.80 -38.46
C THR H 185 -31.32 -37.61 -37.96
N SER H 186 -32.48 -37.37 -38.56
CA SER H 186 -33.70 -38.06 -38.16
C SER H 186 -33.51 -39.57 -38.27
N THR H 187 -32.67 -39.98 -39.22
CA THR H 187 -32.37 -41.40 -39.43
C THR H 187 -31.62 -41.94 -38.22
N GLN H 188 -30.60 -41.20 -37.80
CA GLN H 188 -29.85 -41.52 -36.59
C GLN H 188 -30.73 -41.52 -35.34
N TYR H 189 -31.56 -40.48 -35.22
CA TYR H 189 -32.40 -40.30 -34.04
C TYR H 189 -33.42 -41.44 -33.83
N ASN H 190 -34.04 -41.86 -34.92
CA ASN H 190 -35.06 -42.90 -34.84
C ASN H 190 -34.46 -44.29 -34.64
N SER H 191 -33.13 -44.39 -34.80
CA SER H 191 -32.44 -45.66 -34.70
C SER H 191 -32.14 -46.07 -33.27
N HIS H 192 -32.48 -45.21 -32.33
CA HIS H 192 -32.21 -45.50 -30.93
C HIS H 192 -33.47 -45.33 -30.12
N LYS H 193 -33.48 -45.90 -28.92
CA LYS H 193 -34.68 -45.87 -28.08
C LYS H 193 -34.50 -44.97 -26.88
N GLU H 194 -33.40 -45.17 -26.16
CA GLU H 194 -33.23 -44.49 -24.89
C GLU H 194 -32.16 -43.42 -25.04
N TYR H 195 -32.46 -42.20 -24.61
CA TYR H 195 -31.50 -41.12 -24.72
C TYR H 195 -31.14 -40.58 -23.36
N THR H 196 -29.85 -40.61 -23.09
CA THR H 196 -29.33 -40.33 -21.77
C THR H 196 -28.22 -39.29 -21.79
N CYS H 197 -28.40 -38.25 -20.98
CA CYS H 197 -27.33 -37.28 -20.76
CA CYS H 197 -27.31 -37.31 -20.77
C CYS H 197 -26.82 -37.45 -19.34
N LYS H 198 -25.51 -37.65 -19.20
CA LYS H 198 -24.90 -37.92 -17.90
C LYS H 198 -23.90 -36.85 -17.52
N VAL H 199 -24.18 -36.15 -16.43
CA VAL H 199 -23.32 -35.07 -15.98
C VAL H 199 -22.53 -35.48 -14.75
N THR H 200 -21.22 -35.50 -14.88
CA THR H 200 -20.34 -36.01 -13.83
C THR H 200 -19.51 -34.91 -13.17
N GLN H 201 -19.50 -34.93 -11.84
CA GLN H 201 -18.73 -33.97 -11.06
C GLN H 201 -17.91 -34.75 -10.05
N GLY H 202 -16.66 -35.06 -10.43
CA GLY H 202 -15.80 -35.92 -9.62
C GLY H 202 -16.22 -37.37 -9.76
N THR H 203 -16.71 -37.95 -8.68
CA THR H 203 -17.21 -39.32 -8.72
C THR H 203 -18.73 -39.35 -8.69
N THR H 204 -19.34 -38.17 -8.67
CA THR H 204 -20.79 -38.05 -8.60
C THR H 204 -21.37 -37.80 -9.99
N SER H 205 -22.43 -38.51 -10.34
CA SER H 205 -23.10 -38.29 -11.61
C SER H 205 -24.60 -38.05 -11.42
N VAL H 206 -25.12 -37.11 -12.18
CA VAL H 206 -26.55 -36.89 -12.25
C VAL H 206 -27.04 -37.25 -13.65
N VAL H 207 -27.97 -38.18 -13.72
CA VAL H 207 -28.39 -38.74 -15.00
C VAL H 207 -29.85 -38.48 -15.30
N GLN H 208 -30.13 -38.06 -16.53
CA GLN H 208 -31.49 -37.79 -16.96
C GLN H 208 -31.74 -38.50 -18.30
N SER H 209 -32.90 -39.13 -18.43
CA SER H 209 -33.19 -39.97 -19.60
C SER H 209 -34.64 -39.81 -20.04
N PHE H 210 -34.93 -40.19 -21.27
CA PHE H 210 -36.32 -40.25 -21.71
C PHE H 210 -36.60 -41.38 -22.71
N ASN H 211 -37.88 -41.74 -22.77
CA ASN H 211 -38.39 -42.77 -23.68
C ASN H 211 -38.24 -42.36 -25.14
N ARG H 212 -39.36 -42.39 -25.88
CA ARG H 212 -39.49 -41.90 -27.27
C ARG H 212 -40.74 -42.50 -27.89
N GLY I 1 -9.85 -29.52 27.52
CA GLY I 1 -9.30 -29.16 26.22
C GLY I 1 -8.72 -30.35 25.48
CG 5CT I 2 -8.07 -30.04 21.15
CD 5CT I 2 -6.92 -30.42 20.22
CE 5CT I 2 -6.59 -29.30 19.22
NZ 5CT I 2 -5.16 -29.34 18.86
C1 5CT I 2 -4.93 -28.63 17.60
C2 5CT I 2 -3.66 -27.79 17.67
C3 5CT I 2 -3.25 -27.36 16.25
C4 5CT I 2 -1.75 -27.43 16.02
N1 5CT I 2 -1.40 -28.77 15.51
O1 5CT I 2 -2.60 -28.52 18.27
CB 5CT I 2 -8.66 -31.25 21.88
CA 5CT I 2 -8.18 -31.39 23.32
C 5CT I 2 -6.66 -31.56 23.36
O 5CT I 2 -6.16 -32.62 23.02
N 5CT I 2 -8.63 -30.25 24.15
N GLY I 3 -5.95 -30.50 23.77
CA GLY I 3 -4.50 -30.55 23.83
C GLY I 3 -3.84 -30.86 22.49
N SER I 4 -3.04 -31.92 22.46
CA SER I 4 -2.34 -32.29 21.23
C SER I 4 -3.22 -33.08 20.25
N GLY I 5 -4.44 -33.39 20.68
CA GLY I 5 -5.38 -34.13 19.84
C GLY I 5 -5.05 -35.62 19.76
N GLY J 1 -14.29 6.06 47.74
CA GLY J 1 -13.14 6.63 47.03
C GLY J 1 -12.34 5.65 46.18
CG 5CT J 2 -11.55 6.30 41.84
CD 5CT J 2 -10.67 5.77 40.72
CE 5CT J 2 -10.44 6.85 39.68
NZ 5CT J 2 -9.00 7.02 39.50
C1 5CT J 2 -8.75 7.83 38.29
C2 5CT J 2 -7.38 8.47 38.35
C3 5CT J 2 -6.99 8.97 36.96
C4 5CT J 2 -5.48 8.91 36.76
N1 5CT J 2 -5.12 7.66 36.07
O1 5CT J 2 -6.40 7.52 38.79
CB 5CT J 2 -12.27 5.13 42.51
CA 5CT J 2 -11.77 4.87 43.92
C 5CT J 2 -10.25 4.75 43.96
O 5CT J 2 -9.72 3.70 43.62
N 5CT J 2 -12.33 5.87 44.87
N GLY J 3 -9.55 5.80 44.37
CA GLY J 3 -8.10 5.77 44.44
C GLY J 3 -7.46 5.50 43.09
N SER J 4 -6.68 4.42 43.02
CA SER J 4 -5.96 4.05 41.82
C SER J 4 -6.83 3.30 40.82
N GLY J 5 -8.07 3.01 41.20
CA GLY J 5 -8.98 2.28 40.33
C GLY J 5 -8.67 0.80 40.26
N GLY K 1 2.48 54.14 -8.45
CA GLY K 1 1.97 52.88 -7.94
C GLY K 1 2.01 51.78 -9.00
CG 5CT K 2 2.47 47.61 -7.74
CD 5CT K 2 1.94 46.24 -8.15
CE 5CT K 2 1.18 45.59 -6.99
NZ 5CT K 2 0.42 44.41 -7.45
C1 5CT K 2 0.17 43.52 -6.31
C2 5CT K 2 -1.29 43.51 -5.89
C3 5CT K 2 -1.51 42.35 -4.93
C4 5CT K 2 -2.83 41.64 -5.22
N1 5CT K 2 -2.64 40.60 -6.25
O1 5CT K 2 -2.12 43.32 -7.02
CB 5CT K 2 3.19 48.31 -8.89
CA 5CT K 2 2.34 49.41 -9.52
C 5CT K 2 1.03 48.87 -10.05
O 5CT K 2 1.02 48.14 -11.03
N 5CT K 2 2.18 50.54 -8.57
N GLY K 3 -0.09 49.22 -9.39
CA GLY K 3 -1.40 48.78 -9.85
C GLY K 3 -1.56 47.27 -9.89
N SER K 4 -1.89 46.75 -11.07
CA SER K 4 -2.09 45.32 -11.23
C SER K 4 -0.77 44.58 -11.38
N GLY K 5 0.33 45.35 -11.42
CA GLY K 5 1.66 44.77 -11.58
C GLY K 5 1.94 44.34 -13.00
N GLY L 1 6.97 18.32 -28.93
CA GLY L 1 6.48 17.06 -28.40
C GLY L 1 6.44 15.96 -29.44
CG 5CT L 2 7.16 11.81 -28.18
CD 5CT L 2 6.59 10.44 -28.56
CE 5CT L 2 6.15 9.67 -27.32
NZ 5CT L 2 4.83 9.05 -27.52
C1 5CT L 2 4.50 8.26 -26.32
C2 5CT L 2 3.04 7.81 -26.30
C3 5CT L 2 2.89 6.70 -25.26
C4 5CT L 2 1.66 5.86 -25.55
N1 5CT L 2 1.99 4.79 -26.52
O1 5CT L 2 2.68 7.29 -27.57
CB 5CT L 2 7.80 12.52 -29.37
CA 5CT L 2 6.91 13.61 -29.99
C 5CT L 2 5.61 12.99 -30.46
O 5CT L 2 5.62 12.21 -31.40
N 5CT L 2 6.74 14.73 -29.03
N GLY L 3 4.50 13.29 -29.80
CA GLY L 3 3.20 12.79 -30.23
C GLY L 3 3.09 11.28 -30.29
N SER L 4 2.76 10.75 -31.47
CA SER L 4 2.56 9.32 -31.67
C SER L 4 3.87 8.54 -31.86
N GLY L 5 4.99 9.25 -31.90
CA GLY L 5 6.28 8.61 -32.06
C GLY L 5 6.57 8.18 -33.48
#